data_7Y3V
#
_entry.id   7Y3V
#
_cell.length_a   84.655
_cell.length_b   157.237
_cell.length_c   161.897
_cell.angle_alpha   90.000
_cell.angle_beta   90.000
_cell.angle_gamma   90.000
#
_symmetry.space_group_name_H-M   'P 21 21 21'
#
loop_
_entity.id
_entity.type
_entity.pdbx_description
1 polymer 'Cyclic dipeptide N-prenyltransferase'
2 non-polymer 'PHOSPHATE ION'
3 non-polymer 1-methyl-9H-pyrido[3,4-b]indole
4 water water
#
_entity_poly.entity_id   1
_entity_poly.type   'polypeptide(L)'
_entity_poly.pdbx_seq_one_letter_code
;MIAYHTLTKALLFPDIDQYQHWHHVAPMLAKMLVDGKYSIHQQYEYLCLFAQLVAPVLGPYPSPGRDVYRCTLGGNMTVE
LSQNFQRSGSTTRIAFEPVRYQASVGHDRFNRTSVNAFFSQLQLLVKSVNIELHHLLSEHLTLTAKDERNLNEEQLTKYL
TNFQVKTQYVVALDLRKTGIVAKEYFFPGIKCAATGQTGSNACFGAIRAVDKDGHLDSLCQLIEAHFQQSKIDDAFLCCD
LVDPAHTRFKVYIADPLVTLARAEEHWTLGGRLTDEDAAVGLEIIRGLWSELGIIQGPLEPSAMMEKGLLPIMLNYEMKA
GQRLPKPKLYMPLTGIPETKIARIMTAFFQRHDMPEQAEVFMENLQAYYEGKNLEEATRYQAWLSFAYTKEKGPYLSIYY
FWPE
;
_entity_poly.pdbx_strand_id   A,B,C,D
#
loop_
_chem_comp.id
_chem_comp.type
_chem_comp.name
_chem_comp.formula
CN9 non-polymer 1-methyl-9H-pyrido[3,4-b]indole 'C12 H10 N2'
PO4 non-polymer 'PHOSPHATE ION' 'O4 P -3'
#
# COMPACT_ATOMS: atom_id res chain seq x y z
N MET A 1 -23.98 17.22 4.64
CA MET A 1 -22.68 17.69 4.19
C MET A 1 -21.66 17.65 5.32
N ILE A 2 -22.14 17.65 6.56
CA ILE A 2 -21.24 17.62 7.71
C ILE A 2 -20.41 16.35 7.71
N ALA A 3 -21.00 15.23 7.32
CA ALA A 3 -20.28 13.97 7.29
C ALA A 3 -19.17 13.98 6.23
N TYR A 4 -19.36 14.75 5.16
CA TYR A 4 -18.31 14.87 4.15
C TYR A 4 -17.17 15.74 4.66
N HIS A 5 -17.49 16.90 5.24
CA HIS A 5 -16.47 17.76 5.81
C HIS A 5 -15.74 17.07 6.96
N THR A 6 -16.43 16.17 7.68
CA THR A 6 -15.80 15.49 8.81
C THR A 6 -14.80 14.45 8.34
N LEU A 7 -15.23 13.54 7.46
CA LEU A 7 -14.32 12.51 6.96
C LEU A 7 -13.17 13.10 6.17
N THR A 8 -13.39 14.26 5.54
CA THR A 8 -12.30 14.95 4.85
C THR A 8 -11.19 15.31 5.83
N LYS A 9 -11.52 15.58 7.08
CA LYS A 9 -10.53 15.89 8.11
C LYS A 9 -9.81 14.65 8.63
N ALA A 10 -10.19 13.46 8.19
CA ALA A 10 -9.65 12.24 8.78
C ALA A 10 -9.27 11.15 7.79
N LEU A 11 -9.53 11.33 6.49
CA LEU A 11 -9.22 10.32 5.49
C LEU A 11 -7.93 10.68 4.76
N LEU A 12 -7.04 9.71 4.61
CA LEU A 12 -5.75 9.90 3.94
C LEU A 12 -5.81 9.17 2.61
N PHE A 13 -5.78 9.91 1.51
CA PHE A 13 -5.94 9.32 0.19
C PHE A 13 -4.59 9.07 -0.45
N PRO A 14 -4.32 7.86 -0.93
CA PRO A 14 -2.95 7.51 -1.36
C PRO A 14 -2.47 8.29 -2.57
N ASP A 15 -3.33 8.67 -3.50
CA ASP A 15 -2.88 9.39 -4.68
C ASP A 15 -3.83 10.53 -5.00
N ILE A 16 -3.39 11.40 -5.92
CA ILE A 16 -4.14 12.60 -6.26
C ILE A 16 -5.45 12.28 -6.98
N ASP A 17 -5.57 11.11 -7.59
CA ASP A 17 -6.78 10.79 -8.33
C ASP A 17 -7.91 10.35 -7.41
N GLN A 18 -7.60 9.53 -6.40
CA GLN A 18 -8.60 9.23 -5.37
C GLN A 18 -9.02 10.49 -4.64
N TYR A 19 -8.06 11.39 -4.39
CA TYR A 19 -8.34 12.65 -3.72
C TYR A 19 -9.32 13.50 -4.52
N GLN A 20 -9.08 13.63 -5.83
CA GLN A 20 -9.95 14.45 -6.67
C GLN A 20 -11.32 13.81 -6.85
N HIS A 21 -11.36 12.48 -6.96
CA HIS A 21 -12.64 11.79 -7.06
C HIS A 21 -13.46 11.94 -5.78
N TRP A 22 -12.80 12.02 -4.62
CA TRP A 22 -13.52 12.16 -3.37
C TRP A 22 -14.18 13.52 -3.25
N HIS A 23 -13.43 14.59 -3.51
CA HIS A 23 -14.00 15.93 -3.42
C HIS A 23 -14.96 16.24 -4.56
N HIS A 24 -15.07 15.36 -5.55
CA HIS A 24 -16.00 15.52 -6.66
C HIS A 24 -17.31 14.78 -6.42
N VAL A 25 -17.25 13.58 -5.86
CA VAL A 25 -18.42 12.72 -5.72
C VAL A 25 -18.99 12.76 -4.32
N ALA A 26 -18.14 12.83 -3.30
CA ALA A 26 -18.63 12.76 -1.92
C ALA A 26 -19.54 13.90 -1.51
N PRO A 27 -19.31 15.16 -1.91
CA PRO A 27 -20.28 16.22 -1.52
C PRO A 27 -21.70 15.94 -2.00
N MET A 28 -21.88 15.60 -3.29
CA MET A 28 -23.22 15.30 -3.77
C MET A 28 -23.76 14.02 -3.13
N LEU A 29 -22.91 13.00 -2.96
CA LEU A 29 -23.34 11.78 -2.29
C LEU A 29 -23.77 12.05 -0.86
N ALA A 30 -23.13 13.00 -0.19
CA ALA A 30 -23.53 13.35 1.18
C ALA A 30 -24.91 13.98 1.20
N LYS A 31 -25.19 14.90 0.27
CA LYS A 31 -26.49 15.55 0.23
C LYS A 31 -27.60 14.56 -0.11
N MET A 32 -27.32 13.55 -0.93
CA MET A 32 -28.34 12.57 -1.27
C MET A 32 -28.61 11.61 -0.13
N LEU A 33 -27.59 11.31 0.68
CA LEU A 33 -27.83 10.49 1.87
C LEU A 33 -28.65 11.25 2.90
N VAL A 34 -28.46 12.56 3.00
CA VAL A 34 -29.29 13.37 3.89
C VAL A 34 -30.73 13.42 3.38
N ASP A 35 -30.90 13.77 2.09
CA ASP A 35 -32.23 13.87 1.51
C ASP A 35 -32.99 12.55 1.58
N GLY A 36 -32.27 11.43 1.51
CA GLY A 36 -32.88 10.12 1.62
C GLY A 36 -33.21 9.68 3.02
N LYS A 37 -33.01 10.55 4.02
CA LYS A 37 -33.31 10.25 5.41
C LYS A 37 -32.48 9.09 5.94
N TYR A 38 -31.21 9.06 5.56
CA TYR A 38 -30.28 8.09 6.13
C TYR A 38 -29.85 8.56 7.51
N SER A 39 -29.82 7.61 8.45
CA SER A 39 -29.25 7.92 9.76
C SER A 39 -27.81 8.40 9.61
N ILE A 40 -27.39 9.26 10.53
CA ILE A 40 -26.06 9.85 10.45
C ILE A 40 -24.98 8.77 10.43
N HIS A 41 -25.27 7.61 11.02
CA HIS A 41 -24.31 6.52 11.03
C HIS A 41 -24.12 5.94 9.63
N GLN A 42 -25.23 5.61 8.95
CA GLN A 42 -25.13 5.10 7.59
C GLN A 42 -24.67 6.17 6.60
N GLN A 43 -24.75 7.45 6.98
CA GLN A 43 -24.14 8.48 6.17
C GLN A 43 -22.61 8.38 6.21
N TYR A 44 -22.06 8.17 7.41
CA TYR A 44 -20.61 7.96 7.53
C TYR A 44 -20.20 6.61 6.99
N GLU A 45 -21.04 5.59 7.16
CA GLU A 45 -20.70 4.25 6.69
C GLU A 45 -20.54 4.20 5.17
N TYR A 46 -21.44 4.87 4.45
CA TYR A 46 -21.45 4.80 3.00
C TYR A 46 -20.51 5.81 2.35
N LEU A 47 -20.24 6.94 3.00
CA LEU A 47 -19.24 7.86 2.48
C LEU A 47 -17.84 7.27 2.62
N CYS A 48 -17.57 6.63 3.76
CA CYS A 48 -16.27 6.02 3.99
C CYS A 48 -16.10 4.76 3.14
N LEU A 49 -17.18 3.99 2.97
CA LEU A 49 -17.13 2.84 2.06
C LEU A 49 -16.91 3.28 0.62
N PHE A 50 -17.39 4.47 0.26
CA PHE A 50 -17.12 4.97 -1.08
C PHE A 50 -15.65 5.30 -1.25
N ALA A 51 -15.03 5.91 -0.24
CA ALA A 51 -13.61 6.27 -0.36
C ALA A 51 -12.72 5.04 -0.28
N GLN A 52 -13.08 4.08 0.57
CA GLN A 52 -12.24 2.91 0.77
C GLN A 52 -12.35 1.93 -0.40
N LEU A 53 -13.55 1.74 -0.94
CA LEU A 53 -13.83 0.67 -1.88
C LEU A 53 -14.01 1.14 -3.32
N VAL A 54 -14.65 2.28 -3.54
CA VAL A 54 -15.04 2.71 -4.88
C VAL A 54 -14.01 3.64 -5.50
N ALA A 55 -13.54 4.63 -4.74
CA ALA A 55 -12.57 5.57 -5.27
C ALA A 55 -11.30 4.92 -5.84
N PRO A 56 -10.77 3.82 -5.29
CA PRO A 56 -9.60 3.20 -5.94
C PRO A 56 -9.86 2.68 -7.35
N VAL A 57 -11.10 2.28 -7.66
CA VAL A 57 -11.40 1.65 -8.94
C VAL A 57 -12.00 2.64 -9.94
N LEU A 58 -11.84 3.95 -9.70
CA LEU A 58 -12.37 4.97 -10.61
C LEU A 58 -11.34 5.45 -11.63
N GLY A 59 -10.10 4.98 -11.56
CA GLY A 59 -9.09 5.33 -12.53
C GLY A 59 -8.59 6.74 -12.34
N PRO A 60 -7.73 7.20 -13.26
CA PRO A 60 -7.24 8.58 -13.19
C PRO A 60 -8.37 9.58 -13.32
N TYR A 61 -8.26 10.68 -12.60
CA TYR A 61 -9.28 11.71 -12.65
C TYR A 61 -9.34 12.33 -14.04
N PRO A 62 -10.50 12.35 -14.69
CA PRO A 62 -10.59 12.78 -16.10
C PRO A 62 -10.65 14.29 -16.25
N SER A 63 -9.55 14.95 -15.91
CA SER A 63 -9.46 16.39 -16.07
C SER A 63 -9.54 16.77 -17.55
N PRO A 64 -9.94 18.00 -17.86
CA PRO A 64 -10.10 18.41 -19.26
C PRO A 64 -8.80 18.23 -20.05
N GLY A 65 -8.92 17.49 -21.15
CA GLY A 65 -7.79 17.26 -22.03
C GLY A 65 -6.91 16.07 -21.67
N ARG A 66 -7.28 15.30 -20.65
CA ARG A 66 -6.46 14.18 -20.22
C ARG A 66 -6.75 12.95 -21.08
N ASP A 67 -5.69 12.32 -21.57
CA ASP A 67 -5.82 11.14 -22.44
C ASP A 67 -5.86 9.89 -21.57
N VAL A 68 -7.06 9.56 -21.09
CA VAL A 68 -7.28 8.41 -20.25
C VAL A 68 -8.42 7.58 -20.82
N TYR A 69 -8.51 6.33 -20.37
CA TYR A 69 -9.68 5.51 -20.61
C TYR A 69 -10.92 6.22 -20.06
N ARG A 70 -11.91 6.44 -20.92
CA ARG A 70 -13.06 7.26 -20.57
C ARG A 70 -14.33 6.43 -20.49
N CYS A 71 -15.29 6.95 -19.72
CA CYS A 71 -16.62 6.37 -19.60
C CYS A 71 -17.65 7.49 -19.67
N THR A 72 -18.92 7.10 -19.77
CA THR A 72 -20.00 8.06 -19.95
C THR A 72 -21.01 8.03 -18.80
N LEU A 73 -20.63 7.50 -17.65
CA LEU A 73 -21.53 7.51 -16.50
C LEU A 73 -21.61 8.93 -15.93
N GLY A 74 -22.83 9.40 -15.73
CA GLY A 74 -23.02 10.82 -15.47
C GLY A 74 -22.67 11.68 -16.66
N GLY A 75 -22.65 11.10 -17.85
CA GLY A 75 -22.30 11.80 -19.08
C GLY A 75 -20.82 11.79 -19.41
N ASN A 76 -19.96 12.00 -18.41
CA ASN A 76 -18.54 12.20 -18.66
C ASN A 76 -17.61 11.53 -17.67
N MET A 77 -18.13 10.75 -16.71
CA MET A 77 -17.31 10.20 -15.64
C MET A 77 -17.42 8.67 -15.61
N THR A 78 -16.61 8.07 -14.74
CA THR A 78 -16.70 6.65 -14.47
C THR A 78 -17.70 6.35 -13.36
N VAL A 79 -18.37 7.35 -12.82
CA VAL A 79 -19.26 7.19 -11.67
C VAL A 79 -20.52 8.00 -11.90
N GLU A 80 -21.67 7.41 -11.57
CA GLU A 80 -22.96 8.05 -11.76
C GLU A 80 -23.82 7.82 -10.52
N LEU A 81 -24.52 8.86 -10.09
CA LEU A 81 -25.34 8.82 -8.89
C LEU A 81 -26.81 8.97 -9.26
N SER A 82 -27.65 8.16 -8.63
CA SER A 82 -29.10 8.21 -8.85
C SER A 82 -29.81 8.03 -7.51
N GLN A 83 -31.03 8.54 -7.45
CA GLN A 83 -31.86 8.44 -6.25
C GLN A 83 -33.17 7.73 -6.60
N ASN A 84 -33.59 6.81 -5.75
CA ASN A 84 -34.81 6.05 -5.96
C ASN A 84 -35.87 6.50 -4.98
N PHE A 85 -37.08 6.70 -5.48
CA PHE A 85 -38.21 7.17 -4.67
C PHE A 85 -39.33 6.14 -4.70
N GLN A 86 -39.76 5.70 -3.53
CA GLN A 86 -40.94 4.87 -3.40
C GLN A 86 -41.53 5.10 -2.01
N ARG A 87 -42.68 4.47 -1.75
CA ARG A 87 -43.38 4.70 -0.50
C ARG A 87 -42.59 4.20 0.71
N SER A 88 -41.85 3.10 0.54
CA SER A 88 -41.06 2.57 1.65
C SER A 88 -39.83 3.42 1.97
N GLY A 89 -39.46 4.35 1.10
CA GLY A 89 -38.37 5.26 1.39
C GLY A 89 -37.49 5.60 0.22
N SER A 90 -36.59 6.57 0.40
CA SER A 90 -35.63 6.98 -0.62
C SER A 90 -34.31 6.27 -0.37
N THR A 91 -33.72 5.73 -1.44
CA THR A 91 -32.41 5.08 -1.37
C THR A 91 -31.51 5.65 -2.44
N THR A 92 -30.26 5.89 -2.08
CA THR A 92 -29.24 6.35 -3.01
C THR A 92 -28.55 5.14 -3.66
N ARG A 93 -28.06 5.34 -4.87
CA ARG A 93 -27.32 4.29 -5.57
C ARG A 93 -26.11 4.90 -6.27
N ILE A 94 -24.98 4.22 -6.16
CA ILE A 94 -23.75 4.60 -6.86
C ILE A 94 -23.50 3.56 -7.94
N ALA A 95 -23.19 4.03 -9.14
CA ALA A 95 -22.90 3.17 -10.28
C ALA A 95 -21.59 3.59 -10.92
N PHE A 96 -20.76 2.61 -11.26
CA PHE A 96 -19.41 2.92 -11.74
C PHE A 96 -18.91 1.77 -12.60
N GLU A 97 -17.96 2.10 -13.47
CA GLU A 97 -17.20 1.10 -14.20
C GLU A 97 -15.85 0.92 -13.51
N PRO A 98 -15.58 -0.24 -12.92
CA PRO A 98 -14.26 -0.47 -12.31
C PRO A 98 -13.15 -0.35 -13.35
N VAL A 99 -12.15 0.48 -13.06
CA VAL A 99 -11.08 0.74 -14.00
C VAL A 99 -9.83 1.13 -13.22
N ARG A 100 -8.68 0.64 -13.68
CA ARG A 100 -7.38 1.04 -13.16
C ARG A 100 -6.60 1.73 -14.27
N TYR A 101 -5.55 2.46 -13.87
CA TYR A 101 -4.81 3.30 -14.81
C TYR A 101 -4.17 2.51 -15.94
N GLN A 102 -4.01 1.19 -15.78
CA GLN A 102 -3.39 0.39 -16.83
C GLN A 102 -4.19 0.44 -18.13
N ALA A 103 -5.52 0.56 -18.02
CA ALA A 103 -6.35 0.70 -19.21
C ALA A 103 -6.03 1.96 -20.00
N SER A 104 -5.48 2.98 -19.36
CA SER A 104 -5.15 4.22 -20.04
C SER A 104 -3.75 4.22 -20.64
N VAL A 105 -2.94 3.20 -20.39
CA VAL A 105 -1.55 3.20 -20.82
C VAL A 105 -1.22 1.93 -21.60
N GLY A 106 -2.22 1.14 -21.94
CA GLY A 106 -2.06 0.03 -22.85
C GLY A 106 -1.77 -1.32 -22.25
N HIS A 107 -2.12 -1.53 -20.97
CA HIS A 107 -1.89 -2.80 -20.32
C HIS A 107 -3.18 -3.55 -20.01
N ASP A 108 -4.32 -3.03 -20.45
CA ASP A 108 -5.62 -3.71 -20.36
C ASP A 108 -6.56 -3.04 -21.35
N ARG A 109 -6.43 -3.42 -22.63
CA ARG A 109 -7.08 -2.66 -23.70
C ARG A 109 -8.59 -2.64 -23.55
N PHE A 110 -9.18 -3.76 -23.13
CA PHE A 110 -10.63 -3.86 -22.98
C PHE A 110 -11.07 -3.90 -21.52
N ASN A 111 -10.18 -3.53 -20.60
CA ASN A 111 -10.50 -3.33 -19.18
C ASN A 111 -11.26 -4.53 -18.60
N ARG A 112 -10.59 -5.67 -18.57
CA ARG A 112 -11.21 -6.89 -18.08
C ARG A 112 -10.78 -7.26 -16.65
N THR A 113 -9.70 -6.66 -16.14
CA THR A 113 -9.14 -7.10 -14.86
C THR A 113 -9.69 -6.32 -13.67
N SER A 114 -10.00 -5.04 -13.85
CA SER A 114 -10.34 -4.20 -12.70
C SER A 114 -11.67 -4.58 -12.07
N VAL A 115 -12.60 -5.16 -12.83
CA VAL A 115 -13.84 -5.63 -12.22
C VAL A 115 -13.55 -6.81 -11.32
N ASN A 116 -12.54 -7.62 -11.63
CA ASN A 116 -12.16 -8.74 -10.79
C ASN A 116 -11.43 -8.25 -9.54
N ALA A 117 -10.59 -7.22 -9.68
CA ALA A 117 -9.96 -6.61 -8.52
C ALA A 117 -10.99 -6.03 -7.57
N PHE A 118 -11.96 -5.27 -8.12
CA PHE A 118 -12.95 -4.62 -7.28
C PHE A 118 -13.82 -5.63 -6.54
N PHE A 119 -14.22 -6.71 -7.23
CA PHE A 119 -15.03 -7.73 -6.58
C PHE A 119 -14.27 -8.41 -5.44
N SER A 120 -12.96 -8.58 -5.60
CA SER A 120 -12.16 -9.18 -4.54
C SER A 120 -12.09 -8.30 -3.30
N GLN A 121 -12.27 -6.99 -3.46
CA GLN A 121 -12.34 -6.10 -2.31
C GLN A 121 -13.77 -6.00 -1.77
N LEU A 122 -14.74 -5.82 -2.66
CA LEU A 122 -16.13 -5.64 -2.26
C LEU A 122 -16.63 -6.82 -1.44
N GLN A 123 -16.23 -8.05 -1.81
CA GLN A 123 -16.68 -9.23 -1.10
C GLN A 123 -16.08 -9.34 0.30
N LEU A 124 -15.08 -8.53 0.64
CA LEU A 124 -14.53 -8.52 1.98
C LEU A 124 -15.27 -7.57 2.92
N LEU A 125 -16.01 -6.61 2.38
CA LEU A 125 -16.82 -5.70 3.18
C LEU A 125 -18.30 -6.01 3.16
N VAL A 126 -18.78 -6.71 2.14
CA VAL A 126 -20.20 -7.06 2.00
C VAL A 126 -20.26 -8.56 1.74
N LYS A 127 -20.46 -9.34 2.81
CA LYS A 127 -20.39 -10.79 2.71
C LYS A 127 -21.52 -11.38 1.88
N SER A 128 -22.64 -10.67 1.71
CA SER A 128 -23.75 -11.20 0.95
C SER A 128 -23.54 -11.13 -0.55
N VAL A 129 -22.56 -10.35 -1.01
CA VAL A 129 -22.31 -10.22 -2.45
C VAL A 129 -21.84 -11.56 -3.00
N ASN A 130 -22.43 -11.98 -4.12
CA ASN A 130 -22.12 -13.24 -4.76
C ASN A 130 -21.81 -12.97 -6.23
N ILE A 131 -20.65 -13.40 -6.69
CA ILE A 131 -20.18 -13.08 -8.03
C ILE A 131 -20.19 -14.32 -8.93
N GLU A 132 -20.94 -15.36 -8.56
CA GLU A 132 -21.03 -16.55 -9.41
C GLU A 132 -21.56 -16.19 -10.80
N LEU A 133 -22.56 -15.31 -10.86
CA LEU A 133 -23.12 -14.89 -12.14
C LEU A 133 -22.13 -14.06 -12.95
N HIS A 134 -21.16 -13.41 -12.30
CA HIS A 134 -20.12 -12.71 -13.06
C HIS A 134 -19.21 -13.69 -13.77
N HIS A 135 -18.93 -14.83 -13.15
CA HIS A 135 -18.10 -15.85 -13.79
C HIS A 135 -18.87 -16.59 -14.88
N LEU A 136 -20.18 -16.79 -14.69
CA LEU A 136 -20.97 -17.51 -15.66
C LEU A 136 -21.32 -16.67 -16.88
N LEU A 137 -21.51 -15.36 -16.71
CA LEU A 137 -22.05 -14.51 -17.76
C LEU A 137 -20.98 -13.76 -18.54
N SER A 138 -19.79 -13.58 -17.97
CA SER A 138 -18.75 -12.79 -18.65
C SER A 138 -18.40 -13.39 -20.00
N GLU A 139 -18.39 -14.73 -20.09
CA GLU A 139 -18.07 -15.39 -21.34
C GLU A 139 -19.10 -15.08 -22.42
N HIS A 140 -20.38 -15.00 -22.04
CA HIS A 140 -21.45 -14.83 -23.01
C HIS A 140 -21.64 -13.39 -23.46
N LEU A 141 -21.22 -12.41 -22.65
CA LEU A 141 -21.60 -11.02 -22.89
C LEU A 141 -20.41 -10.08 -23.01
N THR A 142 -19.18 -10.59 -23.01
CA THR A 142 -18.00 -9.74 -23.14
C THR A 142 -17.05 -10.35 -24.15
N LEU A 143 -16.11 -9.53 -24.60
CA LEU A 143 -15.14 -9.93 -25.62
C LEU A 143 -14.10 -10.87 -25.01
N THR A 144 -14.21 -12.16 -25.34
CA THR A 144 -13.21 -13.13 -24.91
C THR A 144 -11.94 -12.97 -25.75
N ALA A 145 -10.92 -13.75 -25.41
CA ALA A 145 -9.67 -13.69 -26.17
C ALA A 145 -9.86 -14.21 -27.58
N LYS A 146 -10.64 -15.28 -27.74
CA LYS A 146 -10.94 -15.80 -29.07
C LYS A 146 -11.64 -14.75 -29.92
N ASP A 147 -12.67 -14.10 -29.36
CA ASP A 147 -13.37 -13.04 -30.09
C ASP A 147 -12.41 -11.92 -30.48
N GLU A 148 -11.42 -11.64 -29.61
CA GLU A 148 -10.46 -10.59 -29.92
C GLU A 148 -9.59 -10.93 -31.12
N ARG A 149 -9.38 -12.22 -31.37
CA ARG A 149 -8.58 -12.63 -32.52
C ARG A 149 -9.33 -12.40 -33.82
N ASN A 150 -10.62 -12.71 -33.85
CA ASN A 150 -11.43 -12.52 -35.04
C ASN A 150 -11.94 -11.10 -35.20
N LEU A 151 -11.44 -10.14 -34.42
CA LEU A 151 -11.97 -8.79 -34.41
C LEU A 151 -11.07 -7.85 -35.22
N ASN A 152 -11.70 -7.05 -36.06
CA ASN A 152 -11.01 -6.08 -36.90
C ASN A 152 -11.05 -4.71 -36.24
N GLU A 153 -10.20 -3.80 -36.73
CA GLU A 153 -10.29 -2.42 -36.28
C GLU A 153 -11.44 -1.68 -36.94
N GLU A 154 -12.25 -2.34 -37.76
CA GLU A 154 -13.39 -1.71 -38.42
C GLU A 154 -14.70 -2.35 -37.98
N TYR A 159 -18.43 0.51 -33.79
CA TYR A 159 -19.08 0.62 -32.49
C TYR A 159 -18.67 1.89 -31.77
N LEU A 160 -17.36 2.19 -31.80
CA LEU A 160 -16.85 3.30 -31.00
C LEU A 160 -17.25 4.66 -31.57
N THR A 161 -17.41 4.77 -32.88
CA THR A 161 -17.83 6.06 -33.43
C THR A 161 -19.31 6.36 -33.17
N ASN A 162 -20.07 5.38 -32.68
CA ASN A 162 -21.45 5.62 -32.25
C ASN A 162 -21.67 5.43 -30.76
N PHE A 163 -20.86 4.61 -30.09
CA PHE A 163 -21.00 4.36 -28.66
C PHE A 163 -19.85 4.93 -27.83
N GLN A 164 -18.78 5.39 -28.47
CA GLN A 164 -17.74 6.24 -27.87
C GLN A 164 -16.75 5.48 -26.99
N VAL A 165 -17.23 4.61 -26.11
CA VAL A 165 -16.37 4.04 -25.07
C VAL A 165 -16.27 2.52 -25.24
N LYS A 166 -15.24 1.96 -24.61
CA LYS A 166 -14.98 0.52 -24.63
C LYS A 166 -15.60 -0.22 -23.45
N THR A 167 -16.48 0.43 -22.70
CA THR A 167 -17.03 -0.14 -21.48
C THR A 167 -17.72 -1.48 -21.77
N GLN A 168 -17.47 -2.45 -20.89
CA GLN A 168 -18.15 -3.74 -20.93
C GLN A 168 -18.76 -4.17 -19.61
N TYR A 169 -18.31 -3.61 -18.48
CA TYR A 169 -18.90 -3.88 -17.18
C TYR A 169 -19.24 -2.57 -16.50
N VAL A 170 -20.32 -2.60 -15.73
CA VAL A 170 -20.69 -1.51 -14.83
C VAL A 170 -21.26 -2.14 -13.56
N VAL A 171 -20.82 -1.65 -12.40
CA VAL A 171 -21.29 -2.12 -11.11
C VAL A 171 -22.15 -1.03 -10.48
N ALA A 172 -23.26 -1.44 -9.88
CA ALA A 172 -24.16 -0.53 -9.18
C ALA A 172 -24.28 -1.00 -7.73
N LEU A 173 -23.96 -0.10 -6.80
CA LEU A 173 -24.14 -0.37 -5.37
C LEU A 173 -25.42 0.31 -4.92
N ASP A 174 -26.46 -0.49 -4.67
CA ASP A 174 -27.74 0.02 -4.19
C ASP A 174 -27.65 0.16 -2.67
N LEU A 175 -27.45 1.40 -2.22
CA LEU A 175 -27.24 1.67 -0.80
C LEU A 175 -28.52 1.55 0.01
N ARG A 176 -29.06 0.33 0.10
CA ARG A 176 -30.24 0.10 0.91
C ARG A 176 -29.92 0.26 2.40
N LYS A 177 -30.94 0.64 3.17
CA LYS A 177 -30.74 0.83 4.60
C LYS A 177 -30.59 -0.49 5.34
N THR A 178 -31.04 -1.59 4.76
CA THR A 178 -30.83 -2.92 5.32
C THR A 178 -29.51 -3.55 4.90
N GLY A 179 -28.72 -2.86 4.09
CA GLY A 179 -27.47 -3.40 3.59
C GLY A 179 -27.34 -3.26 2.09
N ILE A 180 -26.11 -3.15 1.61
CA ILE A 180 -25.85 -2.93 0.19
C ILE A 180 -26.18 -4.19 -0.60
N VAL A 181 -26.84 -4.01 -1.75
CA VAL A 181 -26.97 -5.04 -2.77
C VAL A 181 -26.28 -4.53 -4.03
N ALA A 182 -25.56 -5.43 -4.70
CA ALA A 182 -24.77 -5.08 -5.86
C ALA A 182 -25.39 -5.66 -7.12
N LYS A 183 -25.29 -4.91 -8.22
CA LYS A 183 -25.78 -5.32 -9.52
C LYS A 183 -24.69 -5.10 -10.57
N GLU A 184 -24.70 -5.93 -11.61
CA GLU A 184 -23.68 -5.87 -12.65
C GLU A 184 -24.34 -5.73 -14.02
N TYR A 185 -23.81 -4.81 -14.83
CA TYR A 185 -24.31 -4.56 -16.17
C TYR A 185 -23.26 -5.04 -17.17
N PHE A 186 -23.68 -5.91 -18.09
CA PHE A 186 -22.81 -6.43 -19.15
C PHE A 186 -23.21 -5.78 -20.46
N PHE A 187 -22.26 -5.12 -21.12
CA PHE A 187 -22.51 -4.44 -22.38
C PHE A 187 -21.87 -5.21 -23.52
N PRO A 188 -22.62 -6.04 -24.25
CA PRO A 188 -22.01 -6.93 -25.24
C PRO A 188 -21.78 -6.29 -26.61
N GLY A 189 -21.77 -4.97 -26.68
CA GLY A 189 -21.60 -4.30 -27.96
C GLY A 189 -20.29 -4.63 -28.64
N ILE A 190 -19.21 -4.70 -27.86
CA ILE A 190 -17.90 -5.00 -28.44
C ILE A 190 -17.80 -6.47 -28.82
N LYS A 191 -18.37 -7.35 -28.01
CA LYS A 191 -18.36 -8.77 -28.36
C LYS A 191 -19.14 -9.03 -29.64
N CYS A 192 -20.23 -8.28 -29.85
CA CYS A 192 -21.04 -8.46 -31.04
C CYS A 192 -20.38 -7.88 -32.28
N ALA A 193 -19.57 -6.83 -32.12
CA ALA A 193 -18.81 -6.29 -33.24
C ALA A 193 -17.77 -7.28 -33.76
N ALA A 194 -17.48 -8.34 -33.01
CA ALA A 194 -16.52 -9.36 -33.43
C ALA A 194 -17.19 -10.65 -33.88
N THR A 195 -18.27 -11.06 -33.23
CA THR A 195 -18.96 -12.29 -33.58
C THR A 195 -20.08 -12.07 -34.59
N GLY A 196 -20.42 -10.83 -34.91
CA GLY A 196 -21.57 -10.55 -35.75
C GLY A 196 -22.91 -10.84 -35.11
N GLN A 197 -22.91 -11.27 -33.84
CA GLN A 197 -24.14 -11.61 -33.15
C GLN A 197 -24.98 -10.36 -32.91
N THR A 198 -26.28 -10.58 -32.70
CA THR A 198 -27.16 -9.51 -32.27
C THR A 198 -27.16 -9.42 -30.75
N GLY A 199 -27.53 -8.24 -30.24
CA GLY A 199 -27.66 -8.06 -28.81
C GLY A 199 -28.62 -9.05 -28.18
N SER A 200 -29.72 -9.37 -28.88
CA SER A 200 -30.71 -10.29 -28.32
C SER A 200 -30.16 -11.71 -28.22
N ASN A 201 -29.48 -12.18 -29.27
CA ASN A 201 -28.91 -13.52 -29.23
C ASN A 201 -27.90 -13.66 -28.11
N ALA A 202 -27.14 -12.60 -27.84
CA ALA A 202 -26.13 -12.64 -26.78
C ALA A 202 -26.79 -12.67 -25.40
N CYS A 203 -27.61 -11.67 -25.11
CA CYS A 203 -28.24 -11.54 -23.79
C CYS A 203 -29.21 -12.69 -23.51
N PHE A 204 -30.12 -12.98 -24.45
CA PHE A 204 -31.09 -14.06 -24.22
C PHE A 204 -30.41 -15.41 -24.23
N GLY A 205 -29.34 -15.56 -25.01
CA GLY A 205 -28.56 -16.79 -24.95
C GLY A 205 -27.83 -16.95 -23.64
N ALA A 206 -27.38 -15.83 -23.06
CA ALA A 206 -26.71 -15.87 -21.76
C ALA A 206 -27.67 -16.28 -20.66
N ILE A 207 -28.90 -15.77 -20.70
CA ILE A 207 -29.87 -16.12 -19.66
C ILE A 207 -30.25 -17.59 -19.74
N ARG A 208 -30.40 -18.11 -20.96
CA ARG A 208 -30.74 -19.52 -21.12
C ARG A 208 -29.57 -20.43 -20.74
N ALA A 209 -28.34 -19.96 -20.92
CA ALA A 209 -27.19 -20.75 -20.51
C ALA A 209 -27.12 -20.89 -19.00
N VAL A 210 -27.41 -19.81 -18.26
CA VAL A 210 -27.39 -19.88 -16.80
C VAL A 210 -28.61 -20.60 -16.28
N ASP A 211 -29.80 -20.27 -16.79
CA ASP A 211 -31.04 -20.91 -16.36
C ASP A 211 -31.13 -22.28 -17.02
N LYS A 212 -30.41 -23.24 -16.43
CA LYS A 212 -30.32 -24.59 -16.98
C LYS A 212 -31.59 -25.40 -16.76
N ASP A 213 -32.51 -24.93 -15.91
CA ASP A 213 -33.77 -25.61 -15.68
C ASP A 213 -34.92 -25.01 -16.47
N GLY A 214 -34.67 -23.95 -17.24
CA GLY A 214 -35.68 -23.38 -18.10
C GLY A 214 -36.80 -22.65 -17.40
N HIS A 215 -36.57 -22.18 -16.17
CA HIS A 215 -37.60 -21.41 -15.47
C HIS A 215 -37.95 -20.13 -16.23
N LEU A 216 -36.97 -19.53 -16.91
CA LEU A 216 -37.14 -18.24 -17.55
C LEU A 216 -37.33 -18.33 -19.05
N ASP A 217 -37.52 -19.55 -19.58
CA ASP A 217 -37.71 -19.69 -21.02
C ASP A 217 -39.03 -19.05 -21.47
N SER A 218 -40.08 -19.19 -20.67
CA SER A 218 -41.35 -18.56 -21.04
C SER A 218 -41.20 -17.05 -21.12
N LEU A 219 -40.45 -16.46 -20.20
CA LEU A 219 -40.36 -15.01 -20.10
C LEU A 219 -39.44 -14.40 -21.14
N CYS A 220 -38.39 -15.13 -21.56
CA CYS A 220 -37.54 -14.64 -22.64
C CYS A 220 -38.24 -14.72 -23.98
N GLN A 221 -39.09 -15.74 -24.19
CA GLN A 221 -39.81 -15.86 -25.44
C GLN A 221 -40.80 -14.72 -25.63
N LEU A 222 -41.48 -14.30 -24.56
CA LEU A 222 -42.42 -13.20 -24.66
C LEU A 222 -41.71 -11.89 -24.99
N ILE A 223 -40.56 -11.64 -24.36
CA ILE A 223 -39.81 -10.43 -24.65
C ILE A 223 -39.18 -10.50 -26.03
N GLU A 224 -38.67 -11.67 -26.41
CA GLU A 224 -38.07 -11.83 -27.74
C GLU A 224 -39.10 -11.63 -28.82
N ALA A 225 -40.31 -12.20 -28.66
CA ALA A 225 -41.36 -12.04 -29.65
C ALA A 225 -41.71 -10.58 -29.88
N HIS A 226 -41.71 -9.78 -28.80
CA HIS A 226 -41.96 -8.35 -28.97
C HIS A 226 -40.81 -7.66 -29.68
N PHE A 227 -39.58 -8.09 -29.39
CA PHE A 227 -38.41 -7.39 -29.94
C PHE A 227 -38.33 -7.52 -31.45
N GLN A 228 -38.63 -8.71 -31.98
CA GLN A 228 -38.59 -8.88 -33.43
C GLN A 228 -39.84 -8.37 -34.12
N GLN A 229 -40.98 -8.38 -33.42
CA GLN A 229 -42.17 -7.72 -33.96
C GLN A 229 -42.01 -6.20 -33.94
N SER A 230 -41.57 -5.64 -32.82
CA SER A 230 -41.25 -4.22 -32.76
C SER A 230 -40.02 -3.86 -33.57
N LYS A 231 -39.23 -4.85 -34.00
CA LYS A 231 -37.96 -4.62 -34.70
C LYS A 231 -37.04 -3.74 -33.86
N ILE A 232 -36.68 -4.27 -32.69
CA ILE A 232 -35.75 -3.61 -31.77
C ILE A 232 -34.79 -4.67 -31.25
N ASP A 233 -33.51 -4.31 -31.13
CA ASP A 233 -32.47 -5.22 -30.68
C ASP A 233 -32.13 -4.95 -29.22
N ASP A 234 -31.87 -6.02 -28.48
CA ASP A 234 -31.48 -5.89 -27.09
C ASP A 234 -30.16 -5.13 -26.98
N ALA A 235 -30.09 -4.23 -26.01
CA ALA A 235 -28.92 -3.36 -25.85
C ALA A 235 -27.89 -3.91 -24.86
N PHE A 236 -28.34 -4.31 -23.67
CA PHE A 236 -27.44 -4.92 -22.69
C PHE A 236 -28.28 -5.62 -21.63
N LEU A 237 -27.61 -6.14 -20.61
CA LEU A 237 -28.22 -7.00 -19.61
C LEU A 237 -27.74 -6.58 -18.22
N CYS A 238 -28.49 -6.99 -17.20
CA CYS A 238 -28.13 -6.72 -15.81
C CYS A 238 -28.53 -7.90 -14.95
N CYS A 239 -27.81 -8.11 -13.87
CA CYS A 239 -28.09 -9.17 -12.92
C CYS A 239 -27.94 -8.64 -11.50
N ASP A 240 -28.42 -9.41 -10.53
CA ASP A 240 -28.19 -9.14 -9.12
C ASP A 240 -27.07 -10.04 -8.62
N LEU A 241 -26.03 -9.43 -8.06
CA LEU A 241 -24.90 -10.20 -7.54
C LEU A 241 -25.30 -10.96 -6.28
N VAL A 242 -26.17 -11.97 -6.45
CA VAL A 242 -26.65 -12.80 -5.36
C VAL A 242 -26.58 -14.26 -5.82
N ASP A 243 -27.21 -15.15 -5.06
CA ASP A 243 -27.28 -16.55 -5.49
C ASP A 243 -27.94 -16.64 -6.86
N PRO A 244 -27.36 -17.36 -7.81
CA PRO A 244 -27.91 -17.39 -9.18
C PRO A 244 -29.36 -17.88 -9.25
N ALA A 245 -29.84 -18.62 -8.26
CA ALA A 245 -31.20 -19.11 -8.26
C ALA A 245 -32.22 -18.08 -7.78
N HIS A 246 -31.75 -16.96 -7.19
CA HIS A 246 -32.65 -15.93 -6.67
C HIS A 246 -32.38 -14.57 -7.30
N THR A 247 -31.71 -14.53 -8.44
CA THR A 247 -31.38 -13.26 -9.07
C THR A 247 -32.50 -12.79 -9.99
N ARG A 248 -32.41 -11.53 -10.39
CA ARG A 248 -33.33 -10.93 -11.35
C ARG A 248 -32.54 -10.51 -12.58
N PHE A 249 -32.90 -11.08 -13.73
CA PHE A 249 -32.29 -10.70 -15.00
C PHE A 249 -33.12 -9.60 -15.65
N LYS A 250 -32.43 -8.60 -16.20
CA LYS A 250 -33.08 -7.48 -16.86
C LYS A 250 -32.42 -7.26 -18.22
N VAL A 251 -33.24 -7.14 -19.26
CA VAL A 251 -32.78 -6.85 -20.61
C VAL A 251 -33.20 -5.44 -20.97
N TYR A 252 -32.24 -4.64 -21.43
CA TYR A 252 -32.47 -3.23 -21.73
C TYR A 252 -32.59 -3.01 -23.24
N ILE A 253 -33.32 -1.98 -23.61
CA ILE A 253 -33.39 -1.51 -24.99
C ILE A 253 -33.32 0.01 -24.99
N ALA A 254 -32.76 0.56 -26.06
CA ALA A 254 -32.80 1.98 -26.34
C ALA A 254 -33.53 2.19 -27.66
N ASP A 255 -34.39 3.20 -27.70
CA ASP A 255 -35.25 3.44 -28.86
C ASP A 255 -35.19 4.92 -29.24
N PRO A 256 -34.56 5.27 -30.37
CA PRO A 256 -34.49 6.69 -30.76
C PRO A 256 -35.83 7.30 -31.15
N LEU A 257 -36.87 6.49 -31.29
CA LEU A 257 -38.23 7.01 -31.49
C LEU A 257 -38.78 7.41 -30.13
N VAL A 258 -38.59 8.67 -29.76
CA VAL A 258 -39.07 9.14 -28.46
C VAL A 258 -40.47 9.73 -28.63
N THR A 259 -41.46 8.84 -28.68
CA THR A 259 -42.87 9.19 -28.69
C THR A 259 -43.59 8.39 -27.60
N LEU A 260 -44.60 9.02 -27.00
CA LEU A 260 -45.39 8.34 -25.98
C LEU A 260 -46.02 7.07 -26.54
N ALA A 261 -46.44 7.10 -27.80
CA ALA A 261 -47.03 5.92 -28.42
C ALA A 261 -46.03 4.77 -28.49
N ARG A 262 -44.75 5.08 -28.76
CA ARG A 262 -43.74 4.03 -28.80
C ARG A 262 -43.46 3.49 -27.40
N ALA A 263 -43.36 4.37 -26.40
CA ALA A 263 -43.12 3.93 -25.04
C ALA A 263 -44.27 3.08 -24.53
N GLU A 264 -45.51 3.44 -24.89
CA GLU A 264 -46.65 2.61 -24.50
C GLU A 264 -46.61 1.25 -25.18
N GLU A 265 -46.12 1.21 -26.42
CA GLU A 265 -45.99 -0.06 -27.13
C GLU A 265 -44.98 -0.97 -26.44
N HIS A 266 -43.83 -0.41 -26.06
CA HIS A 266 -42.81 -1.20 -25.37
C HIS A 266 -43.27 -1.60 -23.96
N TRP A 267 -43.95 -0.69 -23.28
CA TRP A 267 -44.32 -0.93 -21.88
C TRP A 267 -45.19 -2.18 -21.72
N THR A 268 -46.05 -2.45 -22.70
CA THR A 268 -46.95 -3.60 -22.65
C THR A 268 -46.44 -4.78 -23.47
N LEU A 269 -45.23 -4.68 -24.03
CA LEU A 269 -44.68 -5.71 -24.91
C LEU A 269 -45.61 -5.98 -26.09
N GLY A 270 -46.14 -4.92 -26.67
CA GLY A 270 -47.05 -5.06 -27.80
C GLY A 270 -48.34 -5.76 -27.44
N GLY A 271 -48.88 -5.52 -26.25
CA GLY A 271 -50.10 -6.15 -25.82
C GLY A 271 -49.94 -7.50 -25.16
N ARG A 272 -48.71 -7.99 -25.01
CA ARG A 272 -48.49 -9.28 -24.37
C ARG A 272 -48.54 -9.19 -22.84
N LEU A 273 -48.42 -7.98 -22.29
CA LEU A 273 -48.54 -7.76 -20.84
C LEU A 273 -49.90 -7.13 -20.56
N THR A 274 -50.81 -7.93 -20.00
CA THR A 274 -52.18 -7.49 -19.78
C THR A 274 -52.57 -7.52 -18.30
N ASP A 275 -51.61 -7.64 -17.39
CA ASP A 275 -51.93 -7.73 -15.97
C ASP A 275 -52.30 -6.36 -15.41
N GLU A 276 -52.84 -6.37 -14.19
CA GLU A 276 -53.35 -5.14 -13.59
C GLU A 276 -52.23 -4.16 -13.28
N ASP A 277 -51.05 -4.67 -12.87
CA ASP A 277 -49.94 -3.78 -12.55
C ASP A 277 -49.44 -3.05 -13.79
N ALA A 278 -49.40 -3.73 -14.93
CA ALA A 278 -48.99 -3.07 -16.17
C ALA A 278 -50.02 -2.02 -16.59
N ALA A 279 -51.31 -2.29 -16.36
CA ALA A 279 -52.35 -1.33 -16.73
C ALA A 279 -52.24 -0.06 -15.91
N VAL A 280 -52.04 -0.19 -14.60
CA VAL A 280 -51.91 0.99 -13.74
C VAL A 280 -50.66 1.77 -14.09
N GLY A 281 -49.53 1.08 -14.29
CA GLY A 281 -48.32 1.75 -14.69
C GLY A 281 -48.45 2.46 -16.03
N LEU A 282 -49.12 1.81 -16.98
CA LEU A 282 -49.39 2.44 -18.27
C LEU A 282 -50.18 3.74 -18.08
N GLU A 283 -51.15 3.73 -17.18
CA GLU A 283 -51.94 4.93 -16.91
C GLU A 283 -51.08 6.04 -16.34
N ILE A 284 -50.24 5.72 -15.36
CA ILE A 284 -49.42 6.75 -14.71
C ILE A 284 -48.38 7.31 -15.67
N ILE A 285 -47.83 6.45 -16.54
CA ILE A 285 -46.80 6.91 -17.47
C ILE A 285 -47.36 7.97 -18.41
N ARG A 286 -48.56 7.72 -18.96
CA ARG A 286 -49.19 8.70 -19.84
C ARG A 286 -49.34 10.05 -19.15
N GLY A 287 -49.73 10.04 -17.89
CA GLY A 287 -49.84 11.29 -17.14
C GLY A 287 -48.49 11.95 -16.93
N LEU A 288 -47.52 11.18 -16.44
CA LEU A 288 -46.19 11.73 -16.19
C LEU A 288 -45.56 12.25 -17.47
N TRP A 289 -45.66 11.48 -18.55
CA TRP A 289 -45.11 11.93 -19.84
C TRP A 289 -45.73 13.25 -20.27
N SER A 290 -47.07 13.33 -20.25
CA SER A 290 -47.74 14.56 -20.65
C SER A 290 -47.45 15.69 -19.67
N GLU A 291 -47.42 15.39 -18.37
CA GLU A 291 -47.09 16.41 -17.37
C GLU A 291 -45.69 16.98 -17.60
N LEU A 292 -44.70 16.11 -17.76
CA LEU A 292 -43.33 16.57 -17.98
C LEU A 292 -43.17 17.19 -19.36
N GLY A 293 -43.84 16.63 -20.37
CA GLY A 293 -43.67 17.11 -21.73
C GLY A 293 -42.37 16.64 -22.33
N ILE A 294 -42.19 15.32 -22.43
CA ILE A 294 -40.98 14.76 -23.02
C ILE A 294 -40.89 15.18 -24.48
N ILE A 295 -39.75 15.75 -24.85
CA ILE A 295 -39.58 16.30 -26.20
C ILE A 295 -39.27 15.18 -27.18
N GLN A 296 -39.72 15.35 -28.43
CA GLN A 296 -39.40 14.38 -29.47
C GLN A 296 -37.95 14.51 -29.91
N GLY A 308 -26.57 14.27 -30.48
CA GLY A 308 -26.57 13.95 -29.06
C GLY A 308 -27.98 13.82 -28.51
N LEU A 309 -28.83 13.12 -29.25
CA LEU A 309 -30.24 13.00 -28.93
C LEU A 309 -30.46 11.78 -28.04
N LEU A 310 -30.95 12.01 -26.81
CA LEU A 310 -31.18 10.92 -25.87
C LEU A 310 -32.44 10.15 -26.27
N PRO A 311 -32.39 8.81 -26.33
CA PRO A 311 -33.59 8.05 -26.67
C PRO A 311 -34.43 7.72 -25.44
N ILE A 312 -35.47 6.91 -25.61
CA ILE A 312 -36.15 6.30 -24.48
C ILE A 312 -35.57 4.91 -24.27
N MET A 313 -35.62 4.45 -23.03
CA MET A 313 -35.07 3.15 -22.67
C MET A 313 -36.07 2.40 -21.80
N LEU A 314 -35.99 1.08 -21.87
CA LEU A 314 -36.81 0.21 -21.05
C LEU A 314 -36.01 -1.02 -20.68
N ASN A 315 -36.39 -1.65 -19.56
CA ASN A 315 -35.89 -2.96 -19.21
C ASN A 315 -37.06 -3.82 -18.75
N TYR A 316 -36.87 -5.14 -18.86
CA TYR A 316 -37.89 -6.12 -18.50
C TYR A 316 -37.25 -7.13 -17.57
N GLU A 317 -37.83 -7.29 -16.38
CA GLU A 317 -37.23 -8.05 -15.30
C GLU A 317 -37.78 -9.47 -15.26
N MET A 318 -36.89 -10.42 -14.98
CA MET A 318 -37.25 -11.84 -14.92
C MET A 318 -36.74 -12.44 -13.62
N LYS A 319 -37.64 -13.09 -12.87
CA LYS A 319 -37.27 -13.84 -11.68
C LYS A 319 -37.83 -15.24 -11.80
N ALA A 320 -37.31 -16.14 -10.96
CA ALA A 320 -37.63 -17.56 -11.10
C ALA A 320 -39.11 -17.84 -10.85
N GLY A 321 -39.72 -17.13 -9.90
CA GLY A 321 -41.10 -17.40 -9.56
C GLY A 321 -42.11 -16.65 -10.42
N GLN A 322 -41.69 -15.52 -10.98
CA GLN A 322 -42.62 -14.66 -11.69
C GLN A 322 -43.12 -15.33 -12.98
N ARG A 323 -44.40 -15.11 -13.28
CA ARG A 323 -45.02 -15.69 -14.48
C ARG A 323 -44.95 -14.76 -15.68
N LEU A 324 -44.80 -13.46 -15.46
CA LEU A 324 -44.70 -12.49 -16.54
C LEU A 324 -43.49 -11.59 -16.32
N PRO A 325 -42.90 -11.06 -17.39
CA PRO A 325 -41.87 -10.04 -17.23
C PRO A 325 -42.46 -8.78 -16.61
N LYS A 326 -41.57 -7.91 -16.15
CA LYS A 326 -41.97 -6.68 -15.46
C LYS A 326 -41.24 -5.50 -16.10
N PRO A 327 -41.94 -4.55 -16.70
CA PRO A 327 -41.27 -3.46 -17.42
C PRO A 327 -40.90 -2.29 -16.53
N LYS A 328 -39.98 -1.47 -17.05
CA LYS A 328 -39.62 -0.20 -16.45
C LYS A 328 -39.17 0.72 -17.59
N LEU A 329 -39.66 1.95 -17.59
CA LEU A 329 -39.42 2.90 -18.67
C LEU A 329 -38.51 4.02 -18.19
N TYR A 330 -37.59 4.44 -19.06
CA TYR A 330 -36.67 5.53 -18.77
C TYR A 330 -36.99 6.70 -19.70
N MET A 331 -37.35 7.84 -19.11
CA MET A 331 -37.72 9.01 -19.91
C MET A 331 -36.59 10.02 -19.92
N PRO A 332 -36.17 10.50 -21.09
CA PRO A 332 -35.11 11.51 -21.14
C PRO A 332 -35.65 12.88 -20.72
N LEU A 333 -35.06 13.44 -19.68
CA LEU A 333 -35.48 14.72 -19.14
C LEU A 333 -34.73 15.90 -19.76
N THR A 334 -34.20 15.72 -20.97
CA THR A 334 -33.49 16.80 -21.64
C THR A 334 -34.47 17.88 -22.08
N GLY A 335 -33.98 19.13 -22.11
CA GLY A 335 -34.78 20.26 -22.51
C GLY A 335 -35.89 20.64 -21.57
N ILE A 336 -36.13 19.87 -20.51
CA ILE A 336 -37.17 20.18 -19.54
C ILE A 336 -36.56 21.05 -18.45
N PRO A 337 -37.17 22.19 -18.13
CA PRO A 337 -36.62 23.02 -17.04
C PRO A 337 -36.63 22.27 -15.72
N GLU A 338 -35.54 22.43 -14.96
CA GLU A 338 -35.42 21.73 -13.69
C GLU A 338 -36.52 22.15 -12.72
N THR A 339 -37.06 23.35 -12.88
CA THR A 339 -38.15 23.81 -12.02
C THR A 339 -39.41 22.97 -12.21
N LYS A 340 -39.62 22.47 -13.43
CA LYS A 340 -40.84 21.71 -13.74
C LYS A 340 -40.75 20.25 -13.30
N ILE A 341 -39.59 19.62 -13.49
CA ILE A 341 -39.39 18.29 -12.90
C ILE A 341 -39.66 18.34 -11.41
N ALA A 342 -39.17 19.39 -10.73
CA ALA A 342 -39.47 19.57 -9.33
C ALA A 342 -40.97 19.78 -9.10
N ARG A 343 -41.58 20.67 -9.88
CA ARG A 343 -43.01 20.95 -9.73
C ARG A 343 -43.85 19.71 -9.99
N ILE A 344 -43.49 18.91 -10.99
CA ILE A 344 -44.28 17.74 -11.33
C ILE A 344 -44.04 16.61 -10.32
N MET A 345 -42.78 16.39 -9.92
CA MET A 345 -42.49 15.31 -8.98
C MET A 345 -43.14 15.55 -7.62
N THR A 346 -43.07 16.79 -7.12
CA THR A 346 -43.71 17.11 -5.85
C THR A 346 -45.19 16.76 -5.88
N ALA A 347 -45.91 17.22 -6.91
CA ALA A 347 -47.33 16.91 -7.02
C ALA A 347 -47.56 15.41 -7.16
N PHE A 348 -46.65 14.71 -7.84
CA PHE A 348 -46.82 13.27 -8.01
C PHE A 348 -46.71 12.54 -6.69
N PHE A 349 -45.69 12.87 -5.90
CA PHE A 349 -45.53 12.23 -4.59
C PHE A 349 -46.70 12.56 -3.67
N GLN A 350 -47.20 13.80 -3.74
CA GLN A 350 -48.37 14.18 -2.95
C GLN A 350 -49.57 13.31 -3.28
N ARG A 351 -49.85 13.14 -4.57
CA ARG A 351 -51.05 12.43 -5.02
C ARG A 351 -50.92 10.92 -4.95
N HIS A 352 -49.75 10.39 -4.57
CA HIS A 352 -49.56 8.95 -4.48
C HIS A 352 -49.11 8.52 -3.08
N ASP A 353 -49.39 9.34 -2.07
CA ASP A 353 -49.06 9.04 -0.68
C ASP A 353 -47.56 8.80 -0.49
N MET A 354 -46.78 9.80 -0.89
CA MET A 354 -45.35 9.86 -0.63
C MET A 354 -45.02 11.25 -0.10
N PRO A 355 -45.51 11.60 1.10
CA PRO A 355 -45.31 12.96 1.60
C PRO A 355 -43.87 13.26 1.98
N GLU A 356 -43.07 12.24 2.28
CA GLU A 356 -41.68 12.49 2.60
C GLU A 356 -40.90 12.96 1.37
N GLN A 357 -41.08 12.27 0.25
CA GLN A 357 -40.38 12.67 -0.98
C GLN A 357 -40.95 13.97 -1.53
N ALA A 358 -42.26 14.17 -1.42
CA ALA A 358 -42.86 15.45 -1.81
C ALA A 358 -42.33 16.58 -0.95
N GLU A 359 -41.95 16.30 0.29
CA GLU A 359 -41.43 17.33 1.17
C GLU A 359 -40.05 17.80 0.74
N VAL A 360 -39.17 16.86 0.38
CA VAL A 360 -37.81 17.22 -0.01
C VAL A 360 -37.82 18.02 -1.31
N PHE A 361 -38.59 17.57 -2.30
CA PHE A 361 -38.69 18.32 -3.54
C PHE A 361 -39.34 19.69 -3.32
N MET A 362 -40.26 19.79 -2.36
CA MET A 362 -40.85 21.09 -2.05
C MET A 362 -39.84 22.01 -1.36
N GLU A 363 -38.95 21.44 -0.54
CA GLU A 363 -37.94 22.25 0.13
C GLU A 363 -36.87 22.72 -0.83
N ASN A 364 -36.59 21.94 -1.88
CA ASN A 364 -35.61 22.34 -2.89
C ASN A 364 -36.27 22.98 -4.11
N LEU A 365 -37.57 23.25 -4.04
CA LEU A 365 -38.20 24.22 -4.92
C LEU A 365 -38.04 25.64 -4.40
N GLN A 366 -37.22 25.81 -3.36
CA GLN A 366 -37.07 27.07 -2.64
C GLN A 366 -35.77 27.75 -3.03
N THR A 378 -25.63 23.04 -7.58
CA THR A 378 -26.32 23.01 -8.86
C THR A 378 -26.33 21.59 -9.44
N ARG A 379 -27.53 21.04 -9.61
CA ARG A 379 -27.70 19.68 -10.10
C ARG A 379 -28.38 19.68 -11.46
N TYR A 380 -28.22 18.57 -12.18
CA TYR A 380 -28.79 18.41 -13.52
C TYR A 380 -29.42 17.03 -13.60
N GLN A 381 -30.75 16.97 -13.61
CA GLN A 381 -31.46 15.72 -13.70
C GLN A 381 -31.57 15.29 -15.16
N ALA A 382 -31.12 14.07 -15.45
CA ALA A 382 -31.00 13.59 -16.82
C ALA A 382 -32.06 12.58 -17.22
N TRP A 383 -32.47 11.70 -16.31
CA TRP A 383 -33.46 10.68 -16.64
C TRP A 383 -34.42 10.51 -15.49
N LEU A 384 -35.66 10.14 -15.83
CA LEU A 384 -36.66 9.69 -14.86
C LEU A 384 -37.15 8.32 -15.31
N SER A 385 -37.00 7.32 -14.45
CA SER A 385 -37.49 5.99 -14.73
C SER A 385 -38.72 5.70 -13.88
N PHE A 386 -39.56 4.78 -14.37
CA PHE A 386 -40.81 4.45 -13.70
C PHE A 386 -41.06 2.96 -13.76
N ALA A 387 -41.45 2.39 -12.62
CA ALA A 387 -41.93 1.02 -12.54
C ALA A 387 -43.06 0.99 -11.52
N TYR A 388 -43.88 -0.06 -11.59
CA TYR A 388 -45.04 -0.10 -10.70
C TYR A 388 -45.41 -1.52 -10.32
N THR A 389 -45.54 -1.74 -9.02
CA THR A 389 -46.38 -2.80 -8.46
C THR A 389 -47.31 -2.13 -7.47
N LYS A 390 -48.53 -2.63 -7.37
CA LYS A 390 -49.40 -2.13 -6.32
C LYS A 390 -49.06 -2.74 -4.97
N GLU A 391 -48.18 -3.75 -4.94
CA GLU A 391 -47.52 -4.16 -3.71
C GLU A 391 -46.78 -3.00 -3.08
N LYS A 392 -45.88 -2.36 -3.83
CA LYS A 392 -45.03 -1.29 -3.32
C LYS A 392 -45.39 0.08 -3.86
N GLY A 393 -46.28 0.19 -4.84
CA GLY A 393 -46.68 1.46 -5.36
C GLY A 393 -45.78 1.92 -6.49
N PRO A 394 -45.82 3.23 -6.79
CA PRO A 394 -44.94 3.76 -7.83
C PRO A 394 -43.47 3.68 -7.45
N TYR A 395 -42.64 3.29 -8.41
CA TYR A 395 -41.20 3.12 -8.24
C TYR A 395 -40.49 4.02 -9.25
N LEU A 396 -39.90 5.11 -8.77
CA LEU A 396 -39.32 6.12 -9.65
C LEU A 396 -37.88 6.40 -9.26
N SER A 397 -37.06 6.71 -10.26
CA SER A 397 -35.66 7.00 -10.05
C SER A 397 -35.25 8.18 -10.91
N ILE A 398 -34.39 9.04 -10.37
CA ILE A 398 -33.83 10.17 -11.09
C ILE A 398 -32.33 9.97 -11.20
N TYR A 399 -31.80 10.08 -12.42
CA TYR A 399 -30.39 9.91 -12.70
C TYR A 399 -29.78 11.26 -13.01
N TYR A 400 -28.75 11.63 -12.25
CA TYR A 400 -28.14 12.95 -12.35
C TYR A 400 -26.88 12.88 -13.20
N PHE A 401 -26.53 14.01 -13.81
CA PHE A 401 -25.32 14.15 -14.61
C PHE A 401 -24.37 15.13 -13.94
N TRP A 402 -23.08 14.89 -14.12
CA TRP A 402 -22.08 15.75 -13.50
C TRP A 402 -21.91 17.02 -14.35
N PRO A 403 -21.77 18.19 -13.69
CA PRO A 403 -21.49 19.47 -14.37
C PRO A 403 -20.17 19.46 -15.13
N MET B 1 -19.90 3.13 20.83
CA MET B 1 -19.66 1.78 20.32
C MET B 1 -20.26 1.60 18.94
N ILE B 2 -21.35 2.30 18.66
CA ILE B 2 -22.01 2.15 17.37
C ILE B 2 -21.16 2.77 16.26
N ALA B 3 -20.35 3.78 16.58
CA ALA B 3 -19.46 4.35 15.58
C ALA B 3 -18.31 3.41 15.27
N TYR B 4 -17.93 2.56 16.22
CA TYR B 4 -16.91 1.54 15.95
C TYR B 4 -17.47 0.45 15.05
N HIS B 5 -18.68 -0.05 15.37
CA HIS B 5 -19.33 -1.03 14.50
C HIS B 5 -19.56 -0.45 13.11
N THR B 6 -19.89 0.84 13.03
CA THR B 6 -20.13 1.47 11.74
C THR B 6 -18.87 1.52 10.90
N LEU B 7 -17.77 2.03 11.47
CA LEU B 7 -16.52 2.10 10.74
C LEU B 7 -15.94 0.71 10.49
N THR B 8 -16.27 -0.27 11.32
CA THR B 8 -15.84 -1.65 11.06
C THR B 8 -16.43 -2.16 9.75
N LYS B 9 -17.64 -1.73 9.40
CA LYS B 9 -18.29 -2.17 8.18
C LYS B 9 -17.79 -1.44 6.93
N ALA B 10 -16.93 -0.44 7.08
CA ALA B 10 -16.53 0.39 5.95
C ALA B 10 -15.03 0.55 5.77
N LEU B 11 -14.21 0.11 6.73
CA LEU B 11 -12.77 0.31 6.66
C LEU B 11 -12.08 -0.96 6.20
N LEU B 12 -11.23 -0.84 5.18
CA LEU B 12 -10.46 -1.95 4.66
C LEU B 12 -9.04 -1.89 5.24
N PHE B 13 -8.68 -2.91 6.01
CA PHE B 13 -7.34 -2.75 6.55
C PHE B 13 -6.33 -3.53 5.72
N PRO B 14 -5.19 -2.92 5.41
CA PRO B 14 -4.27 -3.53 4.43
C PRO B 14 -3.54 -4.76 4.94
N ASP B 15 -3.31 -4.88 6.26
CA ASP B 15 -2.63 -6.04 6.81
C ASP B 15 -3.30 -6.45 8.11
N ILE B 16 -2.90 -7.64 8.61
CA ILE B 16 -3.54 -8.23 9.77
C ILE B 16 -3.16 -7.51 11.06
N ASP B 17 -2.06 -6.74 11.05
CA ASP B 17 -1.63 -6.07 12.28
C ASP B 17 -2.41 -4.79 12.53
N GLN B 18 -2.68 -4.02 11.48
CA GLN B 18 -3.59 -2.88 11.61
C GLN B 18 -5.00 -3.36 11.97
N TYR B 19 -5.44 -4.46 11.36
CA TYR B 19 -6.75 -5.02 11.66
C TYR B 19 -6.87 -5.39 13.14
N GLN B 20 -5.86 -6.08 13.67
CA GLN B 20 -5.92 -6.53 15.06
C GLN B 20 -5.80 -5.35 16.02
N HIS B 21 -5.02 -4.34 15.67
CA HIS B 21 -4.92 -3.14 16.51
C HIS B 21 -6.25 -2.40 16.54
N TRP B 22 -6.99 -2.40 15.42
CA TRP B 22 -8.26 -1.72 15.37
C TRP B 22 -9.28 -2.35 16.32
N HIS B 23 -9.46 -3.66 16.21
CA HIS B 23 -10.41 -4.35 17.07
C HIS B 23 -9.95 -4.44 18.52
N HIS B 24 -8.71 -4.04 18.81
CA HIS B 24 -8.18 -4.04 20.16
C HIS B 24 -8.31 -2.68 20.85
N VAL B 25 -8.20 -1.59 20.10
CA VAL B 25 -8.18 -0.25 20.67
C VAL B 25 -9.48 0.51 20.41
N ALA B 26 -10.04 0.37 19.21
CA ALA B 26 -11.17 1.19 18.77
C ALA B 26 -12.44 0.98 19.61
N PRO B 27 -12.80 -0.25 20.03
CA PRO B 27 -13.96 -0.39 20.92
C PRO B 27 -13.87 0.50 22.15
N MET B 28 -12.81 0.34 22.94
CA MET B 28 -12.67 1.16 24.15
C MET B 28 -12.52 2.63 23.81
N LEU B 29 -11.82 2.94 22.72
CA LEU B 29 -11.70 4.34 22.31
C LEU B 29 -13.07 4.93 21.93
N ALA B 30 -13.95 4.11 21.35
CA ALA B 30 -15.28 4.59 20.99
C ALA B 30 -16.11 4.88 22.23
N LYS B 31 -16.06 3.97 23.22
CA LYS B 31 -16.81 4.19 24.46
C LYS B 31 -16.35 5.45 25.17
N MET B 32 -15.04 5.71 25.19
CA MET B 32 -14.52 6.87 25.91
C MET B 32 -14.95 8.18 25.25
N LEU B 33 -15.04 8.20 23.93
CA LEU B 33 -15.49 9.41 23.25
C LEU B 33 -16.99 9.64 23.45
N VAL B 34 -17.76 8.57 23.62
CA VAL B 34 -19.16 8.71 23.99
C VAL B 34 -19.28 9.23 25.42
N ASP B 35 -18.53 8.62 26.34
CA ASP B 35 -18.58 9.02 27.74
C ASP B 35 -18.11 10.45 27.95
N GLY B 36 -17.23 10.94 27.08
CA GLY B 36 -16.75 12.30 27.16
C GLY B 36 -17.63 13.34 26.52
N LYS B 37 -18.83 12.95 26.09
CA LYS B 37 -19.79 13.86 25.45
C LYS B 37 -19.24 14.49 24.18
N TYR B 38 -18.42 13.74 23.45
CA TYR B 38 -17.98 14.19 22.13
C TYR B 38 -19.16 14.17 21.16
N SER B 39 -19.21 15.16 20.27
CA SER B 39 -20.23 15.15 19.23
C SER B 39 -20.07 13.93 18.34
N ILE B 40 -21.19 13.45 17.81
CA ILE B 40 -21.17 12.23 16.98
C ILE B 40 -20.20 12.40 15.81
N HIS B 41 -20.08 13.61 15.29
CA HIS B 41 -19.15 13.85 14.18
C HIS B 41 -17.71 13.76 14.63
N GLN B 42 -17.40 14.15 15.87
CA GLN B 42 -16.04 14.02 16.37
C GLN B 42 -15.68 12.58 16.69
N GLN B 43 -16.65 11.78 17.14
CA GLN B 43 -16.41 10.35 17.33
C GLN B 43 -15.95 9.71 16.03
N TYR B 44 -16.64 10.00 14.93
CA TYR B 44 -16.26 9.43 13.64
C TYR B 44 -14.95 10.04 13.14
N GLU B 45 -14.73 11.33 13.42
CA GLU B 45 -13.50 11.97 12.96
C GLU B 45 -12.27 11.38 13.64
N TYR B 46 -12.38 11.07 14.93
CA TYR B 46 -11.23 10.59 15.69
C TYR B 46 -11.07 9.08 15.63
N LEU B 47 -12.18 8.34 15.54
CA LEU B 47 -12.07 6.89 15.33
C LEU B 47 -11.50 6.58 13.95
N CYS B 48 -11.86 7.39 12.95
CA CYS B 48 -11.34 7.18 11.60
C CYS B 48 -9.91 7.71 11.47
N LEU B 49 -9.61 8.83 12.14
CA LEU B 49 -8.24 9.33 12.15
C LEU B 49 -7.30 8.37 12.86
N PHE B 50 -7.81 7.60 13.83
CA PHE B 50 -6.98 6.61 14.50
C PHE B 50 -6.57 5.50 13.54
N ALA B 51 -7.51 5.02 12.72
CA ALA B 51 -7.20 3.93 11.80
C ALA B 51 -6.33 4.40 10.64
N GLN B 52 -6.56 5.63 10.17
CA GLN B 52 -5.83 6.12 9.01
C GLN B 52 -4.41 6.55 9.36
N LEU B 53 -4.19 7.03 10.58
CA LEU B 53 -2.94 7.69 10.95
C LEU B 53 -2.13 6.94 12.01
N VAL B 54 -2.79 6.41 13.04
CA VAL B 54 -2.07 5.87 14.20
C VAL B 54 -1.81 4.38 14.06
N ALA B 55 -2.85 3.61 13.73
CA ALA B 55 -2.71 2.16 13.59
C ALA B 55 -1.59 1.71 12.65
N PRO B 56 -1.30 2.38 11.53
CA PRO B 56 -0.18 1.94 10.69
C PRO B 56 1.18 2.02 11.36
N VAL B 57 1.37 2.86 12.36
CA VAL B 57 2.67 3.00 13.01
C VAL B 57 2.64 2.36 14.40
N LEU B 58 1.76 1.38 14.59
CA LEU B 58 1.71 0.63 15.84
C LEU B 58 2.50 -0.67 15.77
N GLY B 59 3.07 -1.00 14.62
CA GLY B 59 3.91 -2.16 14.47
C GLY B 59 3.13 -3.46 14.46
N PRO B 60 3.84 -4.59 14.37
CA PRO B 60 3.17 -5.88 14.41
C PRO B 60 2.41 -6.08 15.71
N TYR B 61 1.30 -6.80 15.63
CA TYR B 61 0.48 -7.05 16.80
C TYR B 61 1.21 -7.98 17.75
N PRO B 62 1.56 -7.53 18.96
CA PRO B 62 2.41 -8.34 19.87
C PRO B 62 1.63 -9.47 20.54
N SER B 63 1.32 -10.50 19.76
CA SER B 63 0.69 -11.68 20.32
C SER B 63 1.64 -12.37 21.30
N PRO B 64 1.11 -13.14 22.23
CA PRO B 64 1.97 -13.81 23.24
C PRO B 64 3.01 -14.70 22.57
N GLY B 65 4.28 -14.41 22.87
CA GLY B 65 5.38 -15.18 22.34
C GLY B 65 5.98 -14.65 21.05
N ARG B 66 5.32 -13.71 20.39
CA ARG B 66 5.84 -13.18 19.14
C ARG B 66 7.09 -12.35 19.40
N ASP B 67 8.15 -12.62 18.63
CA ASP B 67 9.43 -11.95 18.80
C ASP B 67 9.41 -10.65 18.01
N VAL B 68 8.85 -9.61 18.62
CA VAL B 68 8.79 -8.28 18.02
C VAL B 68 9.28 -7.26 19.03
N TYR B 69 9.73 -6.11 18.50
CA TYR B 69 10.01 -4.93 19.31
C TYR B 69 8.79 -4.62 20.18
N ARG B 70 9.02 -4.47 21.47
CA ARG B 70 7.92 -4.35 22.42
C ARG B 70 8.02 -3.07 23.23
N CYS B 71 6.90 -2.72 23.84
CA CYS B 71 6.72 -1.44 24.53
C CYS B 71 5.86 -1.70 25.76
N THR B 72 5.76 -0.69 26.61
CA THR B 72 5.02 -0.82 27.87
C THR B 72 3.82 0.11 27.96
N LEU B 73 3.51 0.86 26.90
CA LEU B 73 2.32 1.68 26.91
C LEU B 73 1.07 0.83 27.10
N GLY B 74 0.17 1.29 27.96
CA GLY B 74 -0.98 0.48 28.32
C GLY B 74 -0.60 -0.82 28.99
N GLY B 75 0.63 -0.90 29.51
CA GLY B 75 1.11 -2.11 30.14
C GLY B 75 1.97 -2.96 29.24
N ASN B 76 1.47 -3.27 28.04
CA ASN B 76 2.11 -4.27 27.19
C ASN B 76 2.08 -3.94 25.71
N MET B 77 1.58 -2.78 25.32
CA MET B 77 1.38 -2.44 23.91
C MET B 77 2.22 -1.23 23.55
N THR B 78 2.12 -0.83 22.28
CA THR B 78 2.71 0.41 21.80
C THR B 78 1.72 1.55 21.80
N VAL B 79 0.53 1.36 22.39
CA VAL B 79 -0.53 2.36 22.40
C VAL B 79 -1.18 2.36 23.78
N GLU B 80 -1.59 3.55 24.24
CA GLU B 80 -2.18 3.69 25.56
C GLU B 80 -3.27 4.76 25.52
N LEU B 81 -4.43 4.45 26.10
CA LEU B 81 -5.55 5.38 26.19
C LEU B 81 -5.64 5.94 27.60
N SER B 82 -5.93 7.25 27.70
CA SER B 82 -6.17 7.89 28.98
C SER B 82 -7.29 8.92 28.82
N GLN B 83 -7.82 9.37 29.95
CA GLN B 83 -9.01 10.21 29.97
C GLN B 83 -8.89 11.25 31.07
N ASN B 84 -9.17 12.51 30.73
CA ASN B 84 -9.18 13.60 31.69
C ASN B 84 -10.63 13.98 32.01
N PHE B 85 -10.97 13.94 33.29
CA PHE B 85 -12.35 14.17 33.72
C PHE B 85 -12.57 15.65 34.04
N GLN B 86 -13.56 16.25 33.39
CA GLN B 86 -13.93 17.64 33.60
C GLN B 86 -15.41 17.71 33.97
N ARG B 87 -15.89 18.94 34.22
CA ARG B 87 -17.29 19.12 34.54
C ARG B 87 -18.19 18.86 33.34
N SER B 88 -17.79 19.36 32.17
CA SER B 88 -18.59 19.25 30.95
C SER B 88 -18.31 17.97 30.16
N GLY B 89 -17.99 16.88 30.85
CA GLY B 89 -17.57 15.66 30.18
C GLY B 89 -16.08 15.44 30.32
N SER B 90 -15.58 14.55 29.48
CA SER B 90 -14.19 14.13 29.54
C SER B 90 -13.47 14.38 28.22
N THR B 91 -12.15 14.34 28.27
CA THR B 91 -11.29 14.44 27.11
C THR B 91 -10.39 13.20 27.07
N THR B 92 -10.26 12.62 25.88
CA THR B 92 -9.47 11.41 25.68
C THR B 92 -8.13 11.75 25.04
N ARG B 93 -7.08 11.08 25.50
CA ARG B 93 -5.74 11.20 24.93
C ARG B 93 -5.26 9.84 24.47
N ILE B 94 -4.66 9.80 23.28
CA ILE B 94 -4.07 8.60 22.71
C ILE B 94 -2.56 8.79 22.68
N ALA B 95 -1.84 7.90 23.35
CA ALA B 95 -0.38 7.90 23.34
C ALA B 95 0.12 6.62 22.69
N PHE B 96 1.19 6.76 21.90
CA PHE B 96 1.73 5.62 21.17
C PHE B 96 3.19 5.88 20.86
N GLU B 97 3.96 4.79 20.78
CA GLU B 97 5.30 4.85 20.25
C GLU B 97 5.26 4.48 18.78
N PRO B 98 5.44 5.41 17.86
CA PRO B 98 5.45 5.05 16.43
C PRO B 98 6.55 4.04 16.14
N VAL B 99 6.16 2.93 15.52
CA VAL B 99 7.08 1.84 15.23
C VAL B 99 6.61 1.11 13.97
N ARG B 100 7.57 0.61 13.21
CA ARG B 100 7.30 -0.25 12.07
C ARG B 100 8.03 -1.57 12.24
N TYR B 101 7.68 -2.54 11.40
CA TYR B 101 8.17 -3.91 11.60
C TYR B 101 9.68 -4.02 11.43
N GLN B 102 10.32 -3.01 10.83
CA GLN B 102 11.77 -3.07 10.63
C GLN B 102 12.51 -3.07 11.96
N ALA B 103 11.96 -2.41 12.98
CA ALA B 103 12.58 -2.41 14.30
C ALA B 103 12.57 -3.79 14.94
N SER B 104 11.77 -4.71 14.43
CA SER B 104 11.67 -6.06 14.96
C SER B 104 12.50 -7.07 14.18
N VAL B 105 13.12 -6.67 13.07
CA VAL B 105 13.83 -7.62 12.21
C VAL B 105 15.26 -7.15 11.95
N GLY B 106 15.67 -6.09 12.63
CA GLY B 106 17.07 -5.70 12.65
C GLY B 106 17.48 -4.54 11.76
N HIS B 107 16.52 -3.76 11.25
CA HIS B 107 16.83 -2.64 10.37
C HIS B 107 16.53 -1.28 10.99
N ASP B 108 16.07 -1.24 12.24
CA ASP B 108 15.84 -0.02 12.99
C ASP B 108 15.93 -0.39 14.47
N ARG B 109 17.17 -0.64 14.93
CA ARG B 109 17.37 -1.22 16.25
C ARG B 109 16.81 -0.34 17.36
N PHE B 110 16.99 0.98 17.24
CA PHE B 110 16.53 1.91 18.26
C PHE B 110 15.29 2.70 17.82
N ASN B 111 14.61 2.24 16.77
CA ASN B 111 13.34 2.80 16.32
C ASN B 111 13.43 4.31 16.12
N ARG B 112 14.35 4.70 15.23
CA ARG B 112 14.61 6.11 14.98
C ARG B 112 13.73 6.70 13.88
N THR B 113 13.30 5.89 12.91
CA THR B 113 12.72 6.41 11.68
C THR B 113 11.21 6.53 11.71
N SER B 114 10.52 5.64 12.42
CA SER B 114 9.06 5.59 12.33
C SER B 114 8.39 6.83 12.88
N VAL B 115 9.05 7.55 13.79
CA VAL B 115 8.48 8.80 14.27
C VAL B 115 8.52 9.86 13.18
N ASN B 116 9.54 9.81 12.32
CA ASN B 116 9.61 10.74 11.20
C ASN B 116 8.56 10.41 10.14
N ALA B 117 8.29 9.11 9.95
CA ALA B 117 7.24 8.71 9.01
C ALA B 117 5.86 9.12 9.51
N PHE B 118 5.61 8.94 10.81
CA PHE B 118 4.31 9.31 11.37
C PHE B 118 4.07 10.81 11.24
N PHE B 119 5.09 11.62 11.55
CA PHE B 119 4.92 13.08 11.48
C PHE B 119 4.63 13.55 10.07
N SER B 120 5.17 12.86 9.06
CA SER B 120 4.92 13.24 7.67
C SER B 120 3.51 12.90 7.24
N GLN B 121 2.80 12.07 8.00
CA GLN B 121 1.38 11.81 7.78
C GLN B 121 0.49 12.67 8.68
N LEU B 122 0.88 12.85 9.95
CA LEU B 122 0.09 13.67 10.86
C LEU B 122 -0.01 15.11 10.39
N GLN B 123 1.09 15.66 9.87
CA GLN B 123 1.09 17.05 9.41
C GLN B 123 0.25 17.25 8.16
N LEU B 124 -0.19 16.17 7.49
CA LEU B 124 -1.06 16.31 6.34
C LEU B 124 -2.52 16.44 6.73
N LEU B 125 -2.92 15.86 7.86
CA LEU B 125 -4.29 15.92 8.34
C LEU B 125 -4.53 17.00 9.38
N VAL B 126 -3.51 17.37 10.16
CA VAL B 126 -3.64 18.38 11.21
C VAL B 126 -2.56 19.43 10.94
N LYS B 127 -2.95 20.53 10.32
CA LYS B 127 -1.99 21.53 9.84
C LYS B 127 -1.41 22.41 10.94
N SER B 128 -1.95 22.32 12.16
CA SER B 128 -1.41 23.13 13.26
C SER B 128 -0.22 22.45 13.94
N VAL B 129 -0.03 21.15 13.72
CA VAL B 129 1.09 20.45 14.33
C VAL B 129 2.39 20.97 13.75
N ASN B 130 3.30 21.39 14.62
CA ASN B 130 4.61 21.93 14.25
C ASN B 130 5.66 21.02 14.87
N ILE B 131 6.50 20.43 14.03
CA ILE B 131 7.49 19.45 14.49
C ILE B 131 8.91 20.04 14.48
N GLU B 132 9.04 21.37 14.49
CA GLU B 132 10.36 21.97 14.58
C GLU B 132 11.08 21.56 15.86
N LEU B 133 10.32 21.39 16.95
CA LEU B 133 10.94 21.00 18.22
C LEU B 133 11.43 19.56 18.18
N HIS B 134 10.83 18.72 17.35
CA HIS B 134 11.35 17.36 17.19
C HIS B 134 12.75 17.38 16.59
N HIS B 135 13.00 18.31 15.65
CA HIS B 135 14.31 18.41 15.04
C HIS B 135 15.33 18.98 16.02
N LEU B 136 14.91 19.96 16.83
CA LEU B 136 15.83 20.61 17.75
C LEU B 136 16.17 19.75 18.96
N LEU B 137 15.22 18.93 19.42
CA LEU B 137 15.39 18.19 20.67
C LEU B 137 15.86 16.75 20.48
N SER B 138 15.73 16.19 19.28
CA SER B 138 16.12 14.80 19.07
C SER B 138 17.61 14.59 19.35
N GLU B 139 18.43 15.56 18.98
CA GLU B 139 19.87 15.45 19.21
C GLU B 139 20.20 15.41 20.70
N HIS B 140 19.50 16.22 21.49
CA HIS B 140 19.84 16.36 22.91
C HIS B 140 19.28 15.25 23.77
N LEU B 141 18.28 14.50 23.30
CA LEU B 141 17.54 13.57 24.15
C LEU B 141 17.47 12.16 23.60
N THR B 142 18.13 11.85 22.49
CA THR B 142 18.10 10.51 21.94
C THR B 142 19.50 10.07 21.55
N LEU B 143 19.65 8.77 21.34
CA LEU B 143 20.93 8.16 21.00
C LEU B 143 21.30 8.51 19.56
N THR B 144 22.26 9.41 19.40
CA THR B 144 22.75 9.77 18.07
C THR B 144 23.68 8.67 17.56
N ALA B 145 24.31 8.90 16.41
CA ALA B 145 25.27 7.93 15.88
C ALA B 145 26.55 7.94 16.69
N LYS B 146 27.03 9.12 17.07
CA LYS B 146 28.22 9.22 17.91
C LYS B 146 28.02 8.48 19.23
N ASP B 147 26.84 8.64 19.84
CA ASP B 147 26.56 7.94 21.09
C ASP B 147 26.52 6.43 20.90
N GLU B 148 26.00 5.98 19.75
CA GLU B 148 25.86 4.55 19.51
C GLU B 148 27.20 3.85 19.43
N ARG B 149 28.23 4.52 18.91
CA ARG B 149 29.55 3.92 18.84
C ARG B 149 30.14 3.72 20.23
N ASN B 150 29.93 4.68 21.13
CA ASN B 150 30.47 4.60 22.48
C ASN B 150 29.63 3.73 23.41
N LEU B 151 28.48 3.23 22.95
CA LEU B 151 27.61 2.40 23.77
C LEU B 151 28.02 0.94 23.62
N ASN B 152 28.43 0.32 24.71
CA ASN B 152 28.76 -1.10 24.67
C ASN B 152 27.52 -1.92 25.01
N GLU B 153 27.57 -3.21 24.67
CA GLU B 153 26.38 -4.04 24.78
C GLU B 153 25.96 -4.23 26.23
N GLU B 154 26.93 -4.33 27.15
CA GLU B 154 26.62 -4.63 28.54
C GLU B 154 25.90 -3.48 29.24
N GLN B 155 26.23 -2.22 28.89
CA GLN B 155 25.53 -1.10 29.52
C GLN B 155 24.13 -0.93 28.96
N LEU B 156 23.90 -1.28 27.68
CA LEU B 156 22.54 -1.34 27.18
C LEU B 156 21.77 -2.47 27.85
N THR B 157 22.42 -3.63 28.02
CA THR B 157 21.80 -4.75 28.71
C THR B 157 21.39 -4.35 30.13
N LYS B 158 22.24 -3.58 30.80
CA LYS B 158 21.93 -3.15 32.17
C LYS B 158 20.71 -2.23 32.19
N TYR B 159 20.64 -1.30 31.24
CA TYR B 159 19.49 -0.40 31.18
C TYR B 159 18.21 -1.17 30.91
N LEU B 160 18.28 -2.23 30.10
CA LEU B 160 17.08 -2.91 29.65
C LEU B 160 16.48 -3.84 30.70
N THR B 161 17.25 -4.22 31.73
CA THR B 161 16.63 -4.99 32.83
C THR B 161 15.99 -4.08 33.88
N ASN B 162 16.26 -2.77 33.83
CA ASN B 162 15.59 -1.81 34.69
C ASN B 162 14.35 -1.21 34.02
N PHE B 163 14.42 -0.92 32.72
CA PHE B 163 13.34 -0.23 32.03
C PHE B 163 12.74 -1.01 30.87
N GLN B 164 13.25 -2.22 30.59
CA GLN B 164 12.58 -3.22 29.76
C GLN B 164 12.55 -2.91 28.26
N VAL B 165 12.41 -1.64 27.88
CA VAL B 165 12.17 -1.30 26.48
C VAL B 165 13.19 -0.28 26.00
N LYS B 166 13.41 -0.26 24.68
CA LYS B 166 14.32 0.67 24.02
C LYS B 166 13.64 1.96 23.60
N THR B 167 12.41 2.21 24.07
CA THR B 167 11.62 3.35 23.62
C THR B 167 12.35 4.66 23.88
N GLN B 168 12.41 5.50 22.84
CA GLN B 168 12.98 6.84 22.94
C GLN B 168 12.01 7.95 22.60
N TYR B 169 10.98 7.68 21.80
CA TYR B 169 9.96 8.65 21.46
C TYR B 169 8.58 8.10 21.81
N VAL B 170 7.72 8.96 22.35
CA VAL B 170 6.31 8.69 22.50
C VAL B 170 5.53 9.92 22.06
N VAL B 171 4.54 9.74 21.21
CA VAL B 171 3.70 10.82 20.72
C VAL B 171 2.32 10.69 21.35
N ALA B 172 1.78 11.81 21.82
CA ALA B 172 0.46 11.86 22.42
C ALA B 172 -0.44 12.77 21.60
N LEU B 173 -1.65 12.29 21.34
CA LEU B 173 -2.69 13.07 20.67
C LEU B 173 -3.72 13.46 21.71
N ASP B 174 -3.83 14.76 21.99
CA ASP B 174 -4.83 15.28 22.91
C ASP B 174 -6.08 15.61 22.11
N LEU B 175 -7.08 14.72 22.17
CA LEU B 175 -8.29 14.85 21.36
C LEU B 175 -9.20 15.92 21.96
N ARG B 176 -8.74 17.16 21.89
CA ARG B 176 -9.53 18.28 22.39
C ARG B 176 -10.69 18.55 21.44
N LYS B 177 -11.84 18.91 22.02
CA LYS B 177 -13.02 19.18 21.22
C LYS B 177 -12.87 20.40 20.32
N THR B 178 -11.86 21.24 20.58
CA THR B 178 -11.56 22.36 19.71
C THR B 178 -10.54 22.02 18.64
N GLY B 179 -9.96 20.83 18.68
CA GLY B 179 -8.96 20.40 17.71
C GLY B 179 -7.82 19.65 18.38
N ILE B 180 -7.22 18.73 17.62
CA ILE B 180 -6.16 17.88 18.16
C ILE B 180 -4.92 18.71 18.45
N VAL B 181 -4.31 18.46 19.59
CA VAL B 181 -2.99 18.99 19.94
C VAL B 181 -2.06 17.80 20.14
N ALA B 182 -0.84 17.91 19.61
CA ALA B 182 0.12 16.83 19.63
C ALA B 182 1.24 17.13 20.62
N LYS B 183 1.65 16.11 21.38
CA LYS B 183 2.73 16.22 22.34
C LYS B 183 3.74 15.09 22.09
N GLU B 184 5.02 15.40 22.28
CA GLU B 184 6.09 14.44 22.07
C GLU B 184 6.90 14.28 23.36
N TYR B 185 7.19 13.02 23.69
CA TYR B 185 7.95 12.68 24.89
C TYR B 185 9.30 12.09 24.49
N PHE B 186 10.38 12.65 25.03
CA PHE B 186 11.73 12.21 24.75
C PHE B 186 12.30 11.52 25.98
N PHE B 187 12.72 10.26 25.82
CA PHE B 187 13.30 9.49 26.91
C PHE B 187 14.80 9.34 26.71
N PRO B 188 15.64 10.04 27.46
CA PRO B 188 17.08 10.02 27.19
C PRO B 188 17.83 8.94 27.95
N GLY B 189 17.12 7.92 28.42
CA GLY B 189 17.77 6.89 29.22
C GLY B 189 18.85 6.14 28.46
N ILE B 190 18.55 5.75 27.21
CA ILE B 190 19.52 5.02 26.41
C ILE B 190 20.69 5.93 26.03
N LYS B 191 20.40 7.19 25.72
CA LYS B 191 21.47 8.13 25.38
C LYS B 191 22.41 8.35 26.57
N CYS B 192 21.87 8.36 27.78
CA CYS B 192 22.68 8.60 28.97
C CYS B 192 23.54 7.40 29.33
N ALA B 193 23.08 6.18 29.03
CA ALA B 193 23.91 5.00 29.22
C ALA B 193 25.08 4.94 28.26
N ALA B 194 25.14 5.83 27.27
CA ALA B 194 26.25 5.91 26.33
C ALA B 194 27.18 7.07 26.61
N THR B 195 26.64 8.21 27.08
CA THR B 195 27.44 9.38 27.37
C THR B 195 27.82 9.52 28.83
N GLY B 196 27.23 8.70 29.71
CA GLY B 196 27.38 8.89 31.14
C GLY B 196 26.70 10.12 31.68
N GLN B 197 25.97 10.86 30.85
CA GLN B 197 25.28 12.06 31.26
C GLN B 197 24.21 11.74 32.29
N THR B 198 23.81 12.75 33.04
CA THR B 198 22.65 12.58 33.90
C THR B 198 21.38 13.02 33.16
N GLY B 199 20.24 12.51 33.62
CA GLY B 199 18.97 12.86 32.98
C GLY B 199 18.67 14.35 33.04
N SER B 200 19.12 15.02 34.11
CA SER B 200 18.88 16.45 34.23
C SER B 200 19.78 17.23 33.28
N ASN B 201 21.00 16.75 33.03
CA ASN B 201 21.88 17.38 32.06
C ASN B 201 21.25 17.37 30.67
N ALA B 202 20.68 16.23 30.27
CA ALA B 202 20.05 16.13 28.96
C ALA B 202 18.78 16.96 28.89
N CYS B 203 17.87 16.78 29.87
CA CYS B 203 16.58 17.47 29.84
C CYS B 203 16.77 18.98 29.92
N PHE B 204 17.45 19.45 30.96
CA PHE B 204 17.61 20.89 31.15
C PHE B 204 18.55 21.50 30.11
N GLY B 205 19.50 20.70 29.60
CA GLY B 205 20.32 21.20 28.51
C GLY B 205 19.54 21.39 27.23
N ALA B 206 18.60 20.47 26.94
CA ALA B 206 17.75 20.62 25.76
C ALA B 206 16.85 21.84 25.88
N ILE B 207 16.30 22.09 27.07
CA ILE B 207 15.43 23.25 27.28
C ILE B 207 16.21 24.54 27.07
N ARG B 208 17.40 24.63 27.66
CA ARG B 208 18.21 25.84 27.52
C ARG B 208 18.71 26.03 26.10
N ALA B 209 18.85 24.94 25.33
CA ALA B 209 19.27 25.06 23.94
C ALA B 209 18.17 25.67 23.08
N VAL B 210 16.91 25.35 23.38
CA VAL B 210 15.80 25.96 22.66
C VAL B 210 15.47 27.32 23.24
N ASP B 211 15.35 27.41 24.56
CA ASP B 211 15.16 28.68 25.26
C ASP B 211 16.48 29.45 25.23
N LYS B 212 16.75 30.06 24.07
CA LYS B 212 18.02 30.75 23.87
C LYS B 212 18.06 32.10 24.57
N ASP B 213 16.90 32.72 24.79
CA ASP B 213 16.83 34.00 25.49
C ASP B 213 16.77 33.85 27.00
N GLY B 214 16.61 32.64 27.51
CA GLY B 214 16.66 32.42 28.94
C GLY B 214 15.40 32.73 29.70
N HIS B 215 14.23 32.65 29.05
CA HIS B 215 12.98 32.92 29.76
C HIS B 215 12.67 31.84 30.79
N LEU B 216 13.21 30.64 30.62
CA LEU B 216 12.90 29.50 31.48
C LEU B 216 14.04 29.12 32.41
N ASP B 217 15.17 29.83 32.37
CA ASP B 217 16.35 29.41 33.12
C ASP B 217 16.08 29.45 34.62
N SER B 218 15.56 30.59 35.11
CA SER B 218 15.28 30.74 36.54
C SER B 218 14.38 29.61 37.03
N LEU B 219 13.35 29.28 36.25
CA LEU B 219 12.46 28.18 36.63
C LEU B 219 13.20 26.85 36.63
N CYS B 220 14.14 26.66 35.70
CA CYS B 220 14.87 25.40 35.64
C CYS B 220 15.82 25.24 36.82
N GLN B 221 16.50 26.33 37.20
CA GLN B 221 17.38 26.27 38.37
C GLN B 221 16.60 25.89 39.62
N LEU B 222 15.37 26.41 39.75
CA LEU B 222 14.52 26.05 40.87
C LEU B 222 14.21 24.57 40.88
N ILE B 223 13.84 24.02 39.71
CA ILE B 223 13.50 22.60 39.62
C ILE B 223 14.75 21.76 39.79
N GLU B 224 15.89 22.21 39.24
CA GLU B 224 17.14 21.48 39.41
C GLU B 224 17.53 21.43 40.88
N ALA B 225 17.47 22.57 41.57
CA ALA B 225 17.85 22.64 42.98
C ALA B 225 17.06 21.63 43.81
N HIS B 226 15.78 21.44 43.49
CA HIS B 226 14.99 20.43 44.18
C HIS B 226 15.47 19.02 43.83
N PHE B 227 15.78 18.79 42.55
CA PHE B 227 16.22 17.46 42.14
C PHE B 227 17.55 17.09 42.79
N GLN B 228 18.47 18.05 42.87
CA GLN B 228 19.74 17.80 43.56
C GLN B 228 19.51 17.52 45.04
N GLN B 229 18.75 18.38 45.71
CA GLN B 229 18.58 18.27 47.15
C GLN B 229 17.78 17.02 47.53
N SER B 230 16.73 16.70 46.77
CA SER B 230 15.92 15.52 47.04
C SER B 230 16.56 14.22 46.56
N LYS B 231 17.67 14.31 45.82
CA LYS B 231 18.37 13.15 45.27
C LYS B 231 17.46 12.36 44.33
N ILE B 232 17.15 13.01 43.20
CA ILE B 232 16.39 12.38 42.13
C ILE B 232 16.88 12.95 40.82
N ASP B 233 16.75 12.16 39.76
CA ASP B 233 17.21 12.53 38.43
C ASP B 233 16.02 12.68 37.48
N ASP B 234 16.11 13.66 36.58
CA ASP B 234 15.06 13.88 35.59
C ASP B 234 14.87 12.62 34.75
N ALA B 235 13.62 12.18 34.64
CA ALA B 235 13.31 10.94 33.94
C ALA B 235 13.17 11.15 32.44
N PHE B 236 12.27 12.04 32.03
CA PHE B 236 12.11 12.37 30.62
C PHE B 236 11.48 13.76 30.53
N LEU B 237 11.22 14.19 29.29
CA LEU B 237 10.78 15.55 29.03
C LEU B 237 9.70 15.53 27.96
N CYS B 238 8.76 16.47 28.07
CA CYS B 238 7.64 16.58 27.14
C CYS B 238 7.58 17.99 26.58
N CYS B 239 7.09 18.09 25.34
CA CYS B 239 6.93 19.38 24.68
C CYS B 239 5.62 19.39 23.90
N ASP B 240 5.17 20.60 23.58
CA ASP B 240 4.01 20.79 22.72
C ASP B 240 4.47 20.95 21.28
N LEU B 241 3.89 20.16 20.38
CA LEU B 241 4.28 20.18 18.96
C LEU B 241 3.66 21.40 18.28
N VAL B 242 4.13 22.58 18.71
CA VAL B 242 3.69 23.86 18.18
C VAL B 242 4.92 24.70 17.88
N ASP B 243 4.73 25.99 17.62
CA ASP B 243 5.85 26.90 17.43
C ASP B 243 6.77 26.83 18.65
N PRO B 244 8.09 26.80 18.45
CA PRO B 244 8.99 26.65 19.62
C PRO B 244 8.82 27.74 20.66
N ALA B 245 8.55 28.97 20.24
CA ALA B 245 8.38 30.07 21.20
C ALA B 245 7.07 29.98 21.97
N HIS B 246 6.17 29.07 21.60
CA HIS B 246 4.86 28.98 22.24
C HIS B 246 4.62 27.63 22.91
N THR B 247 5.65 26.82 23.07
CA THR B 247 5.49 25.48 23.62
C THR B 247 5.55 25.49 25.15
N ARG B 248 5.10 24.38 25.74
CA ARG B 248 5.23 24.14 27.17
C ARG B 248 6.14 22.93 27.36
N PHE B 249 7.23 23.13 28.11
CA PHE B 249 8.07 22.02 28.52
C PHE B 249 7.57 21.45 29.84
N LYS B 250 7.74 20.14 30.00
CA LYS B 250 7.35 19.45 31.23
C LYS B 250 8.41 18.39 31.53
N VAL B 251 9.16 18.58 32.60
CA VAL B 251 10.18 17.63 33.03
C VAL B 251 9.54 16.64 34.00
N TYR B 252 9.64 15.35 33.68
CA TYR B 252 9.08 14.29 34.48
C TYR B 252 10.14 13.68 35.40
N ILE B 253 9.67 13.08 36.48
CA ILE B 253 10.53 12.29 37.38
C ILE B 253 9.78 11.05 37.80
N ALA B 254 10.52 9.96 37.95
CA ALA B 254 9.99 8.70 38.46
C ALA B 254 10.73 8.34 39.74
N ASP B 255 9.99 8.03 40.79
CA ASP B 255 10.56 7.79 42.10
C ASP B 255 10.12 6.40 42.60
N PRO B 256 11.05 5.48 42.84
CA PRO B 256 10.65 4.15 43.32
C PRO B 256 10.16 4.15 44.76
N LEU B 257 10.37 5.24 45.51
CA LEU B 257 9.89 5.34 46.89
C LEU B 257 8.45 5.84 46.85
N VAL B 258 7.51 4.90 46.87
CA VAL B 258 6.08 5.23 46.74
C VAL B 258 5.55 5.42 48.16
N THR B 259 5.75 6.63 48.68
CA THR B 259 5.21 7.03 49.97
C THR B 259 4.57 8.40 49.87
N LEU B 260 3.54 8.62 50.68
CA LEU B 260 2.88 9.92 50.71
C LEU B 260 3.86 11.03 51.08
N ALA B 261 4.78 10.75 51.99
CA ALA B 261 5.77 11.75 52.38
C ALA B 261 6.72 12.08 51.23
N ARG B 262 7.10 11.06 50.44
CA ARG B 262 7.96 11.31 49.30
C ARG B 262 7.23 12.11 48.23
N ALA B 263 5.96 11.79 47.97
CA ALA B 263 5.18 12.58 47.03
C ALA B 263 4.98 13.99 47.53
N GLU B 264 4.77 14.15 48.84
CA GLU B 264 4.59 15.49 49.41
C GLU B 264 5.84 16.34 49.21
N GLU B 265 7.02 15.74 49.36
CA GLU B 265 8.26 16.50 49.16
C GLU B 265 8.39 16.97 47.71
N HIS B 266 7.97 16.14 46.76
CA HIS B 266 8.08 16.51 45.35
C HIS B 266 7.02 17.51 44.95
N TRP B 267 5.80 17.36 45.50
CA TRP B 267 4.72 18.29 45.15
C TRP B 267 5.07 19.73 45.52
N THR B 268 5.73 19.92 46.66
CA THR B 268 6.11 21.25 47.13
C THR B 268 7.52 21.65 46.73
N LEU B 269 8.21 20.82 45.93
CA LEU B 269 9.61 21.05 45.54
C LEU B 269 10.50 21.17 46.78
N GLY B 270 10.31 20.26 47.72
CA GLY B 270 11.06 20.30 48.97
C GLY B 270 10.81 21.55 49.78
N GLY B 271 9.56 22.02 49.81
CA GLY B 271 9.23 23.23 50.54
C GLY B 271 9.45 24.52 49.79
N ARG B 272 9.78 24.46 48.50
CA ARG B 272 9.99 25.67 47.71
C ARG B 272 8.68 26.29 47.24
N LEU B 273 7.61 25.50 47.15
CA LEU B 273 6.28 26.01 46.78
C LEU B 273 5.49 26.20 48.06
N THR B 274 5.26 27.46 48.44
CA THR B 274 4.56 27.79 49.68
C THR B 274 3.25 28.55 49.42
N ASP B 275 2.78 28.59 48.19
CA ASP B 275 1.55 29.31 47.88
C ASP B 275 0.33 28.54 48.37
N GLU B 276 -0.82 29.20 48.29
CA GLU B 276 -2.06 28.62 48.82
C GLU B 276 -2.52 27.44 47.97
N ASP B 277 -2.36 27.52 46.66
CA ASP B 277 -2.87 26.46 45.79
C ASP B 277 -2.08 25.17 45.98
N ALA B 278 -0.75 25.26 46.13
CA ALA B 278 0.04 24.08 46.42
C ALA B 278 -0.35 23.47 47.77
N ALA B 279 -0.63 24.34 48.75
CA ALA B 279 -1.03 23.84 50.07
C ALA B 279 -2.41 23.20 50.02
N VAL B 280 -3.37 23.87 49.38
CA VAL B 280 -4.73 23.33 49.32
C VAL B 280 -4.78 22.09 48.44
N GLY B 281 -4.04 22.10 47.33
CA GLY B 281 -4.00 20.92 46.48
C GLY B 281 -3.34 19.73 47.16
N LEU B 282 -2.28 19.99 47.94
CA LEU B 282 -1.59 18.91 48.64
C LEU B 282 -2.51 18.22 49.64
N GLU B 283 -3.36 18.99 50.32
CA GLU B 283 -4.27 18.39 51.30
C GLU B 283 -5.28 17.48 50.64
N ILE B 284 -5.72 17.80 49.42
CA ILE B 284 -6.60 16.89 48.69
C ILE B 284 -5.84 15.63 48.29
N ILE B 285 -4.57 15.77 47.91
CA ILE B 285 -3.75 14.63 47.53
C ILE B 285 -3.65 13.64 48.69
N ARG B 286 -3.33 14.14 49.88
CA ARG B 286 -3.21 13.26 51.05
C ARG B 286 -4.50 12.51 51.33
N GLY B 287 -5.65 13.12 51.02
CA GLY B 287 -6.92 12.44 51.24
C GLY B 287 -7.16 11.35 50.21
N LEU B 288 -6.94 11.67 48.93
CA LEU B 288 -7.10 10.66 47.88
C LEU B 288 -6.11 9.52 48.05
N TRP B 289 -4.84 9.85 48.30
CA TRP B 289 -3.81 8.83 48.50
C TRP B 289 -4.20 7.87 49.62
N SER B 290 -4.67 8.42 50.74
CA SER B 290 -4.97 7.58 51.90
C SER B 290 -6.18 6.68 51.64
N GLU B 291 -7.26 7.24 51.12
CA GLU B 291 -8.46 6.44 50.90
C GLU B 291 -8.27 5.46 49.74
N LEU B 292 -7.50 5.85 48.72
CA LEU B 292 -7.15 4.90 47.67
C LEU B 292 -6.25 3.79 48.19
N GLY B 293 -5.41 4.08 49.17
CA GLY B 293 -4.48 3.12 49.69
C GLY B 293 -3.40 2.77 48.70
N ILE B 294 -2.68 3.78 48.20
CA ILE B 294 -1.57 3.53 47.29
C ILE B 294 -0.57 2.62 47.98
N ILE B 295 -0.10 1.61 47.24
CA ILE B 295 0.73 0.55 47.80
C ILE B 295 2.18 1.01 47.84
N GLN B 296 2.87 0.68 48.94
CA GLN B 296 4.27 1.02 49.13
C GLN B 296 5.15 0.49 48.00
N SER B 302 14.03 -1.76 43.54
CA SER B 302 13.92 -1.48 42.11
C SER B 302 13.41 -2.71 41.36
N ALA B 303 13.16 -3.79 42.10
CA ALA B 303 12.60 -5.02 41.55
C ALA B 303 11.10 -5.12 41.81
N MET B 304 10.41 -3.98 41.81
CA MET B 304 8.96 -3.96 41.97
C MET B 304 8.22 -4.39 40.71
N MET B 305 8.90 -4.45 39.57
CA MET B 305 8.25 -4.89 38.34
C MET B 305 7.77 -6.33 38.44
N GLU B 306 8.42 -7.14 39.28
CA GLU B 306 7.97 -8.51 39.47
C GLU B 306 6.60 -8.56 40.13
N LYS B 307 6.32 -7.62 41.02
CA LYS B 307 5.05 -7.54 41.71
C LYS B 307 3.98 -6.78 40.92
N GLY B 308 4.34 -6.23 39.76
CA GLY B 308 3.40 -5.45 38.98
C GLY B 308 3.11 -4.06 39.51
N LEU B 309 3.87 -3.59 40.48
CA LEU B 309 3.66 -2.28 41.07
C LEU B 309 4.44 -1.22 40.31
N LEU B 310 3.90 -0.01 40.28
CA LEU B 310 4.47 1.12 39.58
C LEU B 310 5.02 2.15 40.56
N PRO B 311 5.99 2.97 40.15
CA PRO B 311 6.50 4.02 41.02
C PRO B 311 5.56 5.22 41.04
N ILE B 312 5.95 6.25 41.76
CA ILE B 312 5.25 7.52 41.68
C ILE B 312 5.93 8.37 40.61
N MET B 313 5.15 9.23 39.97
CA MET B 313 5.66 10.11 38.93
C MET B 313 5.15 11.52 39.16
N LEU B 314 5.92 12.48 38.68
CA LEU B 314 5.53 13.88 38.69
C LEU B 314 6.08 14.55 37.44
N ASN B 315 5.46 15.66 37.06
CA ASN B 315 6.03 16.53 36.04
C ASN B 315 5.83 17.98 36.47
N TYR B 316 6.73 18.84 36.00
CA TYR B 316 6.73 20.25 36.35
C TYR B 316 6.69 21.05 35.07
N GLU B 317 5.61 21.82 34.90
CA GLU B 317 5.36 22.56 33.67
C GLU B 317 6.02 23.92 33.71
N MET B 318 6.56 24.35 32.57
CA MET B 318 7.19 25.66 32.43
C MET B 318 6.74 26.30 31.13
N LYS B 319 6.15 27.48 31.23
CA LYS B 319 5.96 28.37 30.09
C LYS B 319 6.71 29.67 30.37
N ALA B 320 6.94 30.44 29.30
CA ALA B 320 7.79 31.62 29.42
C ALA B 320 7.30 32.57 30.51
N GLY B 321 6.02 32.93 30.47
CA GLY B 321 5.48 33.87 31.42
C GLY B 321 5.04 33.26 32.73
N GLN B 322 5.81 32.31 33.24
CA GLN B 322 5.53 31.66 34.53
C GLN B 322 6.47 32.16 35.60
N ARG B 323 5.93 32.36 36.80
CA ARG B 323 6.74 32.79 37.93
C ARG B 323 7.32 31.60 38.70
N LEU B 324 6.53 30.56 38.90
CA LEU B 324 6.95 29.34 39.57
C LEU B 324 6.44 28.14 38.80
N PRO B 325 7.13 27.00 38.87
CA PRO B 325 6.67 25.82 38.13
C PRO B 325 5.36 25.29 38.69
N LYS B 326 4.69 24.48 37.86
CA LYS B 326 3.38 23.92 38.20
C LYS B 326 3.47 22.40 38.25
N PRO B 327 3.26 21.79 39.41
CA PRO B 327 3.42 20.33 39.52
C PRO B 327 2.16 19.56 39.15
N LYS B 328 2.40 18.32 38.72
CA LYS B 328 1.34 17.34 38.50
C LYS B 328 1.84 16.01 39.07
N LEU B 329 0.95 15.29 39.74
CA LEU B 329 1.33 14.08 40.47
C LEU B 329 0.61 12.88 39.88
N TYR B 330 1.36 11.81 39.63
CA TYR B 330 0.82 10.55 39.12
C TYR B 330 0.91 9.51 40.23
N MET B 331 -0.22 8.94 40.61
CA MET B 331 -0.29 7.97 41.69
C MET B 331 -0.46 6.57 41.12
N PRO B 332 0.43 5.62 41.44
CA PRO B 332 0.29 4.27 40.89
C PRO B 332 -0.90 3.54 41.51
N LEU B 333 -1.76 2.99 40.66
CA LEU B 333 -2.97 2.32 41.09
C LEU B 333 -2.94 0.81 40.89
N THR B 334 -1.84 0.26 40.40
CA THR B 334 -1.74 -1.18 40.23
C THR B 334 -1.72 -1.88 41.59
N GLY B 335 -2.39 -3.03 41.67
CA GLY B 335 -2.59 -3.72 42.92
C GLY B 335 -3.86 -3.33 43.66
N ILE B 336 -4.44 -2.17 43.34
CA ILE B 336 -5.69 -1.73 43.95
C ILE B 336 -6.85 -2.28 43.13
N PRO B 337 -7.84 -2.92 43.75
CA PRO B 337 -9.00 -3.40 42.98
C PRO B 337 -9.73 -2.26 42.30
N GLU B 338 -10.28 -2.57 41.12
CA GLU B 338 -10.87 -1.52 40.28
C GLU B 338 -12.13 -0.94 40.90
N THR B 339 -12.91 -1.75 41.63
CA THR B 339 -14.14 -1.25 42.22
C THR B 339 -13.85 -0.28 43.37
N LYS B 340 -12.77 -0.49 44.12
CA LYS B 340 -12.40 0.45 45.16
C LYS B 340 -12.04 1.80 44.56
N ILE B 341 -11.27 1.81 43.47
CA ILE B 341 -10.94 3.06 42.78
C ILE B 341 -12.22 3.72 42.29
N ALA B 342 -13.17 2.92 41.81
CA ALA B 342 -14.43 3.47 41.31
C ALA B 342 -15.20 4.17 42.44
N ARG B 343 -15.21 3.58 43.63
CA ARG B 343 -15.91 4.18 44.76
C ARG B 343 -15.25 5.49 45.19
N ILE B 344 -13.91 5.54 45.15
CA ILE B 344 -13.21 6.76 45.55
C ILE B 344 -13.43 7.87 44.52
N MET B 345 -13.40 7.52 43.23
CA MET B 345 -13.64 8.52 42.19
C MET B 345 -15.07 9.03 42.25
N THR B 346 -16.04 8.14 42.47
CA THR B 346 -17.43 8.55 42.59
C THR B 346 -17.61 9.54 43.75
N ALA B 347 -17.08 9.19 44.92
CA ALA B 347 -17.19 10.09 46.07
C ALA B 347 -16.46 11.40 45.83
N PHE B 348 -15.36 11.36 45.08
CA PHE B 348 -14.64 12.60 44.76
C PHE B 348 -15.48 13.50 43.86
N PHE B 349 -16.15 12.92 42.87
CA PHE B 349 -16.97 13.72 41.97
C PHE B 349 -18.18 14.30 42.69
N GLN B 350 -18.81 13.51 43.56
CA GLN B 350 -19.91 14.01 44.37
C GLN B 350 -19.46 15.17 45.25
N ARG B 351 -18.23 15.10 45.75
CA ARG B 351 -17.73 16.10 46.68
C ARG B 351 -17.41 17.41 45.98
N HIS B 352 -17.00 17.35 44.73
CA HIS B 352 -16.52 18.53 44.00
C HIS B 352 -17.53 18.97 42.94
N ASP B 353 -18.82 18.83 43.24
CA ASP B 353 -19.90 19.27 42.36
C ASP B 353 -19.73 18.77 40.94
N MET B 354 -19.62 17.44 40.80
CA MET B 354 -19.61 16.78 39.50
C MET B 354 -20.51 15.55 39.60
N PRO B 355 -21.83 15.76 39.70
CA PRO B 355 -22.71 14.63 39.98
C PRO B 355 -22.86 13.66 38.82
N GLU B 356 -22.94 14.17 37.59
CA GLU B 356 -23.09 13.29 36.44
C GLU B 356 -21.84 12.46 36.17
N GLN B 357 -20.66 12.94 36.60
CA GLN B 357 -19.47 12.12 36.51
C GLN B 357 -19.49 10.98 37.52
N ALA B 358 -19.98 11.25 38.73
CA ALA B 358 -20.09 10.21 39.75
C ALA B 358 -21.23 9.24 39.44
N GLU B 359 -22.28 9.73 38.79
CA GLU B 359 -23.44 8.89 38.48
C GLU B 359 -23.05 7.74 37.54
N VAL B 360 -22.09 7.97 36.66
CA VAL B 360 -21.84 7.08 35.53
C VAL B 360 -20.45 6.45 35.55
N PHE B 361 -19.60 6.83 36.52
CA PHE B 361 -18.20 6.39 36.50
C PHE B 361 -18.08 4.87 36.53
N MET B 362 -18.77 4.22 37.47
CA MET B 362 -18.70 2.77 37.57
C MET B 362 -19.28 2.09 36.34
N GLU B 363 -20.33 2.68 35.76
CA GLU B 363 -20.92 2.14 34.54
C GLU B 363 -19.91 2.17 33.40
N ASN B 364 -19.38 3.34 33.09
CA ASN B 364 -18.43 3.48 31.99
C ASN B 364 -17.22 2.58 32.19
N LEU B 365 -16.71 2.50 33.42
CA LEU B 365 -15.54 1.67 33.69
C LEU B 365 -15.83 0.20 33.38
N GLN B 366 -17.01 -0.28 33.79
CA GLN B 366 -17.38 -1.66 33.46
C GLN B 366 -17.57 -1.85 31.96
N ALA B 367 -18.04 -0.83 31.25
CA ALA B 367 -18.20 -0.95 29.80
C ALA B 367 -16.85 -1.12 29.11
N TYR B 368 -15.82 -0.43 29.62
CA TYR B 368 -14.48 -0.55 29.03
C TYR B 368 -13.97 -1.99 29.12
N TYR B 369 -14.31 -2.69 30.20
CA TYR B 369 -13.92 -4.07 30.44
C TYR B 369 -15.21 -4.85 30.67
N GLU B 370 -15.90 -5.18 29.57
CA GLU B 370 -17.32 -5.51 29.63
C GLU B 370 -17.57 -6.80 30.42
N GLY B 371 -16.86 -7.87 30.10
CA GLY B 371 -17.06 -9.15 30.75
C GLY B 371 -16.14 -9.45 31.91
N LYS B 372 -15.43 -8.46 32.45
CA LYS B 372 -14.39 -8.68 33.42
C LYS B 372 -14.88 -8.43 34.84
N ASN B 373 -14.35 -9.21 35.78
CA ASN B 373 -14.67 -9.07 37.20
C ASN B 373 -13.85 -7.92 37.77
N LEU B 374 -14.47 -6.75 37.90
CA LEU B 374 -13.78 -5.56 38.36
C LEU B 374 -13.41 -5.64 39.83
N GLU B 375 -14.03 -6.55 40.58
CA GLU B 375 -13.70 -6.70 41.99
C GLU B 375 -12.34 -7.36 42.16
N GLU B 376 -11.96 -8.26 41.25
CA GLU B 376 -10.69 -8.97 41.32
C GLU B 376 -9.64 -8.37 40.41
N ALA B 377 -10.01 -7.46 39.51
CA ALA B 377 -9.04 -6.82 38.62
C ALA B 377 -8.29 -5.72 39.36
N THR B 378 -6.95 -5.74 39.25
CA THR B 378 -6.12 -4.74 39.91
C THR B 378 -5.17 -4.05 38.95
N ARG B 379 -5.30 -4.28 37.64
CA ARG B 379 -4.32 -3.75 36.69
C ARG B 379 -4.99 -3.14 35.46
N TYR B 380 -6.17 -2.55 35.62
CA TYR B 380 -6.83 -1.88 34.51
C TYR B 380 -6.59 -0.37 34.58
N GLN B 381 -7.11 0.27 35.62
CA GLN B 381 -6.76 1.66 35.90
C GLN B 381 -5.39 1.69 36.55
N ALA B 382 -4.41 2.27 35.87
CA ALA B 382 -3.01 2.17 36.27
C ALA B 382 -2.45 3.44 36.90
N TRP B 383 -2.86 4.61 36.45
CA TRP B 383 -2.37 5.88 36.99
C TRP B 383 -3.51 6.82 37.25
N LEU B 384 -3.48 7.49 38.41
CA LEU B 384 -4.38 8.60 38.70
C LEU B 384 -3.54 9.86 38.77
N SER B 385 -3.81 10.80 37.86
CA SER B 385 -3.08 12.06 37.79
C SER B 385 -3.84 13.14 38.57
N PHE B 386 -3.08 14.04 39.19
CA PHE B 386 -3.67 15.11 39.99
C PHE B 386 -2.99 16.44 39.68
N ALA B 387 -3.81 17.45 39.40
CA ALA B 387 -3.35 18.83 39.33
C ALA B 387 -4.44 19.71 39.93
N TYR B 388 -4.07 20.94 40.28
CA TYR B 388 -5.00 21.81 40.98
C TYR B 388 -4.68 23.27 40.71
N THR B 389 -5.71 24.04 40.42
CA THR B 389 -5.69 25.50 40.50
C THR B 389 -6.87 25.94 41.35
N LYS B 390 -6.90 27.22 41.70
CA LYS B 390 -8.07 27.72 42.41
C LYS B 390 -9.15 28.20 41.46
N GLU B 391 -8.75 28.79 40.32
CA GLU B 391 -9.72 29.18 39.30
C GLU B 391 -10.55 27.98 38.85
N LYS B 392 -9.89 26.98 38.29
CA LYS B 392 -10.54 25.69 38.08
C LYS B 392 -10.53 24.90 39.39
N GLY B 393 -10.99 23.66 39.33
CA GLY B 393 -10.97 22.81 40.50
C GLY B 393 -9.75 21.92 40.51
N PRO B 394 -9.80 20.84 41.29
CA PRO B 394 -8.80 19.77 41.11
C PRO B 394 -9.24 18.83 40.00
N TYR B 395 -8.42 18.67 38.97
CA TYR B 395 -8.79 17.85 37.82
C TYR B 395 -7.94 16.59 37.78
N LEU B 396 -8.61 15.44 37.72
CA LEU B 396 -7.98 14.13 37.70
C LEU B 396 -7.93 13.56 36.30
N SER B 397 -7.06 12.57 36.12
CA SER B 397 -6.95 11.81 34.88
C SER B 397 -6.63 10.37 35.23
N ILE B 398 -7.10 9.45 34.39
CA ILE B 398 -6.86 8.02 34.57
C ILE B 398 -6.21 7.47 33.31
N TYR B 399 -5.14 6.71 33.50
CA TYR B 399 -4.43 6.04 32.43
C TYR B 399 -4.67 4.55 32.54
N TYR B 400 -5.07 3.92 31.44
CA TYR B 400 -5.57 2.56 31.45
C TYR B 400 -4.55 1.57 30.92
N PHE B 401 -4.59 0.36 31.46
CA PHE B 401 -3.81 -0.77 31.00
C PHE B 401 -4.72 -1.78 30.31
N TRP B 402 -4.25 -2.35 29.20
CA TRP B 402 -5.06 -3.29 28.46
C TRP B 402 -5.16 -4.61 29.22
N PRO B 403 -6.27 -5.34 29.05
CA PRO B 403 -6.32 -6.71 29.55
C PRO B 403 -5.25 -7.55 28.88
N GLU B 404 -4.65 -8.45 29.65
CA GLU B 404 -3.58 -9.30 29.16
C GLU B 404 -4.06 -10.23 28.06
N MET C 1 19.86 -1.02 -20.98
CA MET C 1 18.43 -1.03 -21.24
C MET C 1 17.81 -2.38 -20.86
N ILE C 2 18.63 -3.43 -20.87
CA ILE C 2 18.11 -4.77 -20.61
C ILE C 2 17.54 -4.88 -19.19
N ALA C 3 18.13 -4.16 -18.24
CA ALA C 3 17.62 -4.19 -16.87
C ALA C 3 16.32 -3.40 -16.75
N TYR C 4 16.17 -2.34 -17.55
CA TYR C 4 14.91 -1.61 -17.58
C TYR C 4 13.79 -2.46 -18.15
N HIS C 5 14.03 -3.09 -19.32
CA HIS C 5 13.02 -3.97 -19.92
C HIS C 5 12.63 -5.08 -18.96
N THR C 6 13.60 -5.64 -18.24
CA THR C 6 13.34 -6.81 -17.40
C THR C 6 12.56 -6.41 -16.14
N LEU C 7 12.97 -5.32 -15.48
CA LEU C 7 12.22 -4.85 -14.32
C LEU C 7 10.83 -4.37 -14.71
N THR C 8 10.68 -3.80 -15.91
CA THR C 8 9.37 -3.40 -16.40
C THR C 8 8.40 -4.59 -16.42
N LYS C 9 8.90 -5.80 -16.63
CA LYS C 9 8.06 -6.99 -16.68
C LYS C 9 7.73 -7.55 -15.31
N ALA C 10 8.28 -6.99 -14.23
CA ALA C 10 8.09 -7.55 -12.89
C ALA C 10 7.69 -6.52 -11.85
N LEU C 11 7.72 -5.23 -12.16
CA LEU C 11 7.41 -4.18 -11.21
C LEU C 11 5.98 -3.70 -11.43
N LEU C 12 5.16 -3.76 -10.38
CA LEU C 12 3.77 -3.29 -10.42
C LEU C 12 3.70 -1.93 -9.74
N PHE C 13 3.70 -0.88 -10.53
CA PHE C 13 3.62 0.47 -9.96
C PHE C 13 2.18 0.76 -9.53
N PRO C 14 2.00 1.40 -8.36
CA PRO C 14 0.65 1.49 -7.78
C PRO C 14 -0.21 2.61 -8.36
N ASP C 15 0.35 3.58 -9.07
CA ASP C 15 -0.46 4.64 -9.66
C ASP C 15 0.20 5.13 -10.94
N ILE C 16 -0.59 5.88 -11.72
CA ILE C 16 -0.16 6.30 -13.05
C ILE C 16 0.99 7.30 -13.01
N ASP C 17 1.18 8.00 -11.90
CA ASP C 17 2.24 8.99 -11.82
C ASP C 17 3.60 8.35 -11.58
N GLN C 18 3.63 7.22 -10.86
CA GLN C 18 4.88 6.48 -10.72
C GLN C 18 5.20 5.70 -12.00
N TYR C 19 4.17 5.15 -12.64
CA TYR C 19 4.36 4.44 -13.91
C TYR C 19 5.00 5.34 -14.95
N GLN C 20 4.47 6.55 -15.10
CA GLN C 20 5.01 7.47 -16.11
C GLN C 20 6.39 7.97 -15.74
N HIS C 21 6.66 8.16 -14.44
CA HIS C 21 8.00 8.59 -14.02
C HIS C 21 9.02 7.49 -14.27
N TRP C 22 8.64 6.23 -14.05
CA TRP C 22 9.51 5.11 -14.36
C TRP C 22 9.87 5.10 -15.84
N HIS C 23 8.86 5.10 -16.72
CA HIS C 23 9.11 5.04 -18.15
C HIS C 23 9.71 6.32 -18.70
N HIS C 24 9.73 7.40 -17.92
CA HIS C 24 10.37 8.64 -18.34
C HIS C 24 11.84 8.69 -17.93
N VAL C 25 12.19 8.10 -16.79
CA VAL C 25 13.52 8.27 -16.19
C VAL C 25 14.34 6.99 -16.28
N ALA C 26 13.74 5.84 -16.04
CA ALA C 26 14.51 4.60 -16.00
C ALA C 26 15.22 4.27 -17.30
N PRO C 27 14.65 4.46 -18.49
CA PRO C 27 15.41 4.13 -19.72
C PRO C 27 16.72 4.90 -19.85
N MET C 28 16.71 6.20 -19.62
CA MET C 28 17.96 6.95 -19.67
C MET C 28 18.88 6.55 -18.52
N LEU C 29 18.31 6.28 -17.34
CA LEU C 29 19.12 5.83 -16.22
C LEU C 29 19.79 4.50 -16.53
N ALA C 30 19.05 3.56 -17.11
CA ALA C 30 19.63 2.26 -17.46
C ALA C 30 20.74 2.40 -18.49
N LYS C 31 20.55 3.31 -19.46
CA LYS C 31 21.61 3.56 -20.44
C LYS C 31 22.86 4.10 -19.77
N MET C 32 22.70 5.01 -18.80
CA MET C 32 23.85 5.59 -18.12
C MET C 32 24.57 4.56 -17.25
N LEU C 33 23.83 3.61 -16.68
CA LEU C 33 24.47 2.57 -15.86
C LEU C 33 25.26 1.61 -16.73
N VAL C 34 24.76 1.32 -17.94
CA VAL C 34 25.53 0.50 -18.88
C VAL C 34 26.74 1.28 -19.38
N ASP C 35 26.54 2.55 -19.75
CA ASP C 35 27.66 3.36 -20.21
C ASP C 35 28.69 3.59 -19.11
N GLY C 36 28.26 3.58 -17.85
CA GLY C 36 29.18 3.73 -16.73
C GLY C 36 29.88 2.47 -16.32
N LYS C 37 29.68 1.37 -17.05
CA LYS C 37 30.33 0.09 -16.78
C LYS C 37 29.93 -0.48 -15.43
N TYR C 38 28.75 -0.12 -14.94
CA TYR C 38 28.22 -0.75 -13.74
C TYR C 38 28.02 -2.24 -13.98
N SER C 39 28.19 -3.03 -12.92
CA SER C 39 27.87 -4.44 -13.03
C SER C 39 26.37 -4.61 -13.27
N ILE C 40 26.01 -5.75 -13.87
CA ILE C 40 24.61 -6.01 -14.16
C ILE C 40 23.79 -6.05 -12.89
N HIS C 41 24.43 -6.38 -11.76
CA HIS C 41 23.71 -6.45 -10.50
C HIS C 41 23.45 -5.07 -9.91
N GLN C 42 24.39 -4.14 -10.07
CA GLN C 42 24.16 -2.78 -9.60
C GLN C 42 23.16 -2.04 -10.49
N GLN C 43 23.11 -2.39 -11.78
CA GLN C 43 22.07 -1.85 -12.65
C GLN C 43 20.69 -2.22 -12.14
N TYR C 44 20.51 -3.49 -11.78
CA TYR C 44 19.23 -3.93 -11.23
C TYR C 44 18.98 -3.31 -9.86
N GLU C 45 20.02 -3.20 -9.04
CA GLU C 45 19.86 -2.65 -7.69
C GLU C 45 19.41 -1.20 -7.73
N TYR C 46 20.11 -0.38 -8.51
CA TYR C 46 19.84 1.06 -8.50
C TYR C 46 18.60 1.42 -9.29
N LEU C 47 18.23 0.63 -10.29
CA LEU C 47 16.96 0.84 -10.96
C LEU C 47 15.80 0.40 -10.07
N CYS C 48 15.92 -0.78 -9.46
CA CYS C 48 14.87 -1.24 -8.56
C CYS C 48 14.71 -0.30 -7.38
N LEU C 49 15.81 0.30 -6.93
CA LEU C 49 15.74 1.24 -5.82
C LEU C 49 15.15 2.58 -6.23
N PHE C 50 15.42 3.04 -7.46
CA PHE C 50 14.78 4.26 -7.95
C PHE C 50 13.27 4.10 -8.01
N ALA C 51 12.79 2.90 -8.33
CA ALA C 51 11.36 2.67 -8.45
C ALA C 51 10.71 2.50 -7.08
N GLN C 52 11.36 1.78 -6.17
CA GLN C 52 10.79 1.49 -4.87
C GLN C 52 10.87 2.68 -3.92
N LEU C 53 11.75 3.64 -4.18
CA LEU C 53 12.08 4.65 -3.19
C LEU C 53 11.99 6.07 -3.73
N VAL C 54 12.48 6.31 -4.95
CA VAL C 54 12.51 7.67 -5.48
C VAL C 54 11.23 8.02 -6.23
N ALA C 55 10.70 7.09 -7.02
CA ALA C 55 9.49 7.37 -7.78
C ALA C 55 8.30 7.75 -6.90
N PRO C 56 8.05 7.14 -5.74
CA PRO C 56 6.90 7.57 -4.91
C PRO C 56 6.96 9.02 -4.46
N VAL C 57 8.11 9.70 -4.54
CA VAL C 57 8.20 11.07 -4.04
C VAL C 57 8.60 12.02 -5.16
N LEU C 58 8.28 11.67 -6.40
CA LEU C 58 8.51 12.57 -7.52
C LEU C 58 7.29 13.42 -7.85
N GLY C 59 6.15 13.17 -7.21
CA GLY C 59 4.97 13.96 -7.40
C GLY C 59 4.12 13.47 -8.56
N PRO C 60 3.03 14.17 -8.85
CA PRO C 60 2.24 13.83 -10.04
C PRO C 60 3.02 14.15 -11.30
N TYR C 61 2.86 13.30 -12.31
CA TYR C 61 3.57 13.52 -13.56
C TYR C 61 3.11 14.84 -14.19
N PRO C 62 4.02 15.77 -14.48
CA PRO C 62 3.65 17.13 -14.89
C PRO C 62 3.39 17.25 -16.38
N SER C 63 2.32 16.60 -16.85
CA SER C 63 1.89 16.69 -18.24
C SER C 63 1.70 18.15 -18.63
N PRO C 64 1.85 18.50 -19.90
CA PRO C 64 1.69 19.90 -20.31
C PRO C 64 0.34 20.45 -19.90
N GLY C 65 0.33 21.67 -19.38
CA GLY C 65 -0.88 22.32 -18.94
C GLY C 65 -1.40 21.88 -17.58
N ARG C 66 -0.92 20.77 -17.05
CA ARG C 66 -1.40 20.29 -15.76
C ARG C 66 -1.01 21.27 -14.65
N ASP C 67 -1.93 21.47 -13.71
CA ASP C 67 -1.74 22.44 -12.62
C ASP C 67 -1.17 21.69 -11.42
N VAL C 68 0.15 21.55 -11.37
CA VAL C 68 0.82 20.84 -10.30
C VAL C 68 2.00 21.66 -9.80
N TYR C 69 2.41 21.37 -8.56
CA TYR C 69 3.66 21.89 -8.02
C TYR C 69 4.81 21.51 -8.94
N ARG C 70 5.60 22.51 -9.34
CA ARG C 70 6.59 22.32 -10.38
C ARG C 70 8.01 22.59 -9.88
N CYS C 71 8.95 21.87 -10.48
CA CYS C 71 10.37 22.01 -10.22
C CYS C 71 11.08 22.27 -11.53
N THR C 72 12.36 22.66 -11.45
CA THR C 72 13.17 22.89 -12.63
C THR C 72 14.38 21.97 -12.69
N LEU C 73 14.34 20.85 -11.99
CA LEU C 73 15.42 19.86 -12.08
C LEU C 73 15.39 19.18 -13.43
N GLY C 74 16.54 19.13 -14.10
CA GLY C 74 16.56 18.69 -15.48
C GLY C 74 15.81 19.62 -16.40
N GLY C 75 15.69 20.89 -16.03
CA GLY C 75 14.96 21.87 -16.82
C GLY C 75 13.52 22.09 -16.42
N ASN C 76 12.76 21.00 -16.22
CA ASN C 76 11.31 21.14 -16.07
C ASN C 76 10.65 20.06 -15.23
N MET C 77 11.40 19.29 -14.45
CA MET C 77 10.83 18.17 -13.71
C MET C 77 11.38 18.15 -12.29
N THR C 78 10.92 17.18 -11.51
CA THR C 78 11.35 17.00 -10.13
C THR C 78 12.49 16.00 -9.99
N VAL C 79 13.13 15.61 -11.10
CA VAL C 79 14.21 14.63 -11.08
C VAL C 79 15.21 15.02 -12.16
N GLU C 80 16.50 14.89 -11.84
CA GLU C 80 17.58 15.25 -12.74
C GLU C 80 18.65 14.18 -12.72
N LEU C 81 19.18 13.85 -13.90
CA LEU C 81 20.23 12.86 -14.04
C LEU C 81 21.54 13.53 -14.48
N SER C 82 22.65 12.96 -14.02
CA SER C 82 23.96 13.42 -14.40
C SER C 82 24.95 12.29 -14.19
N GLN C 83 26.10 12.39 -14.87
CA GLN C 83 27.13 11.38 -14.70
C GLN C 83 28.50 12.04 -14.68
N ASN C 84 29.42 11.39 -13.97
CA ASN C 84 30.79 11.87 -13.79
C ASN C 84 31.73 10.88 -14.45
N PHE C 85 32.63 11.39 -15.29
CA PHE C 85 33.42 10.56 -16.18
C PHE C 85 34.77 10.24 -15.56
N GLN C 86 35.04 8.96 -15.35
CA GLN C 86 36.26 8.46 -14.74
C GLN C 86 37.12 7.78 -15.79
N ARG C 87 38.24 7.22 -15.34
CA ARG C 87 39.20 6.62 -16.27
C ARG C 87 38.67 5.33 -16.88
N SER C 88 38.15 4.43 -16.04
CA SER C 88 37.69 3.14 -16.52
C SER C 88 36.20 2.94 -16.22
N GLY C 89 35.40 3.94 -16.52
CA GLY C 89 33.98 3.89 -16.26
C GLY C 89 33.43 5.26 -15.94
N SER C 90 32.20 5.27 -15.44
CA SER C 90 31.55 6.52 -15.08
C SER C 90 30.57 6.25 -13.94
N THR C 91 30.15 7.33 -13.28
CA THR C 91 29.27 7.25 -12.11
C THR C 91 28.09 8.19 -12.31
N THR C 92 26.88 7.69 -12.02
CA THR C 92 25.65 8.43 -12.26
C THR C 92 25.10 8.99 -10.95
N ARG C 93 24.50 10.18 -11.03
CA ARG C 93 23.85 10.83 -9.90
C ARG C 93 22.37 11.02 -10.20
N ILE C 94 21.51 10.72 -9.22
CA ILE C 94 20.08 10.96 -9.31
C ILE C 94 19.73 12.04 -8.30
N ALA C 95 19.34 13.21 -8.79
CA ALA C 95 18.91 14.32 -7.95
C ALA C 95 17.41 14.55 -8.11
N PHE C 96 16.73 14.86 -7.01
CA PHE C 96 15.29 14.98 -7.03
C PHE C 96 14.82 15.77 -5.83
N GLU C 97 13.78 16.59 -6.02
CA GLU C 97 13.08 17.22 -4.91
C GLU C 97 11.96 16.31 -4.45
N PRO C 98 12.02 15.76 -3.24
CA PRO C 98 10.90 14.96 -2.74
C PRO C 98 9.64 15.81 -2.63
N VAL C 99 8.54 15.30 -3.19
CA VAL C 99 7.28 16.04 -3.20
C VAL C 99 6.16 15.02 -3.35
N ARG C 100 5.01 15.35 -2.77
CA ARG C 100 3.81 14.53 -2.90
C ARG C 100 2.67 15.41 -3.41
N TYR C 101 1.55 14.76 -3.76
CA TYR C 101 0.47 15.48 -4.43
C TYR C 101 -0.15 16.56 -3.55
N GLN C 102 -0.05 16.39 -2.23
CA GLN C 102 -0.63 17.37 -1.31
C GLN C 102 -0.06 18.77 -1.55
N ALA C 103 1.18 18.86 -2.02
CA ALA C 103 1.76 20.15 -2.34
C ALA C 103 1.14 20.80 -3.57
N SER C 104 0.39 20.04 -4.37
CA SER C 104 -0.26 20.59 -5.56
C SER C 104 -1.73 20.92 -5.34
N VAL C 105 -2.34 20.41 -4.27
CA VAL C 105 -3.75 20.62 -4.01
C VAL C 105 -3.99 21.50 -2.79
N GLY C 106 -2.95 22.20 -2.32
CA GLY C 106 -3.10 23.17 -1.25
C GLY C 106 -2.98 22.62 0.16
N HIS C 107 -2.26 21.53 0.36
CA HIS C 107 -2.10 20.94 1.68
C HIS C 107 -0.65 20.93 2.16
N ASP C 108 0.21 21.75 1.56
CA ASP C 108 1.59 21.87 2.00
C ASP C 108 2.15 23.25 1.66
N ARG C 109 1.78 23.78 0.49
CA ARG C 109 2.18 25.11 0.04
C ARG C 109 3.68 25.23 -0.18
N PHE C 110 4.48 24.95 0.85
CA PHE C 110 5.92 25.07 0.76
C PHE C 110 6.63 23.71 0.78
N ASN C 111 5.87 22.62 0.68
CA ASN C 111 6.43 21.27 0.51
C ASN C 111 7.46 20.95 1.60
N ARG C 112 6.94 20.78 2.82
CA ARG C 112 7.78 20.54 3.99
C ARG C 112 7.81 19.09 4.43
N THR C 113 6.76 18.32 4.15
CA THR C 113 6.61 17.00 4.75
C THR C 113 7.20 15.87 3.91
N SER C 114 7.39 16.08 2.60
CA SER C 114 7.76 14.97 1.73
C SER C 114 9.22 14.55 1.90
N VAL C 115 10.11 15.50 2.21
CA VAL C 115 11.51 15.14 2.44
C VAL C 115 11.65 14.27 3.68
N ASN C 116 10.81 14.51 4.68
CA ASN C 116 10.82 13.67 5.88
C ASN C 116 10.23 12.29 5.60
N ALA C 117 9.22 12.22 4.73
CA ALA C 117 8.69 10.92 4.34
C ALA C 117 9.70 10.11 3.55
N PHE C 118 10.45 10.77 2.66
CA PHE C 118 11.44 10.07 1.86
C PHE C 118 12.57 9.52 2.73
N PHE C 119 13.11 10.36 3.62
CA PHE C 119 14.21 9.91 4.47
C PHE C 119 13.80 8.73 5.33
N SER C 120 12.56 8.72 5.82
CA SER C 120 12.08 7.60 6.63
C SER C 120 11.98 6.30 5.84
N GLN C 121 12.05 6.36 4.52
CA GLN C 121 12.11 5.18 3.66
C GLN C 121 13.52 4.88 3.19
N LEU C 122 14.30 5.92 2.91
CA LEU C 122 15.68 5.72 2.46
C LEU C 122 16.50 5.00 3.52
N GLN C 123 16.38 5.41 4.79
CA GLN C 123 17.18 4.83 5.86
C GLN C 123 16.82 3.39 6.17
N LEU C 124 15.69 2.89 5.66
CA LEU C 124 15.34 1.48 5.85
C LEU C 124 16.10 0.57 4.89
N LEU C 125 16.66 1.13 3.82
CA LEU C 125 17.39 0.35 2.82
C LEU C 125 18.87 0.67 2.76
N VAL C 126 19.25 1.92 2.95
CA VAL C 126 20.64 2.34 2.93
C VAL C 126 20.95 2.83 4.34
N LYS C 127 21.40 1.91 5.20
CA LYS C 127 21.67 2.23 6.60
C LYS C 127 22.87 3.15 6.79
N SER C 128 23.65 3.40 5.74
CA SER C 128 24.75 4.35 5.84
C SER C 128 24.29 5.80 5.88
N VAL C 129 23.00 6.05 5.66
CA VAL C 129 22.47 7.41 5.56
C VAL C 129 22.12 7.91 6.95
N ASN C 130 22.52 9.15 7.24
CA ASN C 130 22.34 9.77 8.55
C ASN C 130 21.78 11.17 8.35
N ILE C 131 20.57 11.40 8.84
CA ILE C 131 19.86 12.64 8.57
C ILE C 131 19.93 13.62 9.75
N GLU C 132 20.88 13.43 10.67
CA GLU C 132 21.02 14.37 11.78
C GLU C 132 21.28 15.79 11.29
N LEU C 133 21.97 15.94 10.16
CA LEU C 133 22.22 17.27 9.62
C LEU C 133 20.97 17.86 9.00
N HIS C 134 20.05 17.01 8.53
CA HIS C 134 18.77 17.51 8.05
C HIS C 134 17.98 18.18 9.18
N HIS C 135 17.99 17.56 10.37
CA HIS C 135 17.32 18.15 11.52
C HIS C 135 18.02 19.43 11.98
N LEU C 136 19.34 19.48 11.86
CA LEU C 136 20.09 20.63 12.36
C LEU C 136 20.04 21.81 11.40
N LEU C 137 20.20 21.57 10.10
CA LEU C 137 20.32 22.63 9.11
C LEU C 137 18.98 23.16 8.61
N SER C 138 17.89 22.46 8.87
CA SER C 138 16.61 22.80 8.25
C SER C 138 16.15 24.20 8.66
N GLU C 139 16.17 24.49 9.97
CA GLU C 139 15.67 25.79 10.43
C GLU C 139 16.56 26.94 9.96
N HIS C 140 17.85 26.68 9.77
CA HIS C 140 18.76 27.74 9.35
C HIS C 140 18.62 28.10 7.88
N LEU C 141 18.13 27.17 7.05
CA LEU C 141 18.17 27.35 5.61
C LEU C 141 16.81 27.22 4.92
N THR C 142 15.73 26.96 5.66
CA THR C 142 14.40 26.86 5.09
C THR C 142 13.45 27.78 5.83
N LEU C 143 12.26 27.95 5.26
CA LEU C 143 11.26 28.86 5.80
C LEU C 143 10.54 28.19 6.97
N THR C 144 10.81 28.68 8.18
CA THR C 144 10.12 28.17 9.35
C THR C 144 8.70 28.74 9.42
N ALA C 145 7.93 28.23 10.39
CA ALA C 145 6.56 28.72 10.56
C ALA C 145 6.55 30.20 10.95
N LYS C 146 7.48 30.60 11.83
CA LYS C 146 7.55 32.01 12.21
C LYS C 146 7.95 32.88 11.02
N ASP C 147 8.92 32.42 10.22
CA ASP C 147 9.26 33.14 8.99
C ASP C 147 8.05 33.25 8.08
N GLU C 148 7.25 32.19 7.99
CA GLU C 148 6.08 32.20 7.13
C GLU C 148 5.03 33.18 7.62
N ARG C 149 4.96 33.40 8.93
CA ARG C 149 3.96 34.33 9.48
C ARG C 149 4.28 35.77 9.07
N ASN C 150 5.56 36.13 9.03
CA ASN C 150 5.98 37.46 8.61
C ASN C 150 6.21 37.55 7.12
N LEU C 151 5.65 36.64 6.34
CA LEU C 151 5.91 36.58 4.91
C LEU C 151 5.03 37.57 4.15
N ASN C 152 5.61 38.18 3.11
CA ASN C 152 4.87 39.04 2.21
C ASN C 152 4.48 38.26 0.95
N GLU C 153 3.26 38.48 0.49
CA GLU C 153 2.83 37.95 -0.80
C GLU C 153 3.36 38.78 -1.96
N GLU C 154 4.34 39.65 -1.70
CA GLU C 154 5.06 40.36 -2.74
C GLU C 154 6.54 39.99 -2.79
N GLN C 155 7.15 39.66 -1.65
CA GLN C 155 8.54 39.20 -1.66
C GLN C 155 8.64 37.80 -2.25
N LEU C 156 7.68 36.92 -1.91
CA LEU C 156 7.69 35.57 -2.47
C LEU C 156 7.38 35.60 -3.96
N THR C 157 6.38 36.38 -4.39
CA THR C 157 6.09 36.51 -5.81
C THR C 157 7.13 37.35 -6.54
N LYS C 158 8.11 37.91 -5.84
CA LYS C 158 9.28 38.53 -6.44
C LYS C 158 10.44 37.54 -6.57
N TYR C 159 10.60 36.66 -5.59
CA TYR C 159 11.56 35.57 -5.70
C TYR C 159 11.14 34.56 -6.75
N LEU C 160 9.83 34.37 -6.94
CA LEU C 160 9.33 33.44 -7.95
C LEU C 160 9.47 34.01 -9.37
N THR C 161 9.54 35.34 -9.50
CA THR C 161 9.71 35.94 -10.82
C THR C 161 11.07 35.59 -11.42
N ASN C 162 12.07 35.34 -10.57
CA ASN C 162 13.42 35.03 -11.01
C ASN C 162 13.80 33.57 -10.88
N PHE C 163 13.10 32.79 -10.04
CA PHE C 163 13.44 31.40 -9.82
C PHE C 163 12.26 30.44 -9.98
N GLN C 164 11.05 30.93 -10.20
CA GLN C 164 9.91 30.14 -10.66
C GLN C 164 9.39 29.12 -9.65
N VAL C 165 10.26 28.33 -9.05
CA VAL C 165 9.84 27.21 -8.22
C VAL C 165 9.96 27.59 -6.75
N LYS C 166 9.24 26.85 -5.91
CA LYS C 166 9.27 27.00 -4.45
C LYS C 166 10.18 25.97 -3.80
N THR C 167 11.16 25.46 -4.53
CA THR C 167 12.00 24.36 -4.04
C THR C 167 12.89 24.83 -2.89
N GLN C 168 12.96 24.01 -1.84
CA GLN C 168 13.85 24.28 -0.71
C GLN C 168 14.76 23.09 -0.45
N TYR C 169 14.29 21.88 -0.75
CA TYR C 169 15.05 20.66 -0.52
C TYR C 169 15.29 19.95 -1.84
N VAL C 170 16.52 19.50 -2.06
CA VAL C 170 16.88 18.61 -3.16
C VAL C 170 17.79 17.53 -2.61
N VAL C 171 17.44 16.27 -2.88
CA VAL C 171 18.20 15.12 -2.44
C VAL C 171 18.88 14.49 -3.65
N ALA C 172 20.16 14.16 -3.51
CA ALA C 172 20.93 13.53 -4.57
C ALA C 172 21.46 12.19 -4.08
N LEU C 173 21.24 11.14 -4.86
CA LEU C 173 21.76 9.81 -4.58
C LEU C 173 23.00 9.60 -5.44
N ASP C 174 24.16 9.57 -4.79
CA ASP C 174 25.42 9.29 -5.48
C ASP C 174 25.54 7.78 -5.63
N LEU C 175 25.27 7.29 -6.83
CA LEU C 175 25.23 5.84 -7.09
C LEU C 175 26.65 5.29 -7.26
N ARG C 176 27.42 5.40 -6.19
CA ARG C 176 28.79 4.91 -6.19
C ARG C 176 28.80 3.39 -6.30
N LYS C 177 29.82 2.87 -6.99
CA LYS C 177 29.95 1.43 -7.18
C LYS C 177 30.33 0.71 -5.90
N THR C 178 30.77 1.43 -4.87
CA THR C 178 31.00 0.84 -3.57
C THR C 178 29.80 0.93 -2.64
N GLY C 179 28.86 1.82 -2.94
CA GLY C 179 27.66 1.98 -2.14
C GLY C 179 27.09 3.39 -2.28
N ILE C 180 25.76 3.49 -2.18
CA ILE C 180 25.08 4.77 -2.35
C ILE C 180 25.46 5.72 -1.23
N VAL C 181 25.69 6.98 -1.59
CA VAL C 181 25.91 8.06 -0.63
C VAL C 181 24.93 9.17 -0.94
N ALA C 182 24.21 9.65 0.07
CA ALA C 182 23.17 10.65 -0.11
C ALA C 182 23.69 12.04 0.25
N LYS C 183 23.26 13.03 -0.53
CA LYS C 183 23.56 14.43 -0.28
C LYS C 183 22.25 15.21 -0.18
N GLU C 184 22.27 16.28 0.61
CA GLU C 184 21.10 17.13 0.76
C GLU C 184 21.48 18.57 0.46
N TYR C 185 20.72 19.21 -0.42
CA TYR C 185 20.90 20.61 -0.77
C TYR C 185 19.81 21.45 -0.13
N PHE C 186 20.19 22.61 0.39
CA PHE C 186 19.25 23.53 1.02
C PHE C 186 19.29 24.86 0.28
N PHE C 187 18.13 25.34 -0.15
CA PHE C 187 18.02 26.61 -0.85
C PHE C 187 17.32 27.62 0.03
N PRO C 188 18.04 28.60 0.59
CA PRO C 188 17.42 29.53 1.55
C PRO C 188 16.84 30.78 0.91
N GLY C 189 16.57 30.74 -0.39
CA GLY C 189 16.07 31.92 -1.09
C GLY C 189 14.72 32.37 -0.56
N ILE C 190 13.79 31.44 -0.40
CA ILE C 190 12.47 31.77 0.12
C ILE C 190 12.58 32.26 1.56
N LYS C 191 13.44 31.61 2.36
CA LYS C 191 13.61 32.04 3.74
C LYS C 191 14.18 33.45 3.82
N CYS C 192 15.15 33.76 2.96
CA CYS C 192 15.74 35.10 2.97
C CYS C 192 14.77 36.15 2.43
N ALA C 193 13.82 35.73 1.58
CA ALA C 193 12.79 36.66 1.11
C ALA C 193 11.88 37.08 2.26
N ALA C 194 11.78 36.26 3.30
CA ALA C 194 10.94 36.59 4.46
C ALA C 194 11.73 37.27 5.58
N THR C 195 12.98 36.88 5.78
CA THR C 195 13.79 37.40 6.88
C THR C 195 14.70 38.54 6.47
N GLY C 196 14.85 38.80 5.18
CA GLY C 196 15.78 39.82 4.73
C GLY C 196 17.24 39.45 4.85
N GLN C 197 17.54 38.21 5.25
CA GLN C 197 18.91 37.76 5.40
C GLN C 197 19.58 37.61 4.03
N THR C 198 20.90 37.53 4.06
CA THR C 198 21.66 37.22 2.85
C THR C 198 21.90 35.72 2.75
N GLY C 199 22.22 35.28 1.54
CA GLY C 199 22.51 33.86 1.35
C GLY C 199 23.75 33.42 2.10
N SER C 200 24.77 34.28 2.16
CA SER C 200 25.99 33.96 2.88
C SER C 200 25.72 33.87 4.39
N ASN C 201 25.01 34.85 4.94
CA ASN C 201 24.70 34.83 6.37
C ASN C 201 23.87 33.60 6.74
N ALA C 202 22.99 33.17 5.85
CA ALA C 202 22.21 31.96 6.11
C ALA C 202 23.08 30.71 5.97
N CYS C 203 23.89 30.63 4.92
CA CYS C 203 24.66 29.42 4.68
C CYS C 203 25.84 29.31 5.63
N PHE C 204 26.63 30.39 5.77
CA PHE C 204 27.79 30.33 6.66
C PHE C 204 27.39 30.33 8.12
N GLY C 205 26.25 30.94 8.46
CA GLY C 205 25.73 30.82 9.80
C GLY C 205 25.24 29.42 10.12
N ALA C 206 24.72 28.70 9.11
CA ALA C 206 24.30 27.33 9.33
C ALA C 206 25.49 26.41 9.58
N ILE C 207 26.59 26.64 8.86
CA ILE C 207 27.78 25.80 9.05
C ILE C 207 28.36 26.03 10.44
N ARG C 208 28.44 27.28 10.87
CA ARG C 208 28.97 27.57 12.20
C ARG C 208 28.04 27.03 13.30
N ALA C 209 26.74 27.01 13.06
CA ALA C 209 25.81 26.46 14.04
C ALA C 209 26.01 24.95 14.21
N VAL C 210 26.51 24.28 13.16
CA VAL C 210 26.81 22.86 13.25
C VAL C 210 28.25 22.62 13.69
N ASP C 211 29.17 23.50 13.30
CA ASP C 211 30.60 23.35 13.61
C ASP C 211 30.90 24.16 14.87
N LYS C 212 30.66 23.54 16.02
CA LYS C 212 30.79 24.25 17.29
C LYS C 212 32.26 24.42 17.70
N ASP C 213 33.11 23.44 17.39
CA ASP C 213 34.52 23.53 17.73
C ASP C 213 35.31 24.37 16.74
N GLY C 214 34.68 24.86 15.68
CA GLY C 214 35.35 25.74 14.75
C GLY C 214 36.40 25.08 13.89
N HIS C 215 36.20 23.81 13.51
CA HIS C 215 37.14 23.17 12.61
C HIS C 215 37.07 23.76 11.20
N LEU C 216 36.01 24.49 10.89
CA LEU C 216 35.77 25.00 9.55
C LEU C 216 35.79 26.52 9.44
N ASP C 217 36.02 27.26 10.53
CA ASP C 217 35.85 28.71 10.49
C ASP C 217 36.88 29.37 9.59
N SER C 218 38.14 28.94 9.69
CA SER C 218 39.18 29.53 8.85
C SER C 218 38.91 29.29 7.37
N LEU C 219 38.30 28.15 7.04
CA LEU C 219 37.91 27.89 5.66
C LEU C 219 36.79 28.83 5.21
N CYS C 220 35.79 29.02 6.07
CA CYS C 220 34.65 29.86 5.70
C CYS C 220 35.05 31.33 5.55
N GLN C 221 35.92 31.82 6.44
CA GLN C 221 36.34 33.20 6.34
C GLN C 221 37.19 33.44 5.10
N LEU C 222 37.94 32.43 4.66
CA LEU C 222 38.64 32.53 3.38
C LEU C 222 37.65 32.64 2.23
N ILE C 223 36.58 31.84 2.26
CA ILE C 223 35.56 31.91 1.22
C ILE C 223 34.76 33.21 1.35
N GLU C 224 34.42 33.59 2.58
CA GLU C 224 33.59 34.78 2.78
C GLU C 224 34.31 36.04 2.30
N ALA C 225 35.61 36.14 2.55
CA ALA C 225 36.37 37.31 2.12
C ALA C 225 36.31 37.48 0.61
N HIS C 226 36.40 36.38 -0.14
CA HIS C 226 36.32 36.47 -1.59
C HIS C 226 34.93 36.90 -2.04
N PHE C 227 33.88 36.39 -1.37
CA PHE C 227 32.52 36.78 -1.74
C PHE C 227 32.30 38.27 -1.51
N GLN C 228 32.89 38.82 -0.44
CA GLN C 228 32.79 40.25 -0.19
C GLN C 228 33.55 41.04 -1.25
N GLN C 229 34.73 40.55 -1.64
CA GLN C 229 35.54 41.23 -2.66
C GLN C 229 34.89 41.16 -4.04
N SER C 230 34.45 39.96 -4.43
CA SER C 230 33.88 39.78 -5.75
C SER C 230 32.43 40.24 -5.86
N LYS C 231 31.83 40.67 -4.76
CA LYS C 231 30.42 41.08 -4.68
C LYS C 231 29.50 39.97 -5.21
N ILE C 232 29.46 38.88 -4.45
CA ILE C 232 28.60 37.75 -4.74
C ILE C 232 28.05 37.20 -3.44
N ASP C 233 26.81 36.73 -3.50
CA ASP C 233 26.13 36.15 -2.35
C ASP C 233 26.05 34.64 -2.53
N ASP C 234 26.21 33.90 -1.44
CA ASP C 234 26.03 32.46 -1.48
C ASP C 234 24.63 32.12 -1.98
N ALA C 235 24.56 31.09 -2.81
CA ALA C 235 23.29 30.68 -3.42
C ALA C 235 22.58 29.59 -2.63
N PHE C 236 23.26 28.49 -2.35
CA PHE C 236 22.68 27.42 -1.56
C PHE C 236 23.80 26.60 -0.93
N LEU C 237 23.42 25.58 -0.17
CA LEU C 237 24.35 24.78 0.60
C LEU C 237 24.08 23.31 0.36
N CYS C 238 25.12 22.50 0.47
CA CYS C 238 25.03 21.06 0.32
C CYS C 238 25.85 20.38 1.40
N CYS C 239 25.38 19.21 1.84
CA CYS C 239 26.08 18.45 2.86
C CYS C 239 25.83 16.97 2.63
N ASP C 240 26.80 16.14 3.01
CA ASP C 240 26.63 14.71 2.96
C ASP C 240 25.79 14.24 4.15
N LEU C 241 24.83 13.36 3.88
CA LEU C 241 24.00 12.79 4.93
C LEU C 241 24.75 11.66 5.64
N VAL C 242 25.85 12.05 6.28
CA VAL C 242 26.65 11.14 7.09
C VAL C 242 26.76 11.75 8.49
N ASP C 243 27.61 11.16 9.33
CA ASP C 243 27.80 11.69 10.68
C ASP C 243 28.18 13.16 10.61
N PRO C 244 27.56 14.03 11.43
CA PRO C 244 27.79 15.47 11.27
C PRO C 244 29.24 15.90 11.43
N ALA C 245 30.06 15.12 12.14
CA ALA C 245 31.46 15.49 12.28
C ALA C 245 32.26 15.20 11.02
N HIS C 246 31.91 14.14 10.29
CA HIS C 246 32.68 13.70 9.13
C HIS C 246 32.02 14.09 7.81
N THR C 247 31.23 15.16 7.79
CA THR C 247 30.52 15.57 6.59
C THR C 247 31.33 16.59 5.81
N ARG C 248 30.97 16.73 4.54
CA ARG C 248 31.50 17.77 3.67
C ARG C 248 30.44 18.83 3.45
N PHE C 249 30.82 20.10 3.57
CA PHE C 249 29.94 21.22 3.27
C PHE C 249 30.39 21.87 1.98
N LYS C 250 29.47 22.06 1.05
CA LYS C 250 29.73 22.73 -0.22
C LYS C 250 28.80 23.92 -0.34
N VAL C 251 29.37 25.11 -0.53
CA VAL C 251 28.62 26.35 -0.66
C VAL C 251 28.70 26.79 -2.12
N TYR C 252 27.55 26.93 -2.76
CA TYR C 252 27.46 27.26 -4.17
C TYR C 252 27.24 28.75 -4.39
N ILE C 253 27.75 29.24 -5.52
CA ILE C 253 27.45 30.58 -5.99
C ILE C 253 27.02 30.50 -7.44
N ALA C 254 26.18 31.45 -7.85
CA ALA C 254 25.73 31.56 -9.23
C ALA C 254 26.03 32.98 -9.71
N ASP C 255 26.76 33.09 -10.81
CA ASP C 255 27.20 34.38 -11.32
C ASP C 255 26.66 34.59 -12.73
N PRO C 256 25.81 35.58 -12.96
CA PRO C 256 25.31 35.83 -14.33
C PRO C 256 26.39 36.38 -15.26
N LEU C 257 27.51 36.86 -14.74
CA LEU C 257 28.62 37.32 -15.57
C LEU C 257 29.36 36.09 -16.10
N VAL C 258 28.98 35.64 -17.29
CA VAL C 258 29.57 34.44 -17.87
C VAL C 258 30.76 34.83 -18.75
N THR C 259 31.92 35.03 -18.11
CA THR C 259 33.18 35.25 -18.81
C THR C 259 34.23 34.32 -18.22
N LEU C 260 35.28 34.07 -18.99
CA LEU C 260 36.36 33.24 -18.48
C LEU C 260 37.10 33.93 -17.34
N ALA C 261 37.23 35.25 -17.42
CA ALA C 261 37.91 35.99 -16.35
C ALA C 261 37.13 35.93 -15.05
N ARG C 262 35.80 36.07 -15.11
CA ARG C 262 35.00 35.99 -13.89
C ARG C 262 35.04 34.60 -13.28
N ALA C 263 35.04 33.57 -14.12
CA ALA C 263 35.19 32.21 -13.61
C ALA C 263 36.59 31.98 -13.05
N GLU C 264 37.60 32.57 -13.69
CA GLU C 264 38.96 32.51 -13.15
C GLU C 264 39.03 33.16 -11.78
N GLU C 265 38.38 34.32 -11.62
CA GLU C 265 38.41 35.03 -10.36
C GLU C 265 37.79 34.21 -9.24
N HIS C 266 36.70 33.49 -9.54
CA HIS C 266 36.07 32.64 -8.53
C HIS C 266 36.84 31.34 -8.32
N TRP C 267 37.48 30.82 -9.36
CA TRP C 267 38.21 29.54 -9.23
C TRP C 267 39.40 29.68 -8.30
N THR C 268 40.00 30.86 -8.22
CA THR C 268 41.14 31.12 -7.36
C THR C 268 40.76 31.85 -6.07
N LEU C 269 39.46 32.03 -5.82
CA LEU C 269 38.96 32.77 -4.66
C LEU C 269 39.58 34.17 -4.59
N GLY C 270 39.56 34.85 -5.73
CA GLY C 270 40.18 36.16 -5.82
C GLY C 270 41.68 36.16 -5.63
N GLY C 271 42.34 35.04 -5.90
CA GLY C 271 43.77 34.92 -5.71
C GLY C 271 44.20 34.26 -4.43
N ARG C 272 43.26 33.85 -3.58
CA ARG C 272 43.60 33.23 -2.30
C ARG C 272 44.03 31.77 -2.46
N LEU C 273 43.74 31.16 -3.59
CA LEU C 273 44.22 29.81 -3.90
C LEU C 273 45.44 29.94 -4.83
N THR C 274 46.59 29.47 -4.35
CA THR C 274 47.85 29.63 -5.08
C THR C 274 48.58 28.30 -5.29
N ASP C 275 47.96 27.17 -4.96
CA ASP C 275 48.65 25.89 -4.99
C ASP C 275 48.83 25.41 -6.44
N GLU C 276 49.41 24.21 -6.58
CA GLU C 276 49.69 23.67 -7.90
C GLU C 276 48.41 23.20 -8.59
N ASP C 277 47.52 22.53 -7.84
CA ASP C 277 46.29 22.04 -8.44
C ASP C 277 45.42 23.18 -8.96
N ALA C 278 45.40 24.31 -8.24
CA ALA C 278 44.65 25.47 -8.71
C ALA C 278 45.24 26.03 -9.99
N ALA C 279 46.56 25.92 -10.15
CA ALA C 279 47.21 26.46 -11.34
C ALA C 279 47.13 25.50 -12.52
N VAL C 280 47.31 24.20 -12.28
CA VAL C 280 47.23 23.25 -13.38
C VAL C 280 45.79 23.14 -13.88
N GLY C 281 44.83 23.02 -12.95
CA GLY C 281 43.44 22.99 -13.34
C GLY C 281 42.98 24.26 -14.02
N LEU C 282 43.60 25.39 -13.70
CA LEU C 282 43.29 26.63 -14.39
C LEU C 282 43.69 26.57 -15.85
N GLU C 283 44.69 25.75 -16.18
CA GLU C 283 45.11 25.60 -17.58
C GLU C 283 44.16 24.73 -18.37
N ILE C 284 43.53 23.74 -17.72
CA ILE C 284 42.56 22.89 -18.40
C ILE C 284 41.26 23.65 -18.64
N ILE C 285 40.94 24.61 -17.76
CA ILE C 285 39.67 25.31 -17.87
C ILE C 285 39.65 26.20 -19.11
N ARG C 286 40.68 27.03 -19.27
CA ARG C 286 40.71 27.96 -20.40
C ARG C 286 40.70 27.22 -21.74
N GLY C 287 41.32 26.04 -21.79
CA GLY C 287 41.22 25.23 -22.99
C GLY C 287 39.80 24.78 -23.26
N LEU C 288 39.16 24.16 -22.26
CA LEU C 288 37.77 23.72 -22.40
C LEU C 288 36.85 24.91 -22.67
N TRP C 289 37.05 26.01 -21.96
CA TRP C 289 36.16 27.17 -22.10
C TRP C 289 36.22 27.73 -23.52
N SER C 290 37.44 27.92 -24.05
CA SER C 290 37.57 28.49 -25.39
C SER C 290 37.14 27.49 -26.45
N GLU C 291 37.39 26.20 -26.23
CA GLU C 291 36.95 25.19 -27.19
C GLU C 291 35.44 25.11 -27.25
N LEU C 292 34.79 24.94 -26.09
CA LEU C 292 33.33 24.91 -26.07
C LEU C 292 32.72 26.24 -26.47
N GLY C 293 33.43 27.34 -26.22
CA GLY C 293 32.90 28.65 -26.51
C GLY C 293 31.70 28.99 -25.65
N ILE C 294 31.89 28.96 -24.33
CA ILE C 294 30.79 29.21 -23.40
C ILE C 294 30.17 30.57 -23.68
N ILE C 295 28.85 30.59 -23.81
CA ILE C 295 28.15 31.78 -24.28
C ILE C 295 27.98 32.75 -23.13
N GLN C 296 28.37 34.00 -23.36
CA GLN C 296 28.22 35.08 -22.38
C GLN C 296 26.75 35.29 -22.01
N SER C 302 20.21 40.27 -16.62
CA SER C 302 19.53 39.43 -15.65
C SER C 302 18.33 38.73 -16.28
N ALA C 303 17.91 39.23 -17.44
CA ALA C 303 16.86 38.57 -18.23
C ALA C 303 17.46 37.54 -19.19
N MET C 304 18.40 36.74 -18.67
CA MET C 304 19.01 35.68 -19.44
C MET C 304 18.09 34.48 -19.61
N MET C 305 16.98 34.42 -18.86
CA MET C 305 16.09 33.26 -18.91
C MET C 305 15.26 33.23 -20.18
N GLU C 306 14.97 34.40 -20.78
CA GLU C 306 14.24 34.42 -22.04
C GLU C 306 15.01 33.70 -23.14
N LYS C 307 16.30 34.01 -23.27
CA LYS C 307 17.16 33.35 -24.26
C LYS C 307 17.57 31.95 -23.84
N GLY C 308 17.10 31.45 -22.70
CA GLY C 308 17.42 30.10 -22.27
C GLY C 308 18.86 29.88 -21.88
N LEU C 309 19.57 30.92 -21.47
CA LEU C 309 20.96 30.81 -21.07
C LEU C 309 21.07 30.68 -19.56
N LEU C 310 22.10 29.98 -19.12
CA LEU C 310 22.37 29.72 -17.72
C LEU C 310 23.60 30.49 -17.25
N PRO C 311 23.72 30.78 -15.95
CA PRO C 311 24.90 31.48 -15.46
C PRO C 311 26.06 30.52 -15.25
N ILE C 312 27.15 31.00 -14.66
CA ILE C 312 28.22 30.12 -14.20
C ILE C 312 27.97 29.80 -12.73
N MET C 313 28.47 28.66 -12.29
CA MET C 313 28.28 28.21 -10.92
C MET C 313 29.59 27.67 -10.38
N LEU C 314 29.77 27.79 -9.06
CA LEU C 314 30.93 27.27 -8.38
C LEU C 314 30.52 26.85 -6.97
N ASN C 315 31.01 25.69 -6.53
CA ASN C 315 30.89 25.29 -5.14
C ASN C 315 32.28 25.11 -4.55
N TYR C 316 32.38 25.29 -3.23
CA TYR C 316 33.63 25.22 -2.51
C TYR C 316 33.50 24.17 -1.41
N GLU C 317 34.30 23.11 -1.51
CA GLU C 317 34.22 21.99 -0.59
C GLU C 317 34.97 22.29 0.70
N MET C 318 34.42 21.82 1.82
CA MET C 318 35.01 22.02 3.13
C MET C 318 34.83 20.77 3.98
N LYS C 319 35.93 20.25 4.51
CA LYS C 319 35.90 19.21 5.51
C LYS C 319 36.78 19.63 6.69
N ALA C 320 36.77 18.80 7.73
CA ALA C 320 37.44 19.17 8.98
C ALA C 320 38.94 19.29 8.79
N GLY C 321 39.57 18.25 8.23
CA GLY C 321 41.01 18.20 8.14
C GLY C 321 41.64 18.96 6.99
N GLN C 322 40.86 19.65 6.18
CA GLN C 322 41.42 20.35 5.02
C GLN C 322 41.97 21.70 5.41
N ARG C 323 42.95 22.17 4.62
CA ARG C 323 43.57 23.47 4.83
C ARG C 323 42.97 24.55 3.94
N LEU C 324 42.69 24.23 2.67
CA LEU C 324 42.12 25.18 1.73
C LEU C 324 40.90 24.56 1.06
N PRO C 325 39.87 25.36 0.78
CA PRO C 325 38.67 24.80 0.15
C PRO C 325 38.93 24.38 -1.28
N LYS C 326 38.25 23.31 -1.69
CA LYS C 326 38.41 22.74 -3.03
C LYS C 326 37.32 23.27 -3.94
N PRO C 327 37.64 24.02 -4.98
CA PRO C 327 36.60 24.57 -5.86
C PRO C 327 36.11 23.56 -6.89
N LYS C 328 35.03 23.94 -7.56
CA LYS C 328 34.45 23.17 -8.65
C LYS C 328 33.68 24.12 -9.54
N LEU C 329 33.99 24.13 -10.83
CA LEU C 329 33.41 25.08 -11.77
C LEU C 329 32.33 24.40 -12.60
N TYR C 330 31.18 25.06 -12.73
CA TYR C 330 30.09 24.61 -13.57
C TYR C 330 29.95 25.57 -14.76
N MET C 331 30.18 25.06 -15.96
CA MET C 331 30.09 25.89 -17.15
C MET C 331 28.75 25.65 -17.83
N PRO C 332 27.99 26.70 -18.15
CA PRO C 332 26.68 26.51 -18.78
C PRO C 332 26.83 26.13 -20.24
N LEU C 333 26.04 25.14 -20.66
CA LEU C 333 26.13 24.60 -22.02
C LEU C 333 24.90 24.84 -22.88
N THR C 334 23.81 25.37 -22.31
CA THR C 334 22.62 25.62 -23.12
C THR C 334 22.92 26.69 -24.16
N GLY C 335 22.51 26.43 -25.40
CA GLY C 335 22.85 27.26 -26.52
C GLY C 335 23.98 26.72 -27.38
N ILE C 336 24.71 25.72 -26.89
CA ILE C 336 25.79 25.09 -27.64
C ILE C 336 25.25 23.81 -28.25
N PRO C 337 25.44 23.57 -29.54
CA PRO C 337 24.93 22.33 -30.15
C PRO C 337 25.54 21.10 -29.51
N GLU C 338 24.73 20.05 -29.35
CA GLU C 338 25.18 18.85 -28.67
C GLU C 338 26.29 18.14 -29.44
N THR C 339 26.34 18.32 -30.77
CA THR C 339 27.43 17.74 -31.54
C THR C 339 28.75 18.43 -31.22
N LYS C 340 28.72 19.75 -31.04
CA LYS C 340 29.94 20.47 -30.68
C LYS C 340 30.44 20.07 -29.31
N ILE C 341 29.52 19.88 -28.35
CA ILE C 341 29.92 19.45 -27.01
C ILE C 341 30.53 18.06 -27.05
N ALA C 342 29.96 17.16 -27.85
CA ALA C 342 30.46 15.79 -27.92
C ALA C 342 31.84 15.73 -28.57
N ARG C 343 32.12 16.61 -29.54
CA ARG C 343 33.43 16.61 -30.18
C ARG C 343 34.50 17.14 -29.24
N ILE C 344 34.18 18.19 -28.48
CA ILE C 344 35.13 18.72 -27.50
C ILE C 344 35.41 17.71 -26.40
N MET C 345 34.34 17.05 -25.91
CA MET C 345 34.52 16.05 -24.87
C MET C 345 35.32 14.85 -25.38
N THR C 346 35.06 14.42 -26.62
CA THR C 346 35.82 13.32 -27.19
C THR C 346 37.29 13.68 -27.33
N ALA C 347 37.58 14.92 -27.76
CA ALA C 347 38.97 15.37 -27.81
C ALA C 347 39.59 15.45 -26.43
N PHE C 348 38.78 15.81 -25.42
CA PHE C 348 39.29 15.85 -24.04
C PHE C 348 39.69 14.46 -23.57
N PHE C 349 38.81 13.48 -23.76
CA PHE C 349 39.09 12.12 -23.30
C PHE C 349 40.28 11.51 -24.05
N GLN C 350 40.44 11.85 -25.33
CA GLN C 350 41.57 11.33 -26.09
C GLN C 350 42.90 11.84 -25.55
N ARG C 351 42.97 13.11 -25.19
CA ARG C 351 44.22 13.72 -24.76
C ARG C 351 44.54 13.49 -23.29
N HIS C 352 43.64 12.87 -22.53
CA HIS C 352 43.91 12.51 -21.14
C HIS C 352 43.93 11.00 -20.95
N ASP C 353 44.26 10.26 -22.01
CA ASP C 353 44.41 8.81 -21.97
C ASP C 353 43.13 8.12 -21.52
N MET C 354 42.00 8.54 -22.10
CA MET C 354 40.72 7.87 -21.92
C MET C 354 40.15 7.54 -23.30
N PRO C 355 40.77 6.60 -24.01
CA PRO C 355 40.26 6.28 -25.36
C PRO C 355 38.90 5.62 -25.33
N GLU C 356 38.62 4.78 -24.32
CA GLU C 356 37.33 4.12 -24.24
C GLU C 356 36.20 5.12 -24.05
N GLN C 357 36.41 6.12 -23.20
CA GLN C 357 35.42 7.18 -23.03
C GLN C 357 35.24 7.97 -24.32
N ALA C 358 36.30 8.11 -25.12
CA ALA C 358 36.22 8.91 -26.33
C ALA C 358 35.51 8.16 -27.46
N GLU C 359 35.73 6.86 -27.56
CA GLU C 359 35.12 6.07 -28.65
C GLU C 359 33.60 6.18 -28.63
N VAL C 360 33.00 6.13 -27.44
CA VAL C 360 31.58 5.87 -27.30
C VAL C 360 30.78 7.08 -26.83
N PHE C 361 31.40 8.25 -26.74
CA PHE C 361 30.69 9.40 -26.17
C PHE C 361 29.52 9.81 -27.04
N MET C 362 29.79 10.21 -28.28
CA MET C 362 28.71 10.60 -29.19
C MET C 362 27.72 9.47 -29.39
N GLU C 363 28.21 8.23 -29.39
CA GLU C 363 27.32 7.06 -29.46
C GLU C 363 26.34 7.05 -28.29
N ASN C 364 26.84 7.27 -27.08
CA ASN C 364 25.98 7.20 -25.90
C ASN C 364 25.06 8.40 -25.81
N LEU C 365 25.55 9.59 -26.17
CA LEU C 365 24.71 10.79 -26.15
C LEU C 365 23.53 10.65 -27.10
N GLN C 366 23.75 10.04 -28.28
CA GLN C 366 22.67 9.84 -29.22
C GLN C 366 21.64 8.85 -28.69
N ALA C 367 22.08 7.87 -27.91
CA ALA C 367 21.15 6.88 -27.39
C ALA C 367 20.30 7.43 -26.26
N TYR C 368 20.85 8.36 -25.45
CA TYR C 368 20.03 9.05 -24.46
C TYR C 368 18.85 9.74 -25.11
N TYR C 369 19.09 10.38 -26.25
CA TYR C 369 18.05 11.11 -26.98
C TYR C 369 17.81 10.43 -28.32
N GLU C 370 17.32 9.20 -28.28
CA GLU C 370 17.12 8.40 -29.48
C GLU C 370 16.17 9.11 -30.45
N GLY C 371 16.63 9.27 -31.70
CA GLY C 371 15.86 9.93 -32.72
C GLY C 371 16.07 11.42 -32.81
N LYS C 372 16.57 12.06 -31.75
CA LYS C 372 16.76 13.51 -31.75
C LYS C 372 17.98 13.88 -32.58
N ASN C 373 17.93 15.08 -33.16
CA ASN C 373 19.02 15.60 -33.98
C ASN C 373 19.91 16.46 -33.07
N LEU C 374 21.12 15.96 -32.80
CA LEU C 374 22.01 16.63 -31.86
C LEU C 374 22.65 17.89 -32.43
N GLU C 375 22.64 18.06 -33.75
CA GLU C 375 23.18 19.29 -34.33
C GLU C 375 22.22 20.46 -34.10
N GLU C 376 20.91 20.21 -34.14
CA GLU C 376 19.94 21.26 -33.87
C GLU C 376 19.74 21.45 -32.38
N ALA C 377 19.77 20.37 -31.61
CA ALA C 377 19.51 20.45 -30.17
C ALA C 377 20.61 21.23 -29.47
N THR C 378 20.22 22.11 -28.55
CA THR C 378 21.17 22.89 -27.77
C THR C 378 20.80 22.96 -26.29
N ARG C 379 19.88 22.09 -25.82
CA ARG C 379 19.42 22.15 -24.44
C ARG C 379 19.32 20.76 -23.82
N TYR C 380 20.19 19.83 -24.23
CA TYR C 380 20.21 18.49 -23.64
C TYR C 380 21.30 18.38 -22.57
N GLN C 381 22.56 18.54 -22.96
CA GLN C 381 23.64 18.67 -21.99
C GLN C 381 23.67 20.10 -21.50
N ALA C 382 23.26 20.32 -20.25
CA ALA C 382 23.06 21.66 -19.72
C ALA C 382 24.28 22.22 -19.02
N TRP C 383 24.95 21.43 -18.19
CA TRP C 383 26.11 21.86 -17.44
C TRP C 383 27.27 20.90 -17.66
N LEU C 384 28.48 21.46 -17.65
CA LEU C 384 29.71 20.68 -17.54
C LEU C 384 30.47 21.18 -16.32
N SER C 385 30.66 20.31 -15.34
CA SER C 385 31.38 20.66 -14.13
C SER C 385 32.82 20.16 -14.21
N PHE C 386 33.72 20.89 -13.56
CA PHE C 386 35.15 20.60 -13.63
C PHE C 386 35.75 20.63 -12.23
N ALA C 387 36.51 19.59 -11.90
CA ALA C 387 37.30 19.54 -10.68
C ALA C 387 38.61 18.85 -10.99
N TYR C 388 39.67 19.23 -10.26
CA TYR C 388 41.01 18.76 -10.57
C TYR C 388 41.81 18.52 -9.30
N THR C 389 42.39 17.32 -9.19
CA THR C 389 43.38 16.98 -8.17
C THR C 389 44.54 16.26 -8.83
N LYS C 390 45.74 16.43 -8.26
CA LYS C 390 46.95 15.87 -8.87
C LYS C 390 46.86 14.35 -9.00
N GLU C 391 46.32 13.68 -7.98
CA GLU C 391 46.25 12.22 -8.03
C GLU C 391 45.29 11.75 -9.13
N LYS C 392 44.08 12.30 -9.15
CA LYS C 392 43.03 11.81 -10.03
C LYS C 392 42.97 12.53 -11.37
N GLY C 393 43.61 13.69 -11.50
CA GLY C 393 43.52 14.45 -12.72
C GLY C 393 42.21 15.21 -12.81
N PRO C 394 41.82 15.61 -14.02
CA PRO C 394 40.56 16.33 -14.18
C PRO C 394 39.36 15.41 -14.03
N TYR C 395 38.33 15.90 -13.32
CA TYR C 395 37.09 15.17 -13.12
C TYR C 395 35.96 15.98 -13.75
N LEU C 396 35.31 15.39 -14.76
CA LEU C 396 34.26 16.06 -15.52
C LEU C 396 32.91 15.42 -15.25
N SER C 397 31.88 16.25 -15.15
CA SER C 397 30.50 15.78 -15.02
C SER C 397 29.62 16.53 -16.00
N ILE C 398 28.54 15.86 -16.42
CA ILE C 398 27.57 16.44 -17.35
C ILE C 398 26.19 16.29 -16.74
N TYR C 399 25.48 17.41 -16.59
CA TYR C 399 24.12 17.43 -16.07
C TYR C 399 23.14 17.58 -17.24
N TYR C 400 22.15 16.70 -17.30
CA TYR C 400 21.29 16.59 -18.47
C TYR C 400 19.91 17.19 -18.20
N PHE C 401 19.41 17.94 -19.17
CA PHE C 401 18.03 18.39 -19.19
C PHE C 401 17.17 17.42 -19.97
N TRP C 402 15.88 17.38 -19.65
CA TRP C 402 14.96 16.50 -20.34
C TRP C 402 14.43 17.17 -21.61
N PRO C 403 13.93 16.39 -22.56
CA PRO C 403 13.17 16.98 -23.66
C PRO C 403 11.91 17.66 -23.13
N GLU C 404 11.48 18.70 -23.84
CA GLU C 404 10.32 19.48 -23.41
C GLU C 404 9.04 18.63 -23.40
N MET D 1 22.12 -16.88 -6.26
CA MET D 1 21.85 -16.19 -5.00
C MET D 1 22.16 -14.71 -5.09
N ILE D 2 22.96 -14.32 -6.09
CA ILE D 2 23.37 -12.93 -6.23
C ILE D 2 22.16 -12.03 -6.44
N ALA D 3 21.12 -12.54 -7.12
CA ALA D 3 19.93 -11.73 -7.34
C ALA D 3 19.13 -11.54 -6.05
N TYR D 4 19.11 -12.56 -5.19
CA TYR D 4 18.50 -12.41 -3.88
C TYR D 4 19.27 -11.40 -3.03
N HIS D 5 20.59 -11.53 -3.00
CA HIS D 5 21.41 -10.59 -2.23
C HIS D 5 21.26 -9.18 -2.76
N THR D 6 21.07 -9.02 -4.07
CA THR D 6 20.99 -7.69 -4.65
C THR D 6 19.60 -7.08 -4.48
N LEU D 7 18.55 -7.86 -4.73
CA LEU D 7 17.19 -7.33 -4.59
C LEU D 7 16.85 -7.03 -3.13
N THR D 8 17.48 -7.75 -2.19
CA THR D 8 17.25 -7.51 -0.76
C THR D 8 17.61 -6.07 -0.38
N LYS D 9 18.60 -5.48 -1.06
CA LYS D 9 19.02 -4.12 -0.79
C LYS D 9 18.21 -3.07 -1.52
N ALA D 10 17.19 -3.47 -2.30
CA ALA D 10 16.43 -2.53 -3.10
C ALA D 10 14.92 -2.67 -3.00
N LEU D 11 14.41 -3.71 -2.33
CA LEU D 11 12.98 -3.96 -2.24
C LEU D 11 12.47 -3.50 -0.88
N LEU D 12 11.51 -2.58 -0.89
CA LEU D 12 10.84 -2.12 0.32
C LEU D 12 9.57 -2.93 0.51
N PHE D 13 9.55 -3.81 1.51
CA PHE D 13 8.35 -4.63 1.70
C PHE D 13 7.38 -3.92 2.65
N PRO D 14 6.08 -3.94 2.31
CA PRO D 14 5.12 -3.12 3.07
C PRO D 14 4.81 -3.64 4.46
N ASP D 15 4.81 -4.95 4.66
CA ASP D 15 4.48 -5.51 5.97
C ASP D 15 5.47 -6.61 6.32
N ILE D 16 5.36 -7.09 7.57
CA ILE D 16 6.35 -8.03 8.09
C ILE D 16 6.14 -9.42 7.49
N ASP D 17 4.93 -9.76 7.07
CA ASP D 17 4.67 -11.08 6.55
C ASP D 17 5.25 -11.26 5.15
N GLN D 18 5.19 -10.21 4.32
CA GLN D 18 5.87 -10.26 3.04
C GLN D 18 7.39 -10.29 3.21
N TYR D 19 7.90 -9.57 4.21
CA TYR D 19 9.33 -9.58 4.49
C TYR D 19 9.81 -10.98 4.84
N GLN D 20 9.06 -11.69 5.68
CA GLN D 20 9.49 -13.01 6.13
C GLN D 20 9.32 -14.07 5.05
N HIS D 21 8.26 -13.96 4.23
CA HIS D 21 8.09 -14.90 3.13
C HIS D 21 9.21 -14.76 2.10
N TRP D 22 9.67 -13.52 1.88
CA TRP D 22 10.76 -13.28 0.95
C TRP D 22 12.03 -14.01 1.39
N HIS D 23 12.53 -13.68 2.59
CA HIS D 23 13.74 -14.31 3.11
C HIS D 23 13.57 -15.81 3.35
N HIS D 24 12.34 -16.32 3.37
CA HIS D 24 12.08 -17.74 3.51
C HIS D 24 12.12 -18.48 2.18
N VAL D 25 11.66 -17.84 1.11
CA VAL D 25 11.46 -18.50 -0.17
C VAL D 25 12.47 -18.06 -1.22
N ALA D 26 12.74 -16.75 -1.29
CA ALA D 26 13.64 -16.25 -2.32
C ALA D 26 15.03 -16.88 -2.33
N PRO D 27 15.67 -17.17 -1.18
CA PRO D 27 17.00 -17.81 -1.26
C PRO D 27 17.00 -19.13 -2.01
N MET D 28 16.10 -20.04 -1.66
CA MET D 28 16.05 -21.33 -2.36
C MET D 28 15.62 -21.14 -3.81
N LEU D 29 14.71 -20.21 -4.07
CA LEU D 29 14.28 -19.94 -5.43
C LEU D 29 15.42 -19.40 -6.28
N ALA D 30 16.21 -18.49 -5.71
CA ALA D 30 17.36 -17.96 -6.44
C ALA D 30 18.38 -19.04 -6.75
N LYS D 31 18.59 -19.96 -5.79
CA LYS D 31 19.51 -21.06 -6.03
C LYS D 31 19.02 -21.97 -7.16
N MET D 32 17.71 -22.24 -7.19
CA MET D 32 17.18 -23.13 -8.21
C MET D 32 17.24 -22.49 -9.60
N LEU D 33 17.02 -21.17 -9.68
CA LEU D 33 17.14 -20.48 -10.96
C LEU D 33 18.58 -20.50 -11.45
N VAL D 34 19.54 -20.40 -10.54
CA VAL D 34 20.94 -20.50 -10.94
C VAL D 34 21.26 -21.91 -11.38
N ASP D 35 20.79 -22.92 -10.64
CA ASP D 35 21.03 -24.31 -11.00
C ASP D 35 20.41 -24.65 -12.35
N GLY D 36 19.19 -24.18 -12.59
CA GLY D 36 18.52 -24.41 -13.85
C GLY D 36 19.11 -23.67 -15.03
N LYS D 37 20.17 -22.88 -14.82
CA LYS D 37 20.84 -22.14 -15.88
C LYS D 37 19.90 -21.12 -16.54
N TYR D 38 19.00 -20.54 -15.76
CA TYR D 38 18.30 -19.35 -16.22
C TYR D 38 19.30 -18.22 -16.41
N SER D 39 18.96 -17.29 -17.29
CA SER D 39 19.84 -16.14 -17.48
C SER D 39 19.84 -15.28 -16.22
N ILE D 40 20.84 -14.39 -16.13
CA ILE D 40 20.91 -13.50 -14.98
C ILE D 40 19.72 -12.55 -14.97
N HIS D 41 19.19 -12.22 -16.15
CA HIS D 41 18.05 -11.32 -16.21
C HIS D 41 16.77 -12.01 -15.77
N GLN D 42 16.62 -13.30 -16.09
CA GLN D 42 15.46 -14.05 -15.63
C GLN D 42 15.52 -14.37 -14.15
N GLN D 43 16.72 -14.37 -13.55
CA GLN D 43 16.82 -14.53 -12.11
C GLN D 43 16.23 -13.32 -11.40
N TYR D 44 16.62 -12.11 -11.83
CA TYR D 44 16.03 -10.91 -11.26
C TYR D 44 14.55 -10.79 -11.60
N GLU D 45 14.18 -11.15 -12.83
CA GLU D 45 12.79 -11.00 -13.25
C GLU D 45 11.87 -11.89 -12.43
N TYR D 46 12.24 -13.16 -12.24
CA TYR D 46 11.37 -14.09 -11.53
C TYR D 46 11.43 -13.93 -10.02
N LEU D 47 12.51 -13.38 -9.47
CA LEU D 47 12.56 -13.11 -8.04
C LEU D 47 11.74 -11.86 -7.70
N CYS D 48 11.89 -10.80 -8.49
CA CYS D 48 11.13 -9.57 -8.27
C CYS D 48 9.65 -9.77 -8.59
N LEU D 49 9.35 -10.67 -9.53
CA LEU D 49 7.95 -11.02 -9.79
C LEU D 49 7.35 -11.76 -8.61
N PHE D 50 8.13 -12.63 -7.98
CA PHE D 50 7.66 -13.32 -6.77
C PHE D 50 7.38 -12.32 -5.66
N ALA D 51 8.22 -11.29 -5.53
CA ALA D 51 8.04 -10.31 -4.47
C ALA D 51 6.83 -9.42 -4.72
N GLN D 52 6.61 -9.03 -5.98
CA GLN D 52 5.53 -8.10 -6.30
C GLN D 52 4.18 -8.78 -6.46
N LEU D 53 4.17 -10.06 -6.83
CA LEU D 53 2.94 -10.77 -7.15
C LEU D 53 2.59 -11.86 -6.15
N VAL D 54 3.54 -12.71 -5.80
CA VAL D 54 3.23 -13.91 -5.03
C VAL D 54 3.28 -13.66 -3.53
N ALA D 55 4.26 -12.89 -3.06
CA ALA D 55 4.36 -12.61 -1.63
C ALA D 55 3.12 -11.92 -1.06
N PRO D 56 2.48 -10.96 -1.74
CA PRO D 56 1.26 -10.36 -1.16
C PRO D 56 0.11 -11.32 -0.97
N VAL D 57 0.13 -12.50 -1.59
CA VAL D 57 -0.99 -13.44 -1.49
C VAL D 57 -0.59 -14.73 -0.80
N LEU D 58 0.50 -14.70 -0.02
CA LEU D 58 0.89 -15.86 0.76
C LEU D 58 0.32 -15.84 2.17
N GLY D 59 -0.36 -14.76 2.56
CA GLY D 59 -1.00 -14.68 3.85
C GLY D 59 -0.03 -14.33 4.96
N PRO D 60 -0.53 -14.30 6.20
CA PRO D 60 0.35 -14.07 7.35
C PRO D 60 1.40 -15.17 7.45
N TYR D 61 2.61 -14.79 7.84
CA TYR D 61 3.67 -15.75 8.00
C TYR D 61 3.30 -16.76 9.08
N PRO D 62 3.25 -18.05 8.76
CA PRO D 62 2.71 -19.06 9.71
C PRO D 62 3.72 -19.42 10.80
N SER D 63 3.96 -18.47 11.69
CA SER D 63 4.87 -18.70 12.80
C SER D 63 4.38 -19.85 13.66
N PRO D 64 5.29 -20.56 14.35
CA PRO D 64 4.86 -21.68 15.20
C PRO D 64 3.92 -21.21 16.30
N GLY D 65 2.73 -21.82 16.34
CA GLY D 65 1.71 -21.46 17.29
C GLY D 65 0.73 -20.41 16.80
N ARG D 66 1.08 -19.65 15.76
CA ARG D 66 0.20 -18.61 15.26
C ARG D 66 -1.10 -19.22 14.73
N ASP D 67 -2.22 -18.59 15.08
CA ASP D 67 -3.55 -19.08 14.70
C ASP D 67 -3.96 -18.41 13.40
N VAL D 68 -3.60 -19.05 12.28
CA VAL D 68 -3.92 -18.54 10.95
C VAL D 68 -4.41 -19.68 10.08
N TYR D 69 -5.00 -19.30 8.94
CA TYR D 69 -5.37 -20.25 7.89
C TYR D 69 -4.12 -20.96 7.40
N ARG D 70 -4.12 -22.29 7.48
CA ARG D 70 -2.91 -23.06 7.23
C ARG D 70 -3.05 -23.92 5.98
N CYS D 71 -1.90 -24.18 5.35
CA CYS D 71 -1.80 -24.95 4.12
C CYS D 71 -0.68 -25.98 4.27
N THR D 72 -0.68 -26.97 3.38
CA THR D 72 0.33 -28.02 3.39
C THR D 72 1.27 -27.98 2.20
N LEU D 73 1.28 -26.88 1.44
CA LEU D 73 2.23 -26.74 0.36
C LEU D 73 3.64 -26.61 0.91
N GLY D 74 4.56 -27.39 0.38
CA GLY D 74 5.87 -27.50 1.00
C GLY D 74 5.84 -28.18 2.35
N GLY D 75 4.75 -28.88 2.66
CA GLY D 75 4.59 -29.54 3.93
C GLY D 75 3.80 -28.74 4.93
N ASN D 76 4.08 -27.44 5.01
CA ASN D 76 3.49 -26.62 6.07
C ASN D 76 3.24 -25.17 5.68
N MET D 77 3.46 -24.77 4.43
CA MET D 77 3.33 -23.39 4.00
C MET D 77 2.23 -23.26 2.96
N THR D 78 2.00 -22.02 2.52
CA THR D 78 1.12 -21.74 1.40
C THR D 78 1.88 -21.62 0.08
N VAL D 79 3.13 -22.05 0.04
CA VAL D 79 3.97 -21.93 -1.15
C VAL D 79 4.87 -23.16 -1.24
N GLU D 80 5.13 -23.59 -2.46
CA GLU D 80 5.93 -24.80 -2.70
C GLU D 80 6.76 -24.61 -3.96
N LEU D 81 7.98 -25.16 -3.93
CA LEU D 81 8.91 -25.07 -5.05
C LEU D 81 9.23 -26.47 -5.56
N SER D 82 9.40 -26.58 -6.87
CA SER D 82 9.71 -27.86 -7.49
C SER D 82 10.64 -27.63 -8.66
N GLN D 83 11.34 -28.70 -9.04
CA GLN D 83 12.36 -28.60 -10.09
C GLN D 83 12.20 -29.75 -11.08
N ASN D 84 12.39 -29.43 -12.37
CA ASN D 84 12.22 -30.38 -13.46
C ASN D 84 13.55 -30.55 -14.19
N PHE D 85 14.01 -31.79 -14.30
CA PHE D 85 15.38 -32.08 -14.68
C PHE D 85 15.48 -32.47 -16.15
N GLN D 86 16.01 -31.55 -16.96
CA GLN D 86 16.36 -31.81 -18.35
C GLN D 86 17.86 -32.08 -18.47
N ARG D 87 18.29 -32.40 -19.69
CA ARG D 87 19.72 -32.49 -19.96
C ARG D 87 20.32 -31.11 -20.17
N SER D 88 19.58 -30.23 -20.84
CA SER D 88 20.03 -28.86 -21.06
C SER D 88 20.21 -28.13 -19.72
N GLY D 89 19.17 -28.14 -18.90
CA GLY D 89 19.20 -27.52 -17.59
C GLY D 89 18.05 -28.01 -16.74
N SER D 90 17.40 -27.09 -16.03
CA SER D 90 16.29 -27.44 -15.18
C SER D 90 15.21 -26.37 -15.25
N THR D 91 13.98 -26.79 -14.93
CA THR D 91 12.82 -25.91 -14.89
C THR D 91 12.32 -25.84 -13.46
N THR D 92 12.05 -24.63 -12.98
CA THR D 92 11.56 -24.42 -11.63
C THR D 92 10.09 -24.01 -11.69
N ARG D 93 9.27 -24.61 -10.83
CA ARG D 93 7.85 -24.28 -10.71
C ARG D 93 7.57 -23.79 -9.29
N ILE D 94 6.85 -22.68 -9.19
CA ILE D 94 6.41 -22.13 -7.92
C ILE D 94 4.90 -22.32 -7.80
N ALA D 95 4.48 -23.12 -6.84
CA ALA D 95 3.06 -23.34 -6.55
C ALA D 95 2.70 -22.68 -5.24
N PHE D 96 1.46 -22.19 -5.15
CA PHE D 96 1.01 -21.49 -3.96
C PHE D 96 -0.52 -21.43 -3.96
N GLU D 97 -1.09 -21.37 -2.75
CA GLU D 97 -2.51 -21.09 -2.60
C GLU D 97 -2.68 -19.61 -2.32
N PRO D 98 -3.28 -18.84 -3.23
CA PRO D 98 -3.51 -17.42 -2.94
C PRO D 98 -4.41 -17.26 -1.73
N VAL D 99 -3.95 -16.48 -0.76
CA VAL D 99 -4.66 -16.29 0.50
C VAL D 99 -4.34 -14.90 1.04
N ARG D 100 -5.28 -14.34 1.78
CA ARG D 100 -5.07 -13.08 2.49
C ARG D 100 -5.52 -13.26 3.93
N TYR D 101 -5.12 -12.30 4.78
CA TYR D 101 -5.31 -12.47 6.22
C TYR D 101 -6.79 -12.62 6.60
N GLN D 102 -7.70 -12.11 5.77
CA GLN D 102 -9.13 -12.24 6.08
C GLN D 102 -9.55 -13.69 6.25
N ALA D 103 -8.86 -14.62 5.56
CA ALA D 103 -9.18 -16.03 5.71
C ALA D 103 -8.81 -16.55 7.09
N SER D 104 -7.99 -15.83 7.85
CA SER D 104 -7.59 -16.25 9.17
C SER D 104 -8.39 -15.60 10.29
N VAL D 105 -9.10 -14.51 10.00
CA VAL D 105 -9.84 -13.77 11.02
C VAL D 105 -11.34 -13.80 10.78
N GLY D 106 -11.82 -14.75 9.99
CA GLY D 106 -13.26 -15.01 9.90
C GLY D 106 -14.01 -14.24 8.84
N HIS D 107 -13.34 -13.66 7.86
CA HIS D 107 -14.02 -12.90 6.81
C HIS D 107 -14.00 -13.62 5.46
N ASP D 108 -13.39 -14.80 5.39
CA ASP D 108 -13.37 -15.60 4.17
C ASP D 108 -13.09 -17.05 4.54
N ARG D 109 -14.10 -17.75 5.07
CA ARG D 109 -13.87 -19.03 5.73
C ARG D 109 -13.29 -20.07 4.77
N PHE D 110 -13.63 -19.98 3.48
CA PHE D 110 -13.16 -20.97 2.51
C PHE D 110 -12.23 -20.36 1.46
N ASN D 111 -11.71 -19.16 1.72
CA ASN D 111 -10.67 -18.53 0.90
C ASN D 111 -11.06 -18.51 -0.58
N ARG D 112 -12.24 -17.94 -0.84
CA ARG D 112 -12.72 -17.80 -2.21
C ARG D 112 -12.21 -16.53 -2.89
N THR D 113 -11.76 -15.55 -2.13
CA THR D 113 -11.58 -14.20 -2.63
C THR D 113 -10.20 -13.94 -3.23
N SER D 114 -9.14 -14.51 -2.65
CA SER D 114 -7.79 -14.08 -2.99
C SER D 114 -7.32 -14.57 -4.35
N VAL D 115 -7.84 -15.70 -4.85
CA VAL D 115 -7.44 -16.17 -6.18
C VAL D 115 -7.87 -15.17 -7.24
N ASN D 116 -9.03 -14.52 -7.05
CA ASN D 116 -9.45 -13.48 -7.97
C ASN D 116 -8.59 -12.24 -7.82
N ALA D 117 -8.16 -11.94 -6.60
CA ALA D 117 -7.28 -10.80 -6.37
C ALA D 117 -5.90 -11.05 -6.97
N PHE D 118 -5.41 -12.29 -6.89
CA PHE D 118 -4.12 -12.61 -7.48
C PHE D 118 -4.19 -12.50 -9.00
N PHE D 119 -5.18 -13.16 -9.61
CA PHE D 119 -5.32 -13.10 -11.07
C PHE D 119 -5.45 -11.66 -11.56
N SER D 120 -6.14 -10.81 -10.79
CA SER D 120 -6.28 -9.41 -11.17
C SER D 120 -4.94 -8.68 -11.20
N GLN D 121 -3.93 -9.22 -10.53
CA GLN D 121 -2.58 -8.67 -10.56
C GLN D 121 -1.69 -9.40 -11.55
N LEU D 122 -1.82 -10.73 -11.65
CA LEU D 122 -0.98 -11.51 -12.55
C LEU D 122 -1.18 -11.09 -14.01
N GLN D 123 -2.44 -10.87 -14.40
CA GLN D 123 -2.74 -10.51 -15.79
C GLN D 123 -2.24 -9.12 -16.17
N LEU D 124 -1.89 -8.29 -15.18
CA LEU D 124 -1.29 -6.99 -15.49
C LEU D 124 0.16 -7.10 -15.93
N LEU D 125 0.83 -8.22 -15.63
CA LEU D 125 2.24 -8.40 -15.96
C LEU D 125 2.48 -9.53 -16.95
N VAL D 126 1.80 -10.65 -16.80
CA VAL D 126 1.91 -11.77 -17.74
C VAL D 126 0.64 -11.75 -18.59
N LYS D 127 0.72 -11.05 -19.72
CA LYS D 127 -0.46 -10.84 -20.56
C LYS D 127 -0.99 -12.14 -21.16
N SER D 128 -0.12 -13.16 -21.30
CA SER D 128 -0.55 -14.41 -21.92
C SER D 128 -1.44 -15.24 -21.01
N VAL D 129 -1.60 -14.87 -19.74
CA VAL D 129 -2.41 -15.65 -18.82
C VAL D 129 -3.89 -15.38 -19.10
N ASN D 130 -4.67 -16.44 -19.23
CA ASN D 130 -6.09 -16.36 -19.55
C ASN D 130 -6.86 -17.13 -18.47
N ILE D 131 -7.76 -16.45 -17.78
CA ILE D 131 -8.46 -17.04 -16.65
C ILE D 131 -9.91 -17.38 -16.97
N GLU D 132 -10.25 -17.50 -18.26
CA GLU D 132 -11.60 -17.92 -18.63
C GLU D 132 -11.94 -19.28 -18.04
N LEU D 133 -10.94 -20.16 -17.90
CA LEU D 133 -11.17 -21.47 -17.32
C LEU D 133 -11.38 -21.41 -15.82
N HIS D 134 -10.87 -20.38 -15.16
CA HIS D 134 -11.18 -20.17 -13.74
C HIS D 134 -12.67 -19.90 -13.56
N HIS D 135 -13.24 -19.03 -14.40
CA HIS D 135 -14.65 -18.71 -14.30
C HIS D 135 -15.54 -19.88 -14.71
N LEU D 136 -15.08 -20.70 -15.66
CA LEU D 136 -15.89 -21.83 -16.12
C LEU D 136 -15.86 -22.99 -15.13
N LEU D 137 -14.69 -23.29 -14.56
CA LEU D 137 -14.50 -24.50 -13.78
C LEU D 137 -14.74 -24.32 -12.29
N SER D 138 -14.81 -23.08 -11.80
CA SER D 138 -14.87 -22.85 -10.36
C SER D 138 -16.13 -23.43 -9.75
N GLU D 139 -17.29 -23.15 -10.35
CA GLU D 139 -18.54 -23.65 -9.80
C GLU D 139 -18.65 -25.16 -9.84
N HIS D 140 -17.93 -25.81 -10.76
CA HIS D 140 -17.98 -27.26 -10.85
C HIS D 140 -17.12 -27.94 -9.79
N LEU D 141 -16.03 -27.29 -9.37
CA LEU D 141 -15.00 -27.94 -8.58
C LEU D 141 -14.75 -27.30 -7.23
N THR D 142 -15.41 -26.18 -6.91
CA THR D 142 -15.26 -25.55 -5.61
C THR D 142 -16.62 -25.36 -4.95
N LEU D 143 -16.58 -25.10 -3.64
CA LEU D 143 -17.80 -24.98 -2.86
C LEU D 143 -18.49 -23.65 -3.15
N THR D 144 -19.73 -23.72 -3.63
CA THR D 144 -20.52 -22.53 -3.90
C THR D 144 -21.28 -22.10 -2.64
N ALA D 145 -22.00 -20.98 -2.75
CA ALA D 145 -22.81 -20.52 -1.63
C ALA D 145 -23.94 -21.50 -1.34
N LYS D 146 -24.57 -22.05 -2.40
CA LYS D 146 -25.62 -23.03 -2.20
C LYS D 146 -25.08 -24.30 -1.57
N ASP D 147 -23.92 -24.79 -2.06
CA ASP D 147 -23.29 -25.95 -1.43
C ASP D 147 -22.93 -25.66 0.02
N GLU D 148 -22.48 -24.43 0.30
CA GLU D 148 -22.12 -24.06 1.67
C GLU D 148 -23.33 -24.08 2.59
N ARG D 149 -24.51 -23.73 2.07
CA ARG D 149 -25.71 -23.67 2.91
C ARG D 149 -26.13 -25.05 3.38
N ASN D 150 -25.87 -26.10 2.60
CA ASN D 150 -26.25 -27.45 2.96
C ASN D 150 -25.07 -28.28 3.46
N LEU D 151 -24.02 -27.63 3.93
CA LEU D 151 -22.85 -28.31 4.49
C LEU D 151 -22.91 -28.21 6.01
N ASN D 152 -23.04 -29.36 6.67
CA ASN D 152 -22.95 -29.38 8.12
C ASN D 152 -21.50 -29.56 8.54
N GLU D 153 -21.17 -29.06 9.74
CA GLU D 153 -19.78 -29.10 10.17
C GLU D 153 -19.29 -30.53 10.38
N GLU D 154 -20.19 -31.48 10.67
CA GLU D 154 -19.76 -32.86 10.88
C GLU D 154 -19.12 -33.45 9.63
N GLN D 155 -19.64 -33.11 8.45
CA GLN D 155 -19.06 -33.61 7.21
C GLN D 155 -17.76 -32.91 6.87
N LEU D 156 -17.64 -31.62 7.22
CA LEU D 156 -16.40 -30.90 6.96
C LEU D 156 -15.31 -31.27 7.94
N THR D 157 -15.65 -31.48 9.21
CA THR D 157 -14.66 -32.01 10.16
C THR D 157 -14.12 -33.34 9.67
N LYS D 158 -15.00 -34.25 9.24
CA LYS D 158 -14.55 -35.56 8.78
C LYS D 158 -13.61 -35.44 7.58
N TYR D 159 -13.87 -34.46 6.71
CA TYR D 159 -12.98 -34.24 5.57
C TYR D 159 -11.61 -33.77 6.03
N LEU D 160 -11.57 -32.78 6.93
CA LEU D 160 -10.31 -32.22 7.39
C LEU D 160 -9.54 -33.15 8.32
N THR D 161 -10.15 -34.24 8.79
CA THR D 161 -9.37 -35.23 9.53
C THR D 161 -8.38 -35.94 8.62
N ASN D 162 -8.69 -36.03 7.32
CA ASN D 162 -7.87 -36.77 6.38
C ASN D 162 -7.02 -35.87 5.47
N PHE D 163 -7.38 -34.59 5.34
CA PHE D 163 -6.66 -33.68 4.46
C PHE D 163 -6.31 -32.34 5.10
N GLN D 164 -6.78 -32.07 6.31
CA GLN D 164 -6.33 -30.95 7.14
C GLN D 164 -6.78 -29.58 6.65
N VAL D 165 -6.43 -29.21 5.42
CA VAL D 165 -6.60 -27.84 4.96
C VAL D 165 -7.92 -27.68 4.23
N LYS D 166 -8.44 -26.45 4.25
CA LYS D 166 -9.62 -26.07 3.49
C LYS D 166 -9.27 -25.57 2.09
N THR D 167 -8.10 -25.95 1.57
CA THR D 167 -7.64 -25.45 0.28
C THR D 167 -8.59 -25.88 -0.83
N GLN D 168 -8.80 -24.98 -1.80
CA GLN D 168 -9.63 -25.28 -2.95
C GLN D 168 -8.95 -24.87 -4.24
N TYR D 169 -8.10 -23.85 -4.18
CA TYR D 169 -7.38 -23.34 -5.33
C TYR D 169 -5.88 -23.39 -5.09
N VAL D 170 -5.15 -23.86 -6.09
CA VAL D 170 -3.70 -23.74 -6.14
C VAL D 170 -3.29 -23.19 -7.50
N VAL D 171 -2.39 -22.22 -7.51
CA VAL D 171 -1.86 -21.63 -8.71
C VAL D 171 -0.38 -21.97 -8.80
N ALA D 172 0.05 -22.44 -9.96
CA ALA D 172 1.44 -22.81 -10.20
C ALA D 172 1.97 -22.00 -11.38
N LEU D 173 3.03 -21.22 -11.12
CA LEU D 173 3.71 -20.48 -12.18
C LEU D 173 4.84 -21.36 -12.72
N ASP D 174 4.71 -21.81 -13.96
CA ASP D 174 5.74 -22.61 -14.61
C ASP D 174 6.72 -21.66 -15.27
N LEU D 175 7.93 -21.55 -14.69
CA LEU D 175 8.92 -20.57 -15.13
C LEU D 175 9.75 -21.17 -16.26
N ARG D 176 9.17 -21.15 -17.46
CA ARG D 176 9.92 -21.53 -18.65
C ARG D 176 10.90 -20.42 -19.01
N LYS D 177 11.90 -20.77 -19.81
CA LYS D 177 12.95 -19.83 -20.17
C LYS D 177 12.55 -18.86 -21.27
N THR D 178 11.35 -19.02 -21.84
CA THR D 178 10.82 -18.06 -22.79
C THR D 178 9.65 -17.25 -22.24
N GLY D 179 9.19 -17.57 -21.04
CA GLY D 179 8.08 -16.87 -20.42
C GLY D 179 7.34 -17.79 -19.47
N ILE D 180 6.61 -17.17 -18.55
CA ILE D 180 5.83 -17.92 -17.56
C ILE D 180 4.54 -18.41 -18.20
N VAL D 181 4.16 -19.64 -17.88
CA VAL D 181 2.82 -20.16 -18.17
C VAL D 181 2.21 -20.60 -16.84
N ALA D 182 0.94 -20.27 -16.64
CA ALA D 182 0.29 -20.50 -15.36
C ALA D 182 -0.66 -21.69 -15.44
N LYS D 183 -0.81 -22.38 -14.31
CA LYS D 183 -1.74 -23.48 -14.17
C LYS D 183 -2.54 -23.28 -12.89
N GLU D 184 -3.71 -23.92 -12.84
CA GLU D 184 -4.58 -23.81 -11.69
C GLU D 184 -5.12 -25.19 -11.33
N TYR D 185 -5.16 -25.48 -10.03
CA TYR D 185 -5.65 -26.76 -9.51
C TYR D 185 -6.90 -26.52 -8.69
N PHE D 186 -7.89 -27.39 -8.87
CA PHE D 186 -9.19 -27.27 -8.20
C PHE D 186 -9.40 -28.51 -7.34
N PHE D 187 -9.65 -28.30 -6.06
CA PHE D 187 -9.82 -29.40 -5.12
C PHE D 187 -11.27 -29.50 -4.69
N PRO D 188 -12.05 -30.42 -5.24
CA PRO D 188 -13.49 -30.51 -4.93
C PRO D 188 -13.83 -31.32 -3.68
N GLY D 189 -12.85 -31.69 -2.87
CA GLY D 189 -13.13 -32.54 -1.72
C GLY D 189 -14.13 -31.93 -0.76
N ILE D 190 -14.05 -30.61 -0.55
CA ILE D 190 -14.99 -29.95 0.34
C ILE D 190 -16.35 -29.79 -0.33
N LYS D 191 -16.36 -29.51 -1.64
CA LYS D 191 -17.63 -29.43 -2.36
C LYS D 191 -18.37 -30.76 -2.34
N CYS D 192 -17.64 -31.86 -2.55
CA CYS D 192 -18.27 -33.19 -2.50
C CYS D 192 -18.69 -33.56 -1.08
N ALA D 193 -17.97 -33.07 -0.07
CA ALA D 193 -18.40 -33.28 1.31
C ALA D 193 -19.75 -32.64 1.59
N ALA D 194 -20.12 -31.61 0.83
CA ALA D 194 -21.39 -30.93 1.00
C ALA D 194 -22.48 -31.48 0.10
N THR D 195 -22.12 -31.96 -1.10
CA THR D 195 -23.09 -32.36 -2.10
C THR D 195 -23.24 -33.86 -2.26
N GLY D 196 -22.37 -34.67 -1.65
CA GLY D 196 -22.39 -36.09 -1.87
C GLY D 196 -21.84 -36.55 -3.20
N GLN D 197 -21.33 -35.63 -4.01
CA GLN D 197 -20.71 -35.97 -5.29
C GLN D 197 -19.48 -36.85 -5.06
N THR D 198 -19.09 -37.56 -6.13
CA THR D 198 -17.78 -38.16 -6.17
C THR D 198 -16.81 -37.22 -6.87
N GLY D 199 -15.52 -37.39 -6.57
CA GLY D 199 -14.51 -36.58 -7.24
C GLY D 199 -14.51 -36.76 -8.75
N SER D 200 -14.74 -37.99 -9.20
CA SER D 200 -14.82 -38.25 -10.64
C SER D 200 -16.02 -37.55 -11.25
N ASN D 201 -17.15 -37.53 -10.55
CA ASN D 201 -18.32 -36.81 -11.05
C ASN D 201 -18.05 -35.33 -11.19
N ALA D 202 -17.30 -34.75 -10.23
CA ALA D 202 -17.05 -33.31 -10.25
C ALA D 202 -16.05 -32.93 -11.32
N CYS D 203 -14.92 -33.67 -11.39
CA CYS D 203 -13.85 -33.30 -12.31
C CYS D 203 -14.20 -33.66 -13.75
N PHE D 204 -14.74 -34.86 -13.98
CA PHE D 204 -15.09 -35.24 -15.35
C PHE D 204 -16.34 -34.49 -15.82
N GLY D 205 -17.27 -34.18 -14.91
CA GLY D 205 -18.36 -33.29 -15.28
C GLY D 205 -17.88 -31.90 -15.64
N ALA D 206 -16.78 -31.46 -15.03
CA ALA D 206 -16.23 -30.15 -15.35
C ALA D 206 -15.56 -30.15 -16.71
N ILE D 207 -14.89 -31.26 -17.07
CA ILE D 207 -14.22 -31.34 -18.36
C ILE D 207 -15.23 -31.31 -19.50
N ARG D 208 -16.32 -32.08 -19.37
CA ARG D 208 -17.33 -32.11 -20.42
C ARG D 208 -18.06 -30.78 -20.53
N ALA D 209 -18.26 -30.08 -19.42
CA ALA D 209 -18.89 -28.76 -19.48
C ALA D 209 -18.06 -27.78 -20.29
N VAL D 210 -16.74 -27.91 -20.25
CA VAL D 210 -15.87 -27.05 -21.04
C VAL D 210 -15.70 -27.60 -22.44
N ASP D 211 -15.54 -28.92 -22.56
CA ASP D 211 -15.34 -29.58 -23.86
C ASP D 211 -16.72 -29.90 -24.45
N LYS D 212 -17.32 -28.89 -25.08
CA LYS D 212 -18.65 -29.05 -25.63
C LYS D 212 -18.63 -29.92 -26.88
N ASP D 213 -17.58 -29.79 -27.70
CA ASP D 213 -17.48 -30.55 -28.94
C ASP D 213 -17.15 -32.03 -28.71
N GLY D 214 -16.86 -32.43 -27.48
CA GLY D 214 -16.58 -33.82 -27.20
C GLY D 214 -15.23 -34.31 -27.67
N HIS D 215 -14.26 -33.41 -27.81
CA HIS D 215 -12.93 -33.80 -28.27
C HIS D 215 -12.19 -34.70 -27.28
N LEU D 216 -12.58 -34.66 -26.00
CA LEU D 216 -11.85 -35.36 -24.94
C LEU D 216 -12.64 -36.51 -24.32
N ASP D 217 -13.86 -36.79 -24.80
CA ASP D 217 -14.68 -37.78 -24.12
C ASP D 217 -14.15 -39.20 -24.33
N SER D 218 -13.44 -39.44 -25.43
CA SER D 218 -12.80 -40.74 -25.60
C SER D 218 -11.71 -40.96 -24.56
N LEU D 219 -10.92 -39.92 -24.29
CA LEU D 219 -9.88 -40.01 -23.27
C LEU D 219 -10.48 -40.16 -21.87
N CYS D 220 -11.57 -39.45 -21.60
CA CYS D 220 -12.17 -39.48 -20.27
C CYS D 220 -12.82 -40.83 -19.98
N GLN D 221 -13.43 -41.44 -20.99
CA GLN D 221 -14.07 -42.74 -20.78
C GLN D 221 -13.05 -43.82 -20.50
N LEU D 222 -11.89 -43.76 -21.14
CA LEU D 222 -10.82 -44.71 -20.85
C LEU D 222 -10.32 -44.52 -19.42
N ILE D 223 -10.14 -43.27 -19.00
CA ILE D 223 -9.70 -43.00 -17.63
C ILE D 223 -10.76 -43.41 -16.62
N GLU D 224 -12.03 -43.08 -16.90
CA GLU D 224 -13.11 -43.43 -15.99
C GLU D 224 -13.30 -44.94 -15.89
N ALA D 225 -13.08 -45.67 -16.98
CA ALA D 225 -13.19 -47.12 -16.93
C ALA D 225 -12.13 -47.71 -16.01
N HIS D 226 -10.92 -47.14 -16.02
CA HIS D 226 -9.88 -47.60 -15.12
C HIS D 226 -10.22 -47.27 -13.67
N PHE D 227 -10.67 -46.03 -13.42
CA PHE D 227 -11.03 -45.63 -12.06
C PHE D 227 -12.16 -46.48 -11.52
N GLN D 228 -13.13 -46.83 -12.38
CA GLN D 228 -14.25 -47.66 -11.94
C GLN D 228 -13.81 -49.09 -11.68
N GLN D 229 -12.90 -49.62 -12.50
CA GLN D 229 -12.47 -51.01 -12.34
C GLN D 229 -11.50 -51.15 -11.16
N SER D 230 -10.46 -50.30 -11.11
CA SER D 230 -9.47 -50.38 -10.05
C SER D 230 -9.93 -49.78 -8.73
N LYS D 231 -11.18 -49.31 -8.66
CA LYS D 231 -11.80 -48.83 -7.43
C LYS D 231 -11.01 -47.65 -6.84
N ILE D 232 -11.00 -46.55 -7.58
CA ILE D 232 -10.40 -45.30 -7.12
C ILE D 232 -11.23 -44.13 -7.63
N ASP D 233 -11.25 -43.07 -6.85
CA ASP D 233 -12.01 -41.86 -7.16
C ASP D 233 -11.04 -40.73 -7.49
N ASP D 234 -11.43 -39.88 -8.45
CA ASP D 234 -10.59 -38.77 -8.84
C ASP D 234 -10.40 -37.81 -7.67
N ALA D 235 -9.19 -37.27 -7.54
CA ALA D 235 -8.84 -36.43 -6.40
C ALA D 235 -9.02 -34.95 -6.70
N PHE D 236 -8.41 -34.45 -7.77
CA PHE D 236 -8.55 -33.05 -8.15
C PHE D 236 -8.18 -32.89 -9.62
N LEU D 237 -8.28 -31.66 -10.11
CA LEU D 237 -8.14 -31.35 -11.53
C LEU D 237 -7.18 -30.19 -11.70
N CYS D 238 -6.51 -30.16 -12.85
CA CYS D 238 -5.56 -29.10 -13.18
C CYS D 238 -5.80 -28.64 -14.61
N CYS D 239 -5.60 -27.35 -14.85
CA CYS D 239 -5.83 -26.78 -16.18
C CYS D 239 -4.76 -25.74 -16.48
N ASP D 240 -4.46 -25.58 -17.77
CA ASP D 240 -3.59 -24.50 -18.23
C ASP D 240 -4.40 -23.22 -18.35
N LEU D 241 -3.86 -22.12 -17.81
CA LEU D 241 -4.52 -20.82 -17.88
C LEU D 241 -4.25 -20.20 -19.26
N VAL D 242 -4.83 -20.84 -20.28
CA VAL D 242 -4.73 -20.40 -21.65
C VAL D 242 -6.14 -20.39 -22.26
N ASP D 243 -6.22 -20.21 -23.57
CA ASP D 243 -7.51 -20.27 -24.25
C ASP D 243 -8.14 -21.64 -24.03
N PRO D 244 -9.40 -21.72 -23.64
CA PRO D 244 -10.00 -23.02 -23.27
C PRO D 244 -9.87 -24.10 -24.33
N ALA D 245 -9.83 -23.72 -25.61
CA ALA D 245 -9.67 -24.72 -26.66
C ALA D 245 -8.24 -25.21 -26.80
N HIS D 246 -7.27 -24.51 -26.21
CA HIS D 246 -5.86 -24.84 -26.31
C HIS D 246 -5.29 -25.39 -25.00
N THR D 247 -6.13 -25.68 -24.02
CA THR D 247 -5.67 -26.07 -22.71
C THR D 247 -5.52 -27.59 -22.61
N ARG D 248 -4.78 -28.03 -21.59
CA ARG D 248 -4.67 -29.43 -21.23
C ARG D 248 -5.27 -29.64 -19.85
N PHE D 249 -6.06 -30.68 -19.70
CA PHE D 249 -6.62 -31.07 -18.42
C PHE D 249 -5.85 -32.24 -17.85
N LYS D 250 -5.66 -32.26 -16.53
CA LYS D 250 -4.99 -33.35 -15.84
C LYS D 250 -5.83 -33.75 -14.63
N VAL D 251 -6.26 -35.00 -14.60
CA VAL D 251 -7.04 -35.54 -13.49
C VAL D 251 -6.09 -36.31 -12.58
N TYR D 252 -6.07 -35.94 -11.31
CA TYR D 252 -5.17 -36.53 -10.33
C TYR D 252 -5.90 -37.57 -9.49
N ILE D 253 -5.19 -38.63 -9.13
CA ILE D 253 -5.66 -39.59 -8.15
C ILE D 253 -4.60 -39.71 -7.06
N ALA D 254 -5.04 -40.09 -5.86
CA ALA D 254 -4.16 -40.32 -4.72
C ALA D 254 -4.54 -41.65 -4.11
N ASP D 255 -3.58 -42.57 -4.06
CA ASP D 255 -3.84 -43.92 -3.59
C ASP D 255 -3.09 -44.17 -2.28
N PRO D 256 -3.79 -44.45 -1.18
CA PRO D 256 -3.08 -44.76 0.07
C PRO D 256 -2.33 -46.08 0.02
N LEU D 257 -2.57 -46.92 -0.99
CA LEU D 257 -1.89 -48.20 -1.14
C LEU D 257 -0.60 -47.97 -1.91
N VAL D 258 0.50 -47.76 -1.16
CA VAL D 258 1.79 -47.44 -1.76
C VAL D 258 2.51 -48.77 -2.00
N THR D 259 2.23 -49.38 -3.14
CA THR D 259 2.90 -50.59 -3.59
C THR D 259 3.27 -50.44 -5.05
N LEU D 260 4.31 -51.16 -5.47
CA LEU D 260 4.73 -51.11 -6.87
C LEU D 260 3.68 -51.73 -7.79
N ALA D 261 2.93 -52.71 -7.29
CA ALA D 261 1.87 -53.32 -8.10
C ALA D 261 0.75 -52.33 -8.36
N ARG D 262 0.31 -51.61 -7.32
CA ARG D 262 -0.74 -50.62 -7.49
C ARG D 262 -0.28 -49.49 -8.40
N ALA D 263 1.01 -49.13 -8.33
CA ALA D 263 1.53 -48.12 -9.24
C ALA D 263 1.59 -48.65 -10.67
N GLU D 264 1.89 -49.95 -10.83
CA GLU D 264 1.84 -50.57 -12.15
C GLU D 264 0.42 -50.51 -12.72
N GLU D 265 -0.58 -50.81 -11.88
CA GLU D 265 -1.96 -50.81 -12.32
C GLU D 265 -2.37 -49.44 -12.86
N HIS D 266 -2.05 -48.38 -12.12
CA HIS D 266 -2.47 -47.04 -12.52
C HIS D 266 -1.64 -46.51 -13.69
N TRP D 267 -0.36 -46.88 -13.77
CA TRP D 267 0.46 -46.43 -14.88
C TRP D 267 -0.02 -47.00 -16.20
N THR D 268 -0.57 -48.21 -16.19
CA THR D 268 -1.03 -48.86 -17.42
C THR D 268 -2.53 -48.65 -17.66
N LEU D 269 -3.20 -47.89 -16.81
CA LEU D 269 -4.65 -47.80 -16.81
C LEU D 269 -5.27 -49.20 -16.74
N GLY D 270 -4.68 -50.05 -15.90
CA GLY D 270 -5.15 -51.41 -15.74
C GLY D 270 -4.99 -52.29 -16.97
N GLY D 271 -4.10 -51.92 -17.88
CA GLY D 271 -3.89 -52.66 -19.11
C GLY D 271 -4.46 -52.00 -20.35
N ARG D 272 -5.03 -50.79 -20.23
CA ARG D 272 -5.60 -50.11 -21.38
C ARG D 272 -4.57 -49.36 -22.21
N LEU D 273 -3.37 -49.13 -21.67
CA LEU D 273 -2.25 -48.56 -22.42
C LEU D 273 -1.21 -49.65 -22.61
N THR D 274 -0.84 -49.89 -23.88
CA THR D 274 0.03 -51.02 -24.18
C THR D 274 1.08 -50.68 -25.24
N ASP D 275 1.37 -49.42 -25.48
CA ASP D 275 2.37 -49.06 -26.48
C ASP D 275 3.77 -49.36 -25.94
N GLU D 276 4.79 -49.03 -26.75
CA GLU D 276 6.16 -49.29 -26.35
C GLU D 276 6.61 -48.35 -25.25
N ASP D 277 6.20 -47.08 -25.31
CA ASP D 277 6.66 -46.09 -24.34
C ASP D 277 6.08 -46.31 -22.96
N ALA D 278 4.97 -47.02 -22.84
CA ALA D 278 4.48 -47.40 -21.52
C ALA D 278 5.29 -48.53 -20.93
N ALA D 279 5.67 -49.52 -21.76
CA ALA D 279 6.47 -50.64 -21.27
C ALA D 279 7.86 -50.19 -20.86
N VAL D 280 8.48 -49.31 -21.65
CA VAL D 280 9.81 -48.83 -21.31
C VAL D 280 9.76 -47.98 -20.05
N GLY D 281 8.82 -47.03 -19.99
CA GLY D 281 8.69 -46.20 -18.80
C GLY D 281 8.36 -47.00 -17.56
N LEU D 282 7.53 -48.05 -17.72
CA LEU D 282 7.24 -48.93 -16.59
C LEU D 282 8.51 -49.61 -16.08
N GLU D 283 9.47 -49.86 -16.97
CA GLU D 283 10.70 -50.52 -16.58
C GLU D 283 11.63 -49.57 -15.84
N ILE D 284 11.66 -48.30 -16.26
CA ILE D 284 12.44 -47.30 -15.54
C ILE D 284 11.80 -47.00 -14.18
N ILE D 285 10.48 -47.13 -14.10
CA ILE D 285 9.78 -46.86 -12.83
C ILE D 285 10.14 -47.90 -11.79
N ARG D 286 9.97 -49.18 -12.11
CA ARG D 286 10.19 -50.23 -11.13
C ARG D 286 11.64 -50.34 -10.71
N GLY D 287 12.57 -49.75 -11.47
CA GLY D 287 13.94 -49.67 -11.05
C GLY D 287 14.15 -48.55 -10.05
N LEU D 288 13.55 -47.38 -10.33
CA LEU D 288 13.61 -46.26 -9.39
C LEU D 288 12.88 -46.62 -8.10
N TRP D 289 11.69 -47.20 -8.22
CA TRP D 289 10.94 -47.64 -7.04
C TRP D 289 11.73 -48.66 -6.24
N SER D 290 12.44 -49.56 -6.93
CA SER D 290 13.23 -50.57 -6.23
C SER D 290 14.38 -49.95 -5.44
N GLU D 291 15.21 -49.15 -6.12
CA GLU D 291 16.42 -48.63 -5.48
C GLU D 291 16.08 -47.62 -4.39
N LEU D 292 15.12 -46.72 -4.65
CA LEU D 292 14.72 -45.76 -3.62
C LEU D 292 14.08 -46.47 -2.44
N GLY D 293 13.39 -47.57 -2.66
CA GLY D 293 12.72 -48.30 -1.60
C GLY D 293 11.56 -47.52 -1.03
N ILE D 294 10.56 -47.21 -1.87
CA ILE D 294 9.42 -46.41 -1.44
C ILE D 294 8.67 -47.14 -0.34
N ILE D 295 8.43 -46.43 0.77
CA ILE D 295 7.86 -47.02 1.97
C ILE D 295 6.37 -47.28 1.76
N GLN D 296 5.92 -48.48 2.13
CA GLN D 296 4.50 -48.81 2.10
C GLN D 296 3.91 -48.40 3.44
N GLY D 297 3.39 -47.18 3.50
CA GLY D 297 2.88 -46.63 4.73
C GLY D 297 1.55 -47.22 5.13
N PRO D 298 0.97 -46.70 6.21
CA PRO D 298 -0.36 -47.14 6.62
C PRO D 298 -1.44 -46.54 5.74
N LEU D 299 -2.44 -47.38 5.41
CA LEU D 299 -3.55 -46.96 4.56
C LEU D 299 -4.37 -45.87 5.23
N GLU D 300 -4.68 -46.06 6.51
CA GLU D 300 -5.28 -45.12 7.46
C GLU D 300 -4.73 -43.72 7.19
N PRO D 301 -5.52 -42.81 6.62
CA PRO D 301 -5.00 -41.47 6.35
C PRO D 301 -4.49 -40.77 7.61
N SER D 302 -5.13 -41.03 8.75
CA SER D 302 -4.65 -40.48 10.02
C SER D 302 -3.27 -41.03 10.37
N ALA D 303 -3.09 -42.34 10.23
CA ALA D 303 -1.83 -42.97 10.63
C ALA D 303 -0.69 -42.61 9.70
N MET D 304 -0.97 -42.48 8.40
CA MET D 304 0.09 -42.12 7.46
C MET D 304 0.62 -40.72 7.73
N MET D 305 -0.30 -39.76 7.93
CA MET D 305 0.12 -38.41 8.29
C MET D 305 0.79 -38.38 9.65
N GLU D 306 0.47 -39.33 10.53
CA GLU D 306 1.13 -39.41 11.82
C GLU D 306 2.56 -39.92 11.69
N LYS D 307 2.81 -40.84 10.76
CA LYS D 307 4.15 -41.32 10.46
C LYS D 307 4.88 -40.47 9.44
N GLY D 308 4.28 -39.35 9.02
CA GLY D 308 4.89 -38.47 8.04
C GLY D 308 4.88 -39.00 6.63
N LEU D 309 4.07 -40.02 6.33
CA LEU D 309 4.11 -40.71 5.06
C LEU D 309 3.03 -40.19 4.12
N LEU D 310 3.36 -40.13 2.83
CA LEU D 310 2.51 -39.65 1.75
C LEU D 310 2.05 -40.81 0.88
N PRO D 311 0.90 -40.68 0.22
CA PRO D 311 0.45 -41.72 -0.70
C PRO D 311 1.12 -41.56 -2.06
N ILE D 312 0.81 -42.47 -2.97
CA ILE D 312 1.23 -42.31 -4.35
C ILE D 312 0.18 -41.50 -5.08
N MET D 313 0.62 -40.77 -6.10
CA MET D 313 -0.26 -39.94 -6.90
C MET D 313 0.03 -40.13 -8.38
N LEU D 314 -0.99 -39.88 -9.19
CA LEU D 314 -0.85 -39.89 -10.64
C LEU D 314 -1.79 -38.87 -11.23
N ASN D 315 -1.35 -38.20 -12.29
CA ASN D 315 -2.23 -37.40 -13.13
C ASN D 315 -2.20 -37.96 -14.55
N TYR D 316 -3.33 -37.82 -15.24
CA TYR D 316 -3.46 -38.26 -16.62
C TYR D 316 -3.73 -37.03 -17.49
N GLU D 317 -2.88 -36.80 -18.47
CA GLU D 317 -2.97 -35.62 -19.32
C GLU D 317 -3.95 -35.86 -20.47
N MET D 318 -4.63 -34.79 -20.87
CA MET D 318 -5.66 -34.85 -21.90
C MET D 318 -5.62 -33.58 -22.73
N LYS D 319 -5.22 -33.71 -23.98
CA LYS D 319 -5.32 -32.62 -24.95
C LYS D 319 -6.23 -33.05 -26.10
N ALA D 320 -6.64 -32.08 -26.90
CA ALA D 320 -7.68 -32.32 -27.90
C ALA D 320 -7.24 -33.36 -28.93
N GLY D 321 -6.02 -33.22 -29.46
CA GLY D 321 -5.58 -34.10 -30.52
C GLY D 321 -5.03 -35.44 -30.07
N GLN D 322 -4.78 -35.62 -28.78
CA GLN D 322 -4.11 -36.82 -28.32
C GLN D 322 -4.99 -38.05 -28.49
N ARG D 323 -4.37 -39.16 -28.91
CA ARG D 323 -5.10 -40.41 -29.09
C ARG D 323 -5.26 -41.17 -27.79
N LEU D 324 -4.24 -41.16 -26.94
CA LEU D 324 -4.26 -41.86 -25.66
C LEU D 324 -3.84 -40.93 -24.54
N PRO D 325 -4.35 -41.14 -23.33
CA PRO D 325 -3.96 -40.29 -22.21
C PRO D 325 -2.54 -40.58 -21.75
N LYS D 326 -1.86 -39.53 -21.30
CA LYS D 326 -0.46 -39.62 -20.90
C LYS D 326 -0.35 -39.65 -19.38
N PRO D 327 0.24 -40.69 -18.80
CA PRO D 327 0.32 -40.77 -17.34
C PRO D 327 1.59 -40.14 -16.77
N LYS D 328 1.51 -39.80 -15.49
CA LYS D 328 2.66 -39.32 -14.73
C LYS D 328 2.50 -39.80 -13.30
N LEU D 329 3.54 -40.44 -12.76
CA LEU D 329 3.50 -41.07 -11.45
C LEU D 329 4.26 -40.23 -10.43
N TYR D 330 3.67 -40.05 -9.25
CA TYR D 330 4.28 -39.31 -8.15
C TYR D 330 4.64 -40.31 -7.05
N MET D 331 5.95 -40.47 -6.80
CA MET D 331 6.43 -41.40 -5.78
C MET D 331 6.73 -40.65 -4.49
N PRO D 332 6.17 -41.07 -3.36
CA PRO D 332 6.38 -40.34 -2.09
C PRO D 332 7.76 -40.63 -1.51
N LEU D 333 8.50 -39.57 -1.19
CA LEU D 333 9.89 -39.70 -0.77
C LEU D 333 10.11 -39.39 0.71
N THR D 334 9.08 -38.99 1.45
CA THR D 334 9.28 -38.71 2.87
C THR D 334 9.62 -39.99 3.62
N GLY D 335 10.48 -39.86 4.62
CA GLY D 335 10.98 -41.01 5.34
C GLY D 335 12.15 -41.70 4.71
N ILE D 336 12.67 -41.19 3.60
CA ILE D 336 13.84 -41.73 2.92
C ILE D 336 14.95 -40.70 3.01
N PRO D 337 16.13 -41.05 3.52
CA PRO D 337 17.19 -40.05 3.72
C PRO D 337 17.58 -39.39 2.40
N GLU D 338 17.90 -38.09 2.49
CA GLU D 338 18.14 -37.29 1.30
C GLU D 338 19.37 -37.75 0.54
N THR D 339 20.36 -38.32 1.23
CA THR D 339 21.57 -38.77 0.55
C THR D 339 21.31 -40.01 -0.29
N LYS D 340 20.44 -40.90 0.19
CA LYS D 340 20.08 -42.08 -0.60
C LYS D 340 19.37 -41.68 -1.89
N ILE D 341 18.46 -40.70 -1.80
CA ILE D 341 17.78 -40.20 -2.99
C ILE D 341 18.78 -39.59 -3.95
N ALA D 342 19.72 -38.81 -3.43
CA ALA D 342 20.67 -38.10 -4.29
C ALA D 342 21.68 -39.04 -4.95
N ARG D 343 21.90 -40.23 -4.40
CA ARG D 343 22.80 -41.18 -5.06
C ARG D 343 22.09 -41.90 -6.21
N ILE D 344 20.80 -42.19 -6.04
CA ILE D 344 20.06 -42.88 -7.09
C ILE D 344 19.67 -41.94 -8.22
N MET D 345 19.39 -40.67 -7.90
CA MET D 345 19.18 -39.68 -8.96
C MET D 345 20.45 -39.48 -9.77
N THR D 346 21.60 -39.42 -9.09
CA THR D 346 22.88 -39.25 -9.77
C THR D 346 23.17 -40.45 -10.68
N ALA D 347 22.96 -41.67 -10.16
CA ALA D 347 23.13 -42.85 -10.99
C ALA D 347 22.18 -42.85 -12.18
N PHE D 348 20.92 -42.47 -11.94
CA PHE D 348 19.95 -42.37 -13.03
C PHE D 348 20.44 -41.40 -14.10
N PHE D 349 20.81 -40.18 -13.69
CA PHE D 349 21.29 -39.19 -14.66
C PHE D 349 22.52 -39.69 -15.41
N GLN D 350 23.36 -40.49 -14.76
CA GLN D 350 24.53 -41.03 -15.43
C GLN D 350 24.14 -42.04 -16.50
N ARG D 351 23.15 -42.89 -16.21
CA ARG D 351 22.76 -43.94 -17.15
C ARG D 351 21.98 -43.42 -18.34
N HIS D 352 21.36 -42.24 -18.23
CA HIS D 352 20.49 -41.72 -19.27
C HIS D 352 21.11 -40.52 -20.00
N ASP D 353 22.44 -40.51 -20.13
CA ASP D 353 23.16 -39.46 -20.84
C ASP D 353 22.78 -38.08 -20.33
N MET D 354 22.81 -37.92 -19.01
CA MET D 354 22.62 -36.63 -18.36
C MET D 354 23.76 -36.40 -17.38
N PRO D 355 24.99 -36.30 -17.87
CA PRO D 355 26.13 -36.21 -16.95
C PRO D 355 26.17 -34.90 -16.18
N GLU D 356 25.77 -33.79 -16.80
CA GLU D 356 25.78 -32.50 -16.10
C GLU D 356 24.88 -32.53 -14.87
N GLN D 357 23.75 -33.21 -14.96
CA GLN D 357 22.85 -33.29 -13.80
C GLN D 357 23.44 -34.18 -12.71
N ALA D 358 24.12 -35.26 -13.11
CA ALA D 358 24.70 -36.16 -12.12
C ALA D 358 25.80 -35.49 -11.31
N GLU D 359 26.59 -34.61 -11.93
CA GLU D 359 27.74 -34.02 -11.24
C GLU D 359 27.32 -33.07 -10.11
N VAL D 360 26.18 -32.39 -10.25
CA VAL D 360 25.84 -31.29 -9.36
C VAL D 360 24.63 -31.59 -8.49
N PHE D 361 24.03 -32.78 -8.59
CA PHE D 361 22.77 -33.03 -7.88
C PHE D 361 22.97 -32.96 -6.37
N MET D 362 24.01 -33.63 -5.85
CA MET D 362 24.20 -33.67 -4.41
C MET D 362 24.60 -32.30 -3.86
N GLU D 363 25.50 -31.59 -4.56
CA GLU D 363 25.96 -30.30 -4.06
C GLU D 363 24.89 -29.22 -4.21
N ASN D 364 24.01 -29.36 -5.21
CA ASN D 364 22.89 -28.43 -5.32
C ASN D 364 21.83 -28.73 -4.25
N LEU D 365 21.59 -30.01 -3.99
CA LEU D 365 20.66 -30.38 -2.92
C LEU D 365 21.16 -29.89 -1.56
N GLN D 366 22.48 -29.96 -1.33
CA GLN D 366 23.03 -29.52 -0.06
C GLN D 366 22.93 -28.00 0.09
N ALA D 367 23.09 -27.27 -1.01
CA ALA D 367 23.00 -25.81 -0.94
C ALA D 367 21.56 -25.35 -0.70
N TYR D 368 20.57 -26.11 -1.19
CA TYR D 368 19.18 -25.78 -0.89
C TYR D 368 18.93 -25.82 0.62
N TYR D 369 19.55 -26.76 1.30
CA TYR D 369 19.42 -26.94 2.75
C TYR D 369 20.81 -26.85 3.38
N GLU D 370 21.39 -25.65 3.35
CA GLU D 370 22.77 -25.47 3.79
C GLU D 370 22.90 -25.75 5.28
N GLY D 371 24.00 -26.39 5.65
CA GLY D 371 24.27 -26.68 7.04
C GLY D 371 23.39 -27.73 7.66
N LYS D 372 22.77 -28.59 6.85
CA LYS D 372 21.92 -29.66 7.34
C LYS D 372 22.54 -31.01 7.04
N ASN D 373 22.23 -31.99 7.89
CA ASN D 373 22.74 -33.35 7.72
C ASN D 373 21.77 -34.10 6.80
N LEU D 374 22.15 -34.25 5.53
CA LEU D 374 21.27 -34.86 4.56
C LEU D 374 21.09 -36.37 4.79
N GLU D 375 22.00 -37.00 5.53
CA GLU D 375 21.83 -38.42 5.84
C GLU D 375 20.80 -38.63 6.95
N GLU D 376 20.64 -37.66 7.83
CA GLU D 376 19.62 -37.75 8.88
C GLU D 376 18.28 -37.16 8.44
N ALA D 377 18.30 -36.19 7.53
CA ALA D 377 17.08 -35.58 7.06
C ALA D 377 16.35 -36.51 6.09
N THR D 378 15.04 -36.67 6.30
CA THR D 378 14.23 -37.52 5.44
C THR D 378 12.97 -36.82 4.93
N ARG D 379 12.85 -35.50 5.13
CA ARG D 379 11.63 -34.78 4.78
C ARG D 379 11.93 -33.51 4.00
N TYR D 380 13.04 -33.48 3.26
CA TYR D 380 13.37 -32.33 2.42
C TYR D 380 12.88 -32.52 1.00
N GLN D 381 13.21 -33.65 0.37
CA GLN D 381 12.68 -34.01 -0.94
C GLN D 381 11.46 -34.90 -0.71
N ALA D 382 10.28 -34.41 -1.07
CA ALA D 382 9.03 -35.07 -0.73
C ALA D 382 8.45 -35.93 -1.84
N TRP D 383 8.55 -35.48 -3.09
CA TRP D 383 7.94 -36.18 -4.21
C TRP D 383 8.94 -36.32 -5.35
N LEU D 384 8.93 -37.49 -5.98
CA LEU D 384 9.60 -37.70 -7.27
C LEU D 384 8.55 -38.09 -8.28
N SER D 385 8.44 -37.30 -9.35
CA SER D 385 7.45 -37.52 -10.39
C SER D 385 8.14 -38.04 -11.65
N PHE D 386 7.61 -39.12 -12.21
CA PHE D 386 8.16 -39.72 -13.42
C PHE D 386 7.13 -39.67 -14.54
N ALA D 387 7.64 -39.45 -15.76
CA ALA D 387 6.84 -39.51 -16.97
C ALA D 387 7.79 -39.78 -18.13
N TYR D 388 7.35 -40.58 -19.09
CA TYR D 388 8.22 -41.07 -20.15
C TYR D 388 7.57 -40.93 -21.51
N THR D 389 8.30 -40.32 -22.44
CA THR D 389 8.01 -40.37 -23.86
C THR D 389 9.31 -40.67 -24.59
N LYS D 390 9.24 -41.52 -25.62
CA LYS D 390 10.44 -41.89 -26.35
C LYS D 390 11.09 -40.67 -27.00
N GLU D 391 10.29 -39.66 -27.33
CA GLU D 391 10.84 -38.44 -27.91
C GLU D 391 11.63 -37.65 -26.88
N LYS D 392 11.11 -37.54 -25.66
CA LYS D 392 11.76 -36.77 -24.61
C LYS D 392 12.65 -37.62 -23.72
N GLY D 393 12.50 -38.95 -23.75
CA GLY D 393 13.14 -39.79 -22.79
C GLY D 393 12.48 -39.65 -21.44
N PRO D 394 13.08 -40.19 -20.39
CA PRO D 394 12.48 -40.07 -19.05
C PRO D 394 12.69 -38.67 -18.47
N TYR D 395 11.63 -38.11 -17.90
CA TYR D 395 11.64 -36.78 -17.30
C TYR D 395 11.28 -36.90 -15.83
N LEU D 396 12.08 -36.26 -14.98
CA LEU D 396 11.88 -36.33 -13.54
C LEU D 396 11.69 -34.94 -12.98
N SER D 397 11.01 -34.89 -11.84
CA SER D 397 10.75 -33.66 -11.11
C SER D 397 10.76 -33.97 -9.62
N ILE D 398 11.36 -33.07 -8.84
CA ILE D 398 11.45 -33.18 -7.39
C ILE D 398 10.64 -32.05 -6.77
N TYR D 399 9.86 -32.38 -5.74
CA TYR D 399 9.04 -31.41 -5.01
C TYR D 399 9.59 -31.29 -3.60
N TYR D 400 9.90 -30.06 -3.19
CA TYR D 400 10.67 -29.80 -1.98
C TYR D 400 9.76 -29.36 -0.84
N PHE D 401 9.97 -29.97 0.33
CA PHE D 401 9.35 -29.52 1.56
C PHE D 401 10.28 -28.55 2.29
N TRP D 402 9.67 -27.64 3.08
CA TRP D 402 10.44 -26.64 3.80
C TRP D 402 10.96 -27.21 5.12
N PRO D 403 12.10 -26.71 5.60
CA PRO D 403 12.53 -27.06 6.96
C PRO D 403 11.56 -26.49 7.98
N GLU D 404 11.20 -27.31 8.98
CA GLU D 404 10.24 -26.92 10.00
C GLU D 404 10.61 -25.63 10.70
P PO4 E . -32.11 -0.21 -12.92
O1 PO4 E . -31.43 -1.54 -12.72
O2 PO4 E . -31.28 0.66 -13.83
O3 PO4 E . -33.46 -0.45 -13.55
O4 PO4 E . -32.28 0.48 -11.59
P PO4 F . -34.13 -2.20 -8.82
O1 PO4 F . -32.94 -3.11 -8.92
O2 PO4 F . -33.73 -0.80 -9.26
O3 PO4 F . -34.62 -2.15 -7.39
O4 PO4 F . -35.23 -2.71 -9.71
C10 CN9 G . -29.34 5.83 -16.65
C13 CN9 G . -29.92 3.66 -18.30
C01 CN9 G . -24.93 2.99 -14.69
C02 CN9 G . -25.84 2.39 -15.75
C04 CN9 G . -26.36 0.63 -17.14
C05 CN9 G . -27.46 1.30 -17.64
C06 CN9 G . -27.78 2.61 -17.18
C07 CN9 G . -26.95 3.14 -16.22
C09 CN9 G . -28.51 4.68 -16.63
C11 CN9 G . -30.43 5.88 -17.49
C12 CN9 G . -30.73 4.80 -18.32
C14 CN9 G . -28.80 3.61 -17.44
N03 CN9 G . -25.59 1.18 -16.21
N08 CN9 G . -27.40 4.38 -15.90
P PO4 H . 0.20 14.74 30.45
O1 PO4 H . 0.47 13.41 31.11
O2 PO4 H . -0.64 14.50 29.20
O3 PO4 H . 1.50 15.39 30.05
O4 PO4 H . -0.55 15.63 31.40
P PO4 I . -1.66 18.60 29.49
O1 PO4 I . -0.56 19.11 30.39
O2 PO4 I . -1.06 18.09 28.21
O3 PO4 I . -2.61 19.73 29.18
O4 PO4 I . -2.40 17.49 30.19
P PO4 J . 27.37 17.88 -7.30
O1 PO4 J . 28.85 18.15 -7.37
O2 PO4 J . 26.62 18.89 -8.13
O3 PO4 J . 26.91 17.98 -5.86
O4 PO4 J . 27.08 16.49 -7.83
P PO4 K . 30.87 15.15 -5.14
O1 PO4 K . 32.15 14.36 -5.20
O2 PO4 K . 29.81 14.33 -4.45
O3 PO4 K . 30.42 15.47 -6.56
O4 PO4 K . 31.10 16.43 -4.38
P PO4 L . 2.51 -30.96 -12.27
O1 PO4 L . 3.54 -29.88 -11.95
O2 PO4 L . 2.08 -31.62 -10.99
O3 PO4 L . 3.14 -31.97 -13.20
O4 PO4 L . 1.32 -30.32 -12.94
P PO4 M . 3.51 -29.99 -17.13
O1 PO4 M . 4.52 -30.42 -16.10
O2 PO4 M . 2.93 -28.66 -16.74
O3 PO4 M . 4.19 -29.86 -18.47
O4 PO4 M . 2.41 -31.02 -17.22
#